data_2ABJ
#
_entry.id   2ABJ
#
_cell.length_a   110.327
_cell.length_b   114.517
_cell.length_c   148.869
_cell.angle_alpha   90.00
_cell.angle_beta   90.00
_cell.angle_gamma   90.00
#
_symmetry.space_group_name_H-M   'P 21 21 21'
#
loop_
_entity.id
_entity.type
_entity.pdbx_description
1 polymer 'Branched-chain-amino-acid aminotransferase, cytosolic'
2 non-polymer "N'-(5-CHLOROBENZOFURAN-2-CARBONYL)-2-(TRIFLUOROMETHYL)BENZENESULFONOHYDRAZIDE"
3 non-polymer "PYRIDOXAL-5'-PHOSPHATE"
4 water water
#
_entity_poly.entity_id   1
_entity_poly.type   'polypeptide(L)'
_entity_poly.pdbx_seq_one_letter_code
;VVGTFKAKDLIVTPATILKEKPDPNNLVFGTVFTDHMLTVEWSSEFGWEKPHIKPLQNLSLHPGSSALHYAVELFEGLKA
FRGVDNKIRLFQPNLNMDRMYRSAVRATLPVFDKEELLECIQQLVKLDQEWVPYSTSASLYIRPAFIGTEPSLGVKKPTK
ALLFVLLSPVGPYFSSGTFNPVSLWANPKYVRAWKGGTGDCKMGGNYGSSLFAQCEDVDNGCQQVLWLYGRDHQITEVGT
MNLFLYWINEDGEEELATPPLDGIILPGVTRRCILDLAHQWGEFKVSERYLTMDDLTTALEGNRVREMFSSGTACVVCPV
SDILYKGETIHIPTMENGPKLASRILSKLTDIQYGREESDWTIVLS
;
_entity_poly.pdbx_strand_id   A,D,G,J
#
# COMPACT_ATOMS: atom_id res chain seq x y z
N VAL A 1 -15.36 17.62 5.82
CA VAL A 1 -16.60 16.89 6.27
C VAL A 1 -16.31 15.72 7.23
N VAL A 2 -15.26 14.96 6.92
CA VAL A 2 -14.91 13.76 7.69
C VAL A 2 -13.80 14.04 8.74
N GLY A 3 -14.16 13.86 10.01
CA GLY A 3 -13.28 14.16 11.15
C GLY A 3 -12.08 13.25 11.29
N THR A 4 -12.17 12.04 10.76
CA THR A 4 -11.06 11.08 10.79
C THR A 4 -11.17 9.99 9.73
N PHE A 5 -10.01 9.59 9.21
CA PHE A 5 -9.89 8.37 8.41
C PHE A 5 -10.21 7.16 9.29
N LYS A 6 -10.63 6.06 8.68
CA LYS A 6 -11.02 4.87 9.43
C LYS A 6 -10.33 3.63 8.89
N ALA A 7 -9.80 2.82 9.81
CA ALA A 7 -9.17 1.54 9.48
C ALA A 7 -10.10 0.63 8.69
N LYS A 8 -11.39 0.68 9.02
CA LYS A 8 -12.47 0.02 8.27
C LYS A 8 -12.39 0.30 6.76
N ASP A 9 -11.93 1.50 6.40
CA ASP A 9 -11.92 1.96 5.00
C ASP A 9 -10.61 1.72 4.28
N LEU A 10 -9.67 1.05 4.94
CA LEU A 10 -8.32 0.81 4.42
C LEU A 10 -8.34 0.20 3.02
N ILE A 11 -7.58 0.81 2.11
CA ILE A 11 -7.41 0.30 0.75
C ILE A 11 -5.97 -0.19 0.60
N VAL A 12 -5.81 -1.50 0.44
CA VAL A 12 -4.47 -2.09 0.38
C VAL A 12 -4.08 -2.53 -1.04
N THR A 13 -2.92 -2.05 -1.47
CA THR A 13 -2.36 -2.34 -2.79
C THR A 13 -1.03 -3.08 -2.60
N PRO A 14 -1.06 -4.42 -2.54
CA PRO A 14 0.15 -5.21 -2.40
C PRO A 14 1.18 -4.93 -3.50
N ALA A 15 2.46 -4.95 -3.11
CA ALA A 15 3.57 -4.88 -4.05
C ALA A 15 3.58 -6.15 -4.92
N THR A 16 3.98 -6.02 -6.17
CA THR A 16 3.98 -7.19 -7.06
C THR A 16 5.35 -7.86 -7.05
N ILE A 17 6.36 -7.09 -6.68
CA ILE A 17 7.71 -7.60 -6.48
C ILE A 17 8.08 -7.35 -5.02
N LEU A 18 8.59 -8.37 -4.36
CA LEU A 18 8.96 -8.26 -2.94
C LEU A 18 10.46 -8.23 -2.77
N LYS A 19 10.94 -7.36 -1.89
CA LYS A 19 12.37 -7.19 -1.66
C LYS A 19 12.89 -8.25 -0.71
N GLU A 20 14.17 -8.60 -0.87
CA GLU A 20 14.85 -9.47 0.08
C GLU A 20 15.09 -8.74 1.39
N LYS A 21 14.92 -9.45 2.51
CA LYS A 21 15.13 -8.90 3.85
C LYS A 21 16.63 -8.77 4.14
N PRO A 22 17.00 -7.81 5.01
CA PRO A 22 18.41 -7.64 5.35
C PRO A 22 18.85 -8.54 6.52
N ASP A 23 20.15 -8.81 6.58
CA ASP A 23 20.75 -9.51 7.72
C ASP A 23 20.53 -8.69 8.99
N PRO A 24 19.81 -9.26 9.99
CA PRO A 24 19.53 -8.55 11.25
C PRO A 24 20.78 -8.23 12.09
N ASN A 25 21.89 -8.92 11.82
CA ASN A 25 23.14 -8.64 12.53
C ASN A 25 23.92 -7.49 11.88
N ASN A 26 23.44 -7.03 10.73
CA ASN A 26 24.11 -5.97 9.98
C ASN A 26 23.17 -4.82 9.56
N LEU A 27 22.32 -4.39 10.50
CA LEU A 27 21.39 -3.29 10.25
C LEU A 27 21.98 -1.95 10.68
N VAL A 28 21.88 -0.94 9.82
CA VAL A 28 22.18 0.45 10.17
C VAL A 28 20.84 1.17 10.30
N PHE A 29 20.64 1.87 11.41
CA PHE A 29 19.35 2.48 11.73
C PHE A 29 18.79 3.36 10.61
N GLY A 30 17.52 3.13 10.28
CA GLY A 30 16.76 4.00 9.38
C GLY A 30 17.26 4.10 7.95
N THR A 31 18.02 3.09 7.50
CA THR A 31 18.54 3.08 6.13
C THR A 31 17.83 2.11 5.19
N VAL A 32 17.32 1.00 5.71
CA VAL A 32 16.58 0.07 4.85
C VAL A 32 15.08 0.12 5.19
N PHE A 33 14.26 0.14 4.14
CA PHE A 33 12.83 0.26 4.31
C PHE A 33 12.13 -0.98 3.75
N THR A 34 10.97 -1.28 4.33
CA THR A 34 10.19 -2.45 3.96
C THR A 34 9.47 -2.29 2.61
N ASP A 35 8.55 -3.21 2.31
CA ASP A 35 7.88 -3.25 1.00
C ASP A 35 6.79 -2.19 0.88
N HIS A 36 6.11 -1.91 1.98
CA HIS A 36 4.88 -1.11 1.99
C HIS A 36 4.91 0.10 2.92
N MET A 37 4.03 1.05 2.65
CA MET A 37 3.85 2.25 3.48
C MET A 37 2.37 2.54 3.67
N LEU A 38 2.03 3.26 4.73
CA LEU A 38 0.68 3.82 4.89
C LEU A 38 0.68 5.28 4.43
N THR A 39 -0.35 5.68 3.67
CA THR A 39 -0.55 7.08 3.31
C THR A 39 -2.01 7.46 3.52
N VAL A 40 -2.23 8.67 4.03
CA VAL A 40 -3.57 9.23 4.14
C VAL A 40 -3.57 10.74 3.80
N GLU A 41 -4.38 11.11 2.80
CA GLU A 41 -4.55 12.50 2.39
C GLU A 41 -5.60 13.23 3.22
N TRP A 42 -5.39 14.53 3.44
CA TRP A 42 -6.38 15.40 4.07
C TRP A 42 -6.46 16.72 3.30
N SER A 43 -7.65 17.30 3.28
CA SER A 43 -7.84 18.66 2.81
C SER A 43 -8.89 19.30 3.70
N SER A 44 -8.84 20.61 3.84
CA SER A 44 -9.87 21.34 4.58
C SER A 44 -11.25 21.18 3.91
N GLU A 45 -11.26 21.09 2.58
CA GLU A 45 -12.51 21.01 1.81
C GLU A 45 -13.26 19.70 2.06
N PHE A 46 -12.58 18.57 1.91
CA PHE A 46 -13.20 17.25 2.00
C PHE A 46 -12.84 16.46 3.26
N GLY A 47 -11.94 16.99 4.08
CA GLY A 47 -11.52 16.29 5.31
C GLY A 47 -10.59 15.13 4.98
N TRP A 48 -10.64 14.11 5.84
CA TRP A 48 -9.77 12.94 5.69
C TRP A 48 -10.24 12.01 4.58
N GLU A 49 -9.31 11.70 3.68
CA GLU A 49 -9.51 10.74 2.62
C GLU A 49 -9.39 9.32 3.21
N LYS A 50 -9.68 8.29 2.41
CA LYS A 50 -9.53 6.91 2.86
C LYS A 50 -8.04 6.57 2.95
N PRO A 51 -7.65 5.83 4.01
CA PRO A 51 -6.23 5.45 4.17
C PRO A 51 -5.79 4.35 3.20
N HIS A 52 -4.55 4.46 2.73
CA HIS A 52 -3.97 3.50 1.80
C HIS A 52 -2.74 2.81 2.37
N ILE A 53 -2.73 1.48 2.31
CA ILE A 53 -1.47 0.73 2.41
C ILE A 53 -1.09 0.38 0.98
N LYS A 54 0.12 0.78 0.61
CA LYS A 54 0.60 0.60 -0.76
C LYS A 54 2.11 0.42 -0.78
N PRO A 55 2.69 0.05 -1.94
CA PRO A 55 4.13 -0.12 -2.04
C PRO A 55 4.88 1.14 -1.67
N LEU A 56 6.01 0.97 -1.00
CA LEU A 56 6.90 2.07 -0.68
C LEU A 56 7.27 2.79 -1.98
N GLN A 57 7.10 4.11 -1.98
CA GLN A 57 7.38 4.92 -3.16
C GLN A 57 7.67 6.35 -2.75
N ASN A 58 8.29 7.10 -3.68
CA ASN A 58 8.50 8.52 -3.51
C ASN A 58 7.19 9.28 -3.31
N LEU A 59 7.27 10.40 -2.61
CA LEU A 59 6.13 11.26 -2.45
C LEU A 59 6.15 12.26 -3.59
N SER A 60 4.98 12.51 -4.17
CA SER A 60 4.85 13.54 -5.19
C SER A 60 4.28 14.77 -4.52
N LEU A 61 5.12 15.80 -4.39
CA LEU A 61 4.74 16.96 -3.60
C LEU A 61 4.86 18.23 -4.44
N HIS A 62 3.83 19.06 -4.39
CA HIS A 62 3.92 20.41 -4.91
C HIS A 62 5.15 21.08 -4.26
N PRO A 63 6.01 21.73 -5.07
CA PRO A 63 7.22 22.35 -4.53
C PRO A 63 6.96 23.49 -3.52
N GLY A 64 5.71 23.95 -3.44
CA GLY A 64 5.29 24.96 -2.47
C GLY A 64 4.83 24.41 -1.13
N SER A 65 4.83 23.08 -1.00
CA SER A 65 4.36 22.37 0.21
C SER A 65 4.96 22.96 1.48
N SER A 66 4.11 23.34 2.43
CA SER A 66 4.54 24.06 3.62
C SER A 66 5.55 23.30 4.49
N ALA A 67 5.54 21.97 4.37
CA ALA A 67 6.53 21.13 5.05
C ALA A 67 7.95 21.42 4.58
N LEU A 68 8.08 21.92 3.35
CA LEU A 68 9.38 22.19 2.74
C LEU A 68 9.84 23.62 2.98
N HIS A 69 8.91 24.49 3.34
CA HIS A 69 9.22 25.91 3.50
C HIS A 69 9.21 26.36 4.94
N TYR A 70 8.16 25.96 5.68
CA TYR A 70 7.94 26.43 7.05
C TYR A 70 7.90 25.30 8.08
N ALA A 71 8.48 24.16 7.74
CA ALA A 71 8.62 23.00 8.64
C ALA A 71 7.31 22.59 9.32
N VAL A 72 6.24 22.61 8.54
CA VAL A 72 4.93 22.18 9.00
C VAL A 72 4.92 20.65 8.94
N GLU A 73 5.40 20.04 10.02
CA GLU A 73 5.66 18.61 10.06
C GLU A 73 5.89 18.11 11.49
N LEU A 74 5.62 16.82 11.69
CA LEU A 74 5.95 16.13 12.93
C LEU A 74 6.12 14.64 12.65
N PHE A 75 6.75 13.94 13.60
CA PHE A 75 6.99 12.51 13.46
C PHE A 75 6.79 11.79 14.78
N GLU A 76 6.73 10.46 14.68
CA GLU A 76 6.84 9.62 15.86
C GLU A 76 7.86 8.51 15.65
N GLY A 77 8.12 7.78 16.72
CA GLY A 77 9.04 6.67 16.69
C GLY A 77 8.62 5.66 17.72
N LEU A 78 8.31 4.46 17.24
CA LEU A 78 7.94 3.33 18.09
C LEU A 78 8.33 2.03 17.37
N LYS A 79 8.23 0.90 18.07
CA LYS A 79 8.79 -0.35 17.55
C LYS A 79 7.86 -1.56 17.65
N ALA A 80 8.01 -2.49 16.70
CA ALA A 80 7.41 -3.81 16.78
C ALA A 80 8.49 -4.84 17.11
N PHE A 81 8.15 -5.78 17.99
CA PHE A 81 9.11 -6.78 18.48
C PHE A 81 8.59 -8.20 18.25
N ARG A 82 9.38 -9.04 17.59
CA ARG A 82 9.06 -10.46 17.51
C ARG A 82 9.50 -11.18 18.78
N GLY A 83 8.53 -11.70 19.52
CA GLY A 83 8.77 -12.23 20.86
C GLY A 83 9.50 -13.56 20.91
N VAL A 84 9.91 -13.94 22.13
CA VAL A 84 10.45 -15.29 22.38
C VAL A 84 9.49 -16.40 21.96
N ASP A 85 8.19 -16.08 21.99
CA ASP A 85 7.13 -16.99 21.55
C ASP A 85 6.71 -16.78 20.09
N ASN A 86 7.53 -16.02 19.35
CA ASN A 86 7.27 -15.65 17.95
C ASN A 86 5.99 -14.84 17.72
N LYS A 87 5.49 -14.21 18.77
CA LYS A 87 4.39 -13.26 18.64
C LYS A 87 4.95 -11.86 18.54
N ILE A 88 4.40 -11.10 17.60
CA ILE A 88 4.84 -9.72 17.38
C ILE A 88 4.04 -8.81 18.31
N ARG A 89 4.77 -7.93 19.00
CA ARG A 89 4.19 -6.99 19.95
C ARG A 89 4.58 -5.54 19.68
N LEU A 90 3.64 -4.65 19.93
CA LEU A 90 3.91 -3.23 20.02
C LEU A 90 4.08 -2.87 21.48
N PHE A 91 4.85 -1.81 21.75
CA PHE A 91 5.19 -1.42 23.11
C PHE A 91 4.65 -0.01 23.38
N GLN A 92 3.68 0.07 24.30
CA GLN A 92 3.08 1.34 24.73
C GLN A 92 2.67 2.26 23.56
N PRO A 93 2.07 1.69 22.48
CA PRO A 93 1.87 2.49 21.28
C PRO A 93 0.81 3.60 21.42
N ASN A 94 -0.10 3.44 22.39
CA ASN A 94 -1.09 4.49 22.67
C ASN A 94 -0.47 5.78 23.20
N LEU A 95 0.67 5.67 23.87
CA LEU A 95 1.41 6.85 24.32
C LEU A 95 1.98 7.64 23.12
N ASN A 96 2.41 6.93 22.08
CA ASN A 96 2.87 7.56 20.83
C ASN A 96 1.73 8.21 20.07
N MET A 97 0.55 7.60 20.08
CA MET A 97 -0.63 8.17 19.46
C MET A 97 -1.06 9.45 20.19
N ASP A 98 -1.02 9.40 21.52
CA ASP A 98 -1.30 10.57 22.37
C ASP A 98 -0.37 11.73 22.03
N ARG A 99 0.92 11.43 21.94
CA ARG A 99 1.95 12.43 21.69
C ARG A 99 1.84 13.01 20.27
N MET A 100 1.55 12.16 19.28
CA MET A 100 1.41 12.58 17.90
C MET A 100 0.21 13.51 17.68
N TYR A 101 -0.91 13.17 18.31
CA TYR A 101 -2.12 13.99 18.33
C TYR A 101 -1.81 15.37 18.91
N ARG A 102 -1.13 15.40 20.05
CA ARG A 102 -0.76 16.66 20.71
C ARG A 102 0.21 17.52 19.89
N SER A 103 1.16 16.86 19.23
CA SER A 103 2.09 17.55 18.33
C SER A 103 1.34 18.11 17.12
N ALA A 104 0.32 17.40 16.66
CA ALA A 104 -0.49 17.85 15.51
C ALA A 104 -1.22 19.15 15.84
N VAL A 105 -1.81 19.21 17.04
CA VAL A 105 -2.50 20.40 17.53
C VAL A 105 -1.53 21.58 17.64
N ARG A 106 -0.34 21.31 18.16
CA ARG A 106 0.69 22.34 18.28
C ARG A 106 1.20 22.82 16.91
N ALA A 107 1.22 21.92 15.92
CA ALA A 107 1.66 22.22 14.55
C ALA A 107 0.57 22.89 13.68
N THR A 108 -0.68 22.76 14.12
CA THR A 108 -1.91 23.14 13.40
C THR A 108 -2.24 22.20 12.23
N LEU A 109 -1.67 21.00 12.29
CA LEU A 109 -2.02 19.94 11.35
C LEU A 109 -3.34 19.31 11.80
N PRO A 110 -4.10 18.71 10.85
CA PRO A 110 -5.44 18.19 11.18
C PRO A 110 -5.46 17.09 12.23
N VAL A 111 -6.46 17.18 13.10
CA VAL A 111 -6.70 16.20 14.13
C VAL A 111 -7.23 14.88 13.54
N PHE A 112 -6.98 13.77 14.22
CA PHE A 112 -7.40 12.43 13.76
C PHE A 112 -7.79 11.55 14.96
N ASP A 113 -8.44 10.42 14.69
CA ASP A 113 -8.75 9.44 15.74
C ASP A 113 -7.54 8.55 16.00
N LYS A 114 -7.07 8.57 17.23
CA LYS A 114 -5.83 7.89 17.64
C LYS A 114 -5.90 6.37 17.53
N GLU A 115 -7.08 5.81 17.79
CA GLU A 115 -7.28 4.35 17.70
C GLU A 115 -7.36 3.87 16.25
N GLU A 116 -7.92 4.72 15.38
CA GLU A 116 -7.95 4.44 13.94
C GLU A 116 -6.55 4.42 13.34
N LEU A 117 -5.73 5.41 13.71
CA LEU A 117 -4.33 5.42 13.26
C LEU A 117 -3.59 4.19 13.78
N LEU A 118 -3.75 3.89 15.07
CA LEU A 118 -3.15 2.70 15.66
C LEU A 118 -3.50 1.43 14.88
N GLU A 119 -4.78 1.27 14.52
CA GLU A 119 -5.21 0.11 13.75
C GLU A 119 -4.65 0.07 12.33
N CYS A 120 -4.51 1.23 11.69
CA CYS A 120 -3.86 1.31 10.37
C CYS A 120 -2.39 0.90 10.42
N ILE A 121 -1.68 1.32 11.48
CA ILE A 121 -0.29 0.92 11.70
C ILE A 121 -0.20 -0.59 11.94
N GLN A 122 -1.09 -1.11 12.79
CA GLN A 122 -1.19 -2.56 13.05
C GLN A 122 -1.31 -3.33 11.74
N GLN A 123 -2.22 -2.88 10.88
CA GLN A 123 -2.44 -3.51 9.57
C GLN A 123 -1.24 -3.43 8.63
N LEU A 124 -0.52 -2.31 8.68
CA LEU A 124 0.70 -2.15 7.90
C LEU A 124 1.83 -3.08 8.38
N VAL A 125 2.03 -3.13 9.70
CA VAL A 125 3.02 -4.01 10.31
C VAL A 125 2.65 -5.48 10.05
N LYS A 126 1.35 -5.80 10.16
CA LYS A 126 0.87 -7.15 9.86
C LYS A 126 1.20 -7.56 8.43
N LEU A 127 1.05 -6.63 7.49
CA LEU A 127 1.32 -6.94 6.09
C LEU A 127 2.81 -7.15 5.84
N ASP A 128 3.63 -6.35 6.51
CA ASP A 128 5.08 -6.46 6.38
C ASP A 128 5.74 -7.17 7.57
N GLN A 129 4.96 -8.00 8.28
CA GLN A 129 5.40 -8.62 9.52
C GLN A 129 6.68 -9.47 9.42
N GLU A 130 6.93 -10.05 8.25
CA GLU A 130 8.17 -10.79 8.03
C GLU A 130 9.43 -9.90 8.09
N TRP A 131 9.22 -8.58 8.04
CA TRP A 131 10.30 -7.61 8.18
C TRP A 131 10.69 -7.36 9.64
N VAL A 132 9.81 -7.73 10.57
CA VAL A 132 10.14 -7.69 12.00
C VAL A 132 11.22 -8.75 12.19
N PRO A 133 12.47 -8.34 12.51
CA PRO A 133 13.61 -9.28 12.53
C PRO A 133 13.45 -10.54 13.40
N TYR A 134 13.93 -11.66 12.87
CA TYR A 134 14.04 -12.91 13.63
C TYR A 134 15.32 -12.87 14.46
N SER A 135 15.29 -12.03 15.49
CA SER A 135 16.42 -11.77 16.36
C SER A 135 15.88 -11.18 17.65
N THR A 136 16.45 -11.59 18.77
CA THR A 136 16.04 -11.08 20.08
C THR A 136 16.79 -9.78 20.42
N SER A 137 17.54 -9.25 19.46
CA SER A 137 18.26 -7.99 19.66
C SER A 137 17.86 -6.92 18.63
N ALA A 138 17.19 -7.33 17.56
CA ALA A 138 16.73 -6.42 16.51
C ALA A 138 15.21 -6.24 16.54
N SER A 139 14.72 -5.15 15.97
CA SER A 139 13.28 -4.86 15.93
C SER A 139 12.90 -4.08 14.67
N LEU A 140 11.61 -3.83 14.49
CA LEU A 140 11.13 -3.05 13.36
C LEU A 140 10.74 -1.66 13.83
N TYR A 141 11.47 -0.65 13.36
CA TYR A 141 11.18 0.74 13.71
C TYR A 141 10.03 1.25 12.87
N ILE A 142 9.09 1.93 13.54
CA ILE A 142 7.89 2.48 12.92
C ILE A 142 8.00 4.00 12.96
N ARG A 143 7.91 4.63 11.78
CA ARG A 143 8.06 6.08 11.63
C ARG A 143 6.77 6.73 11.06
N PRO A 144 5.80 7.04 11.94
CA PRO A 144 4.67 7.84 11.50
C PRO A 144 5.10 9.28 11.31
N ALA A 145 4.64 9.86 10.21
CA ALA A 145 5.11 11.18 9.80
C ALA A 145 3.94 11.95 9.23
N PHE A 146 3.85 13.24 9.57
CA PHE A 146 2.67 14.05 9.30
C PHE A 146 3.18 15.38 8.76
N ILE A 147 2.87 15.66 7.49
CA ILE A 147 3.41 16.84 6.82
C ILE A 147 2.34 17.75 6.20
N GLY A 148 2.59 19.06 6.24
CA GLY A 148 1.75 20.04 5.53
C GLY A 148 2.10 20.01 4.05
N THR A 149 1.08 19.92 3.20
CA THR A 149 1.27 19.88 1.75
C THR A 149 0.57 21.03 1.04
N GLU A 150 0.20 22.04 1.83
CA GLU A 150 -0.29 23.34 1.37
C GLU A 150 0.61 23.90 0.24
N PRO A 151 0.06 24.08 -0.98
CA PRO A 151 0.84 24.54 -2.13
C PRO A 151 1.18 26.05 -2.13
N SER A 152 0.41 26.85 -1.41
CA SER A 152 0.64 28.30 -1.38
C SER A 152 1.72 28.71 -0.38
N LEU A 153 2.32 29.87 -0.63
CA LEU A 153 3.49 30.34 0.10
C LEU A 153 3.17 31.19 1.34
N GLY A 154 1.89 31.52 1.54
CA GLY A 154 1.48 32.20 2.77
C GLY A 154 1.80 31.34 3.98
N VAL A 155 2.23 31.99 5.07
CA VAL A 155 2.53 31.31 6.33
C VAL A 155 1.23 31.14 7.12
N LYS A 156 0.63 29.97 6.97
CA LYS A 156 -0.73 29.76 7.43
C LYS A 156 -0.97 28.30 7.78
N LYS A 157 -1.98 28.05 8.61
CA LYS A 157 -2.50 26.72 8.84
C LYS A 157 -2.74 26.04 7.49
N PRO A 158 -2.17 24.83 7.30
CA PRO A 158 -2.32 24.11 6.02
C PRO A 158 -3.76 23.70 5.73
N THR A 159 -4.16 23.79 4.47
CA THR A 159 -5.47 23.36 4.02
C THR A 159 -5.33 22.02 3.30
N LYS A 160 -4.11 21.48 3.34
CA LYS A 160 -3.77 20.22 2.70
C LYS A 160 -2.68 19.53 3.53
N ALA A 161 -2.84 18.24 3.80
CA ALA A 161 -1.86 17.48 4.59
C ALA A 161 -1.69 16.02 4.16
N LEU A 162 -0.54 15.43 4.49
CA LEU A 162 -0.28 14.01 4.29
C LEU A 162 0.23 13.38 5.59
N LEU A 163 -0.48 12.36 6.06
CA LEU A 163 0.03 11.50 7.12
C LEU A 163 0.53 10.23 6.47
N PHE A 164 1.77 9.85 6.78
CA PHE A 164 2.33 8.60 6.24
C PHE A 164 3.13 7.83 7.28
N VAL A 165 3.29 6.53 7.07
CA VAL A 165 4.02 5.67 8.01
C VAL A 165 5.03 4.80 7.28
N LEU A 166 6.29 4.88 7.72
CA LEU A 166 7.39 4.09 7.17
C LEU A 166 7.80 3.00 8.15
N LEU A 167 8.32 1.89 7.64
CA LEU A 167 8.86 0.83 8.49
C LEU A 167 10.31 0.56 8.15
N SER A 168 11.12 0.31 9.16
CA SER A 168 12.56 0.12 8.96
C SER A 168 13.16 -0.80 10.02
N PRO A 169 13.75 -1.94 9.60
CA PRO A 169 14.43 -2.82 10.55
C PRO A 169 15.62 -2.14 11.20
N VAL A 170 15.74 -2.30 12.52
CA VAL A 170 16.84 -1.70 13.29
C VAL A 170 17.47 -2.77 14.17
N GLY A 171 18.78 -2.70 14.32
CA GLY A 171 19.52 -3.68 15.11
C GLY A 171 19.92 -3.20 16.49
N PRO A 172 20.73 -4.00 17.21
CA PRO A 172 21.22 -3.61 18.55
C PRO A 172 22.23 -2.46 18.47
N TYR A 173 22.32 -1.69 19.55
CA TYR A 173 23.37 -0.65 19.70
C TYR A 173 24.54 -1.17 20.53
N PHE A 174 24.30 -2.26 21.25
CA PHE A 174 25.38 -2.99 21.92
C PHE A 174 25.98 -3.99 20.93
N SER A 175 27.24 -4.37 21.17
CA SER A 175 27.98 -5.26 20.29
C SER A 175 29.13 -5.92 21.06
N SER A 176 29.56 -7.09 20.57
CA SER A 176 30.62 -7.88 21.24
C SER A 176 30.31 -8.15 22.72
N GLY A 177 29.02 -8.21 23.05
CA GLY A 177 28.56 -8.56 24.38
C GLY A 177 28.24 -7.39 25.30
N THR A 178 28.80 -6.22 24.99
CA THR A 178 28.68 -5.05 25.88
C THR A 178 28.07 -3.81 25.21
N PHE A 179 27.57 -2.89 26.04
CA PHE A 179 27.19 -1.55 25.60
C PHE A 179 28.30 -0.85 24.81
N ASN A 180 27.91 0.07 23.94
CA ASN A 180 28.85 0.98 23.30
C ASN A 180 28.62 2.40 23.82
N PRO A 181 29.37 2.79 24.88
CA PRO A 181 29.23 4.11 25.52
C PRO A 181 29.50 5.28 24.58
N VAL A 182 28.89 6.43 24.87
CA VAL A 182 29.09 7.63 24.06
C VAL A 182 29.84 8.74 24.79
N SER A 183 30.64 9.48 24.03
CA SER A 183 31.19 10.75 24.49
C SER A 183 30.27 11.88 24.04
N LEU A 184 30.03 12.83 24.94
CA LEU A 184 29.15 13.97 24.70
C LEU A 184 29.91 15.27 24.55
N TRP A 185 29.48 16.09 23.58
CA TRP A 185 30.04 17.42 23.37
C TRP A 185 29.12 18.44 24.02
N ALA A 186 29.62 19.13 25.05
CA ALA A 186 28.83 20.12 25.79
C ALA A 186 29.32 21.55 25.52
N ASN A 187 28.58 22.25 24.65
CA ASN A 187 28.87 23.63 24.31
C ASN A 187 27.63 24.49 24.60
N PRO A 188 27.70 25.34 25.64
CA PRO A 188 26.54 26.10 26.07
C PRO A 188 26.09 27.17 25.07
N LYS A 189 26.87 27.37 24.00
CA LYS A 189 26.51 28.31 22.93
C LYS A 189 25.28 27.87 22.12
N TYR A 190 24.98 26.57 22.14
CA TYR A 190 23.79 26.06 21.46
C TYR A 190 22.70 25.70 22.46
N VAL A 191 21.45 25.91 22.05
CA VAL A 191 20.29 25.56 22.85
C VAL A 191 19.37 24.66 22.00
N ARG A 192 18.92 23.55 22.58
CA ARG A 192 18.03 22.63 21.86
C ARG A 192 16.61 23.20 21.78
N ALA A 193 16.18 23.77 22.90
CA ALA A 193 14.80 24.16 23.11
C ALA A 193 14.73 25.19 24.21
N TRP A 194 13.69 26.02 24.19
CA TRP A 194 13.56 27.09 25.17
C TRP A 194 12.14 27.14 25.74
N LYS A 195 12.03 27.70 26.94
CA LYS A 195 10.72 27.97 27.55
C LYS A 195 9.97 28.89 26.60
N GLY A 196 8.77 28.48 26.22
CA GLY A 196 7.98 29.18 25.21
C GLY A 196 8.09 28.58 23.81
N GLY A 197 9.04 27.65 23.65
CA GLY A 197 9.25 26.96 22.37
C GLY A 197 8.46 25.66 22.26
N THR A 198 8.97 24.74 21.43
CA THR A 198 8.25 23.51 21.10
C THR A 198 9.05 22.22 21.39
N GLY A 199 10.00 22.32 22.32
CA GLY A 199 10.89 21.21 22.68
C GLY A 199 10.20 20.01 23.32
N ASP A 200 9.00 20.22 23.85
CA ASP A 200 8.21 19.13 24.42
C ASP A 200 7.31 18.44 23.38
N CYS A 201 7.54 18.76 22.10
CA CYS A 201 6.84 18.13 20.98
C CYS A 201 7.83 17.58 19.97
N LYS A 202 7.37 16.62 19.18
CA LYS A 202 8.19 16.03 18.13
C LYS A 202 7.94 16.68 16.78
N MET A 203 8.01 18.01 16.76
CA MET A 203 7.90 18.77 15.54
C MET A 203 9.27 18.86 14.89
N GLY A 204 9.30 18.72 13.56
CA GLY A 204 10.55 18.64 12.80
C GLY A 204 11.53 19.75 13.06
N GLY A 205 10.99 20.97 13.24
CA GLY A 205 11.78 22.17 13.50
C GLY A 205 12.77 22.13 14.66
N ASN A 206 12.49 21.29 15.66
CA ASN A 206 13.37 21.11 16.82
C ASN A 206 14.68 20.43 16.47
N TYR A 207 14.72 19.77 15.31
CA TYR A 207 15.81 18.86 14.96
C TYR A 207 16.76 19.40 13.89
N GLY A 208 16.22 20.15 12.94
CA GLY A 208 17.04 20.79 11.89
C GLY A 208 18.05 21.76 12.46
N SER A 209 17.69 22.39 13.58
CA SER A 209 18.55 23.34 14.29
C SER A 209 19.69 22.68 15.07
N SER A 210 19.60 21.37 15.28
CA SER A 210 20.55 20.64 16.10
C SER A 210 21.72 20.03 15.30
N LEU A 211 21.61 20.06 13.98
CA LEU A 211 22.59 19.42 13.10
C LEU A 211 23.99 20.03 13.14
N PHE A 212 24.05 21.35 13.26
CA PHE A 212 25.32 22.07 13.33
C PHE A 212 26.12 21.65 14.56
N ALA A 213 25.45 21.67 15.71
CA ALA A 213 26.07 21.26 16.97
C ALA A 213 26.54 19.80 16.90
N GLN A 214 25.77 18.95 16.23
CA GLN A 214 26.12 17.54 16.04
C GLN A 214 27.34 17.32 15.18
N CYS A 215 27.52 18.14 14.15
CA CYS A 215 28.71 18.07 13.30
C CYS A 215 29.96 18.48 14.06
N GLU A 216 29.84 19.57 14.82
CA GLU A 216 30.92 20.06 15.66
C GLU A 216 31.27 19.02 16.73
N ASP A 217 30.23 18.39 17.27
CA ASP A 217 30.36 17.25 18.16
C ASP A 217 31.23 16.14 17.53
N VAL A 218 30.88 15.71 16.32
CA VAL A 218 31.62 14.67 15.59
C VAL A 218 33.05 15.09 15.26
N ASP A 219 33.23 16.36 14.90
CA ASP A 219 34.56 16.90 14.60
C ASP A 219 35.50 16.85 15.81
N ASN A 220 34.92 16.77 17.00
CA ASN A 220 35.67 16.69 18.25
C ASN A 220 35.68 15.29 18.87
N GLY A 221 35.28 14.29 18.08
CA GLY A 221 35.35 12.88 18.48
C GLY A 221 34.25 12.45 19.44
N CYS A 222 33.14 13.18 19.45
CA CYS A 222 32.00 12.84 20.29
C CYS A 222 30.87 12.31 19.42
N GLN A 223 30.03 11.45 20.00
CA GLN A 223 28.96 10.81 19.26
C GLN A 223 27.64 11.58 19.31
N GLN A 224 27.41 12.26 20.42
CA GLN A 224 26.17 13.02 20.63
C GLN A 224 26.47 14.36 21.32
N VAL A 225 25.47 15.24 21.30
CA VAL A 225 25.52 16.52 21.97
C VAL A 225 24.85 16.43 23.36
N LEU A 226 25.52 16.95 24.38
CA LEU A 226 24.85 17.18 25.67
C LEU A 226 24.23 18.58 25.64
N TRP A 227 22.90 18.64 25.75
CA TRP A 227 22.16 19.90 25.58
C TRP A 227 22.06 20.69 26.89
N LEU A 228 22.66 21.88 26.89
CA LEU A 228 22.72 22.74 28.07
C LEU A 228 21.70 23.87 27.97
N TYR A 229 21.10 24.24 29.10
CA TYR A 229 20.12 25.32 29.12
C TYR A 229 20.28 26.28 30.30
N GLY A 230 20.21 27.56 30.00
CA GLY A 230 20.19 28.60 31.02
C GLY A 230 21.56 29.03 31.53
N ARG A 231 21.57 29.99 32.44
CA ARG A 231 22.81 30.56 32.98
C ARG A 231 23.50 29.55 33.90
N ASP A 232 22.68 28.69 34.50
CA ASP A 232 23.11 27.63 35.41
C ASP A 232 23.72 26.42 34.70
N HIS A 233 23.55 26.38 33.37
CA HIS A 233 23.99 25.26 32.54
C HIS A 233 23.36 23.94 32.99
N GLN A 234 22.03 23.92 33.00
CA GLN A 234 21.27 22.71 33.25
C GLN A 234 21.59 21.68 32.17
N ILE A 235 21.82 20.45 32.58
CA ILE A 235 21.92 19.34 31.64
C ILE A 235 20.49 18.85 31.37
N THR A 236 20.10 18.84 30.10
CA THR A 236 18.71 18.59 29.75
C THR A 236 18.49 17.25 29.03
N GLU A 237 19.13 17.10 27.87
CA GLU A 237 18.97 15.90 27.04
C GLU A 237 20.27 15.48 26.38
N VAL A 238 20.38 14.20 26.07
CA VAL A 238 21.54 13.68 25.35
C VAL A 238 21.15 13.37 23.91
N GLY A 239 21.53 14.26 22.99
CA GLY A 239 21.15 14.16 21.60
C GLY A 239 19.65 14.18 21.45
N THR A 240 19.09 13.06 21.00
CA THR A 240 17.64 12.88 20.86
C THR A 240 17.11 11.92 21.92
N MET A 241 17.80 11.87 23.07
CA MET A 241 17.47 10.96 24.17
C MET A 241 17.27 11.74 25.47
N ASN A 242 16.44 11.21 26.36
CA ASN A 242 16.31 11.80 27.69
C ASN A 242 17.53 11.52 28.59
N LEU A 243 17.77 12.40 29.57
CA LEU A 243 18.96 12.30 30.39
C LEU A 243 18.66 11.72 31.78
N PHE A 244 19.36 10.65 32.14
CA PHE A 244 19.29 10.08 33.49
C PHE A 244 20.67 10.09 34.19
N LEU A 245 20.66 10.39 35.48
CA LEU A 245 21.87 10.42 36.28
C LEU A 245 21.61 9.61 37.54
N TYR A 246 22.43 8.59 37.77
CA TYR A 246 22.31 7.72 38.92
C TYR A 246 23.47 8.03 39.84
N TRP A 247 23.16 8.52 41.04
CA TRP A 247 24.20 9.13 41.87
C TRP A 247 23.84 9.18 43.35
N ILE A 248 24.81 9.62 44.13
CA ILE A 248 24.55 10.01 45.51
C ILE A 248 24.32 11.51 45.45
N ASN A 249 23.12 11.94 45.80
CA ASN A 249 22.77 13.37 45.74
C ASN A 249 23.39 14.17 46.90
N GLU A 250 23.07 15.47 46.97
CA GLU A 250 23.62 16.40 47.97
C GLU A 250 23.28 16.04 49.42
N ASP A 251 22.22 15.26 49.61
CA ASP A 251 21.78 14.83 50.94
C ASP A 251 22.43 13.50 51.35
N GLY A 252 23.31 12.99 50.50
CA GLY A 252 23.95 11.70 50.74
C GLY A 252 23.08 10.49 50.40
N GLU A 253 21.97 10.73 49.70
CA GLU A 253 21.02 9.68 49.33
C GLU A 253 21.28 9.14 47.92
N GLU A 254 21.23 7.82 47.78
CA GLU A 254 21.25 7.13 46.48
C GLU A 254 20.01 7.53 45.65
N GLU A 255 20.24 8.04 44.45
CA GLU A 255 19.17 8.68 43.67
C GLU A 255 19.25 8.48 42.15
N LEU A 256 18.11 8.23 41.53
CA LEU A 256 17.96 8.33 40.08
C LEU A 256 17.29 9.66 39.74
N ALA A 257 18.03 10.54 39.08
CA ALA A 257 17.53 11.86 38.72
C ALA A 257 17.41 12.06 37.20
N THR A 258 16.38 12.82 36.81
CA THR A 258 16.16 13.21 35.41
C THR A 258 15.50 14.61 35.41
N PRO A 259 15.81 15.46 34.41
CA PRO A 259 15.18 16.79 34.37
C PRO A 259 13.65 16.75 34.31
N PRO A 260 12.98 17.74 34.95
CA PRO A 260 11.52 17.75 34.96
C PRO A 260 10.93 18.21 33.63
N LEU A 261 9.67 17.85 33.39
CA LEU A 261 8.93 18.28 32.21
C LEU A 261 8.42 19.72 32.35
N ASP A 262 9.35 20.66 32.25
CA ASP A 262 9.02 22.09 32.43
C ASP A 262 8.89 22.84 31.10
N GLY A 263 8.87 22.10 29.99
CA GLY A 263 8.63 22.68 28.67
C GLY A 263 9.76 22.53 27.65
N ILE A 264 10.97 22.25 28.12
CA ILE A 264 12.16 22.12 27.25
C ILE A 264 12.60 20.66 27.08
N ILE A 265 11.89 19.74 27.74
CA ILE A 265 12.19 18.30 27.73
C ILE A 265 11.11 17.56 26.93
N LEU A 266 11.53 16.72 25.99
CA LEU A 266 10.59 15.87 25.28
C LEU A 266 10.18 14.74 26.22
N PRO A 267 8.85 14.59 26.48
CA PRO A 267 8.35 13.54 27.38
C PRO A 267 8.44 12.14 26.74
N GLY A 268 9.62 11.52 26.84
CA GLY A 268 9.83 10.21 26.24
C GLY A 268 9.00 9.10 26.88
N VAL A 269 8.65 8.12 26.06
CA VAL A 269 7.98 6.90 26.53
C VAL A 269 8.95 6.07 27.36
N THR A 270 10.19 5.93 26.88
CA THR A 270 11.22 5.20 27.60
C THR A 270 11.47 5.85 28.97
N ARG A 271 11.62 7.17 28.95
CA ARG A 271 11.75 7.99 30.16
C ARG A 271 10.62 7.71 31.18
N ARG A 272 9.36 7.69 30.71
CA ARG A 272 8.22 7.39 31.59
C ARG A 272 8.29 5.97 32.17
N CYS A 273 8.59 5.00 31.31
CA CYS A 273 8.74 3.60 31.72
C CYS A 273 9.82 3.40 32.78
N ILE A 274 10.95 4.09 32.63
CA ILE A 274 12.07 3.99 33.58
C ILE A 274 11.68 4.58 34.93
N LEU A 275 11.06 5.76 34.92
CA LEU A 275 10.51 6.38 36.12
C LEU A 275 9.52 5.44 36.82
N ASP A 276 8.58 4.87 36.06
CA ASP A 276 7.63 3.88 36.59
C ASP A 276 8.34 2.70 37.24
N LEU A 277 9.31 2.12 36.54
CA LEU A 277 10.09 0.98 37.03
C LEU A 277 10.81 1.27 38.33
N ALA A 278 11.53 2.39 38.37
CA ALA A 278 12.34 2.79 39.51
C ALA A 278 11.49 3.09 40.74
N HIS A 279 10.34 3.72 40.53
CA HIS A 279 9.37 3.94 41.59
C HIS A 279 8.88 2.62 42.17
N GLN A 280 8.59 1.66 41.28
CA GLN A 280 8.03 0.37 41.69
C GLN A 280 9.02 -0.46 42.52
N TRP A 281 10.26 -0.57 42.03
CA TRP A 281 11.35 -1.22 42.77
C TRP A 281 11.47 -0.73 44.19
N GLY A 282 11.44 0.60 44.37
CA GLY A 282 11.48 1.22 45.69
C GLY A 282 12.80 1.04 46.42
N GLU A 283 13.91 1.07 45.69
CA GLU A 283 15.22 0.78 46.24
C GLU A 283 16.07 2.02 46.46
N PHE A 284 15.74 3.09 45.74
CA PHE A 284 16.45 4.36 45.85
C PHE A 284 15.48 5.50 45.55
N LYS A 285 15.93 6.73 45.82
CA LYS A 285 15.13 7.92 45.52
C LYS A 285 15.05 8.14 44.01
N VAL A 286 13.88 8.56 43.56
CA VAL A 286 13.63 8.89 42.16
C VAL A 286 13.15 10.33 42.10
N SER A 287 13.93 11.19 41.45
CA SER A 287 13.62 12.63 41.40
C SER A 287 13.58 13.20 39.99
N GLU A 288 12.48 13.85 39.66
CA GLU A 288 12.44 14.71 38.49
C GLU A 288 12.89 16.07 38.97
N ARG A 289 14.03 16.52 38.48
CA ARG A 289 14.74 17.57 39.16
C ARG A 289 15.85 18.16 38.29
N TYR A 290 16.15 19.43 38.50
CA TYR A 290 17.20 20.12 37.77
C TYR A 290 18.57 19.59 38.13
N LEU A 291 19.42 19.52 37.11
CA LEU A 291 20.74 18.95 37.21
C LEU A 291 21.61 19.88 36.39
N THR A 292 22.60 20.49 37.03
CA THR A 292 23.50 21.41 36.34
C THR A 292 24.86 20.76 36.12
N MET A 293 25.70 21.38 35.29
CA MET A 293 27.07 20.93 35.09
C MET A 293 27.89 21.01 36.38
N ASP A 294 27.65 22.03 37.19
CA ASP A 294 28.35 22.20 38.45
C ASP A 294 27.95 21.14 39.47
N ASP A 295 26.65 20.82 39.52
CA ASP A 295 26.16 19.66 40.29
C ASP A 295 26.93 18.40 39.92
N LEU A 296 27.13 18.19 38.61
CA LEU A 296 27.76 17.00 38.07
C LEU A 296 29.24 16.92 38.42
N THR A 297 29.97 17.99 38.17
CA THR A 297 31.42 18.05 38.38
C THR A 297 31.79 17.98 39.87
N THR A 298 30.97 18.63 40.71
CA THR A 298 31.11 18.55 42.16
C THR A 298 30.93 17.10 42.65
N ALA A 299 29.89 16.44 42.15
CA ALA A 299 29.61 15.06 42.53
C ALA A 299 30.70 14.10 42.06
N LEU A 300 31.25 14.35 40.87
CA LEU A 300 32.35 13.55 40.30
C LEU A 300 33.63 13.71 41.11
N GLU A 301 33.85 14.93 41.59
CA GLU A 301 34.99 15.30 42.43
C GLU A 301 34.98 14.48 43.71
N GLY A 302 33.79 14.27 44.28
CA GLY A 302 33.63 13.51 45.51
C GLY A 302 33.20 12.07 45.32
N ASN A 303 33.45 11.53 44.12
CA ASN A 303 33.07 10.15 43.74
C ASN A 303 31.61 9.76 44.03
N ARG A 304 30.68 10.70 43.82
CA ARG A 304 29.27 10.47 44.11
C ARG A 304 28.47 10.00 42.89
N VAL A 305 29.05 10.12 41.70
CA VAL A 305 28.37 9.68 40.46
C VAL A 305 28.59 8.19 40.20
N ARG A 306 27.50 7.50 39.92
CA ARG A 306 27.56 6.10 39.54
C ARG A 306 27.46 5.92 38.04
N GLU A 307 26.33 6.32 37.47
CA GLU A 307 26.08 6.13 36.04
C GLU A 307 25.35 7.32 35.44
N MET A 308 25.63 7.55 34.16
CA MET A 308 24.85 8.47 33.37
C MET A 308 24.50 7.77 32.07
N PHE A 309 23.22 7.82 31.71
CA PHE A 309 22.74 7.21 30.49
C PHE A 309 21.62 8.02 29.85
N SER A 310 21.48 7.84 28.55
CA SER A 310 20.42 8.47 27.81
C SER A 310 19.34 7.42 27.50
N SER A 311 18.11 7.87 27.32
CA SER A 311 16.98 6.97 27.01
C SER A 311 16.16 7.42 25.81
N GLY A 312 15.81 6.46 24.96
CA GLY A 312 15.02 6.71 23.75
C GLY A 312 14.61 5.42 23.08
N THR A 313 13.70 5.51 22.11
CA THR A 313 13.15 4.31 21.47
C THR A 313 14.22 3.48 20.73
N ALA A 314 15.08 4.14 19.96
CA ALA A 314 16.11 3.46 19.15
C ALA A 314 17.03 2.52 19.94
N CYS A 315 17.61 3.03 21.04
CA CYS A 315 18.58 2.25 21.81
C CYS A 315 18.09 1.74 23.18
N VAL A 316 16.87 2.14 23.56
CA VAL A 316 16.35 2.04 24.95
C VAL A 316 17.21 2.73 26.01
N VAL A 317 18.48 2.31 26.14
CA VAL A 317 19.40 2.90 27.09
C VAL A 317 20.81 2.98 26.50
N CYS A 318 21.44 4.14 26.65
CA CYS A 318 22.76 4.40 26.11
C CYS A 318 23.70 5.05 27.15
N PRO A 319 24.65 4.27 27.68
CA PRO A 319 25.56 4.78 28.72
C PRO A 319 26.49 5.89 28.22
N VAL A 320 26.80 6.81 29.12
CA VAL A 320 27.68 7.94 28.83
C VAL A 320 28.99 7.77 29.60
N SER A 321 30.11 7.81 28.88
CA SER A 321 31.43 7.60 29.48
C SER A 321 32.22 8.90 29.67
N ASP A 322 31.96 9.90 28.81
CA ASP A 322 32.75 11.15 28.79
C ASP A 322 31.93 12.34 28.33
N ILE A 323 32.27 13.52 28.87
CA ILE A 323 31.71 14.80 28.43
C ILE A 323 32.83 15.79 28.13
N LEU A 324 32.84 16.32 26.92
CA LEU A 324 33.82 17.34 26.54
C LEU A 324 33.23 18.71 26.85
N TYR A 325 33.87 19.42 27.78
CA TYR A 325 33.30 20.65 28.34
C TYR A 325 34.41 21.60 28.76
N LYS A 326 34.34 22.84 28.27
CA LYS A 326 35.33 23.88 28.56
C LYS A 326 36.78 23.40 28.31
N GLY A 327 36.98 22.80 27.15
CA GLY A 327 38.31 22.35 26.72
C GLY A 327 38.83 21.08 27.38
N GLU A 328 38.10 20.57 28.37
CA GLU A 328 38.49 19.37 29.10
C GLU A 328 37.65 18.13 28.77
N THR A 329 38.24 16.96 28.99
CA THR A 329 37.53 15.70 28.90
C THR A 329 37.21 15.23 30.31
N ILE A 330 35.92 15.28 30.66
CA ILE A 330 35.45 14.84 31.98
C ILE A 330 34.95 13.40 31.87
N HIS A 331 35.54 12.50 32.66
CA HIS A 331 35.17 11.10 32.63
C HIS A 331 33.98 10.81 33.54
N ILE A 332 33.01 10.06 33.00
CA ILE A 332 31.89 9.57 33.79
C ILE A 332 32.10 8.07 34.04
N PRO A 333 32.08 7.65 35.31
CA PRO A 333 32.45 6.27 35.66
C PRO A 333 31.38 5.21 35.39
N THR A 334 30.49 5.47 34.42
CA THR A 334 29.35 4.60 34.12
C THR A 334 29.76 3.15 33.89
N MET A 335 30.73 2.96 32.99
CA MET A 335 31.15 1.62 32.56
C MET A 335 31.92 0.90 33.66
N GLU A 336 32.59 1.68 34.50
CA GLU A 336 33.34 1.15 35.63
C GLU A 336 32.42 0.69 36.75
N ASN A 337 31.21 1.22 36.77
CA ASN A 337 30.20 0.81 37.75
C ASN A 337 29.17 -0.16 37.19
N GLY A 338 29.58 -0.96 36.20
CA GLY A 338 28.74 -2.01 35.63
C GLY A 338 28.62 -1.95 34.11
N PRO A 339 27.66 -1.18 33.59
CA PRO A 339 26.78 -0.30 34.37
C PRO A 339 25.62 -1.06 35.01
N LYS A 340 25.60 -1.07 36.34
CA LYS A 340 24.63 -1.87 37.11
C LYS A 340 23.16 -1.58 36.78
N LEU A 341 22.77 -0.31 36.92
CA LEU A 341 21.38 0.10 36.71
C LEU A 341 20.99 0.11 35.24
N ALA A 342 21.83 0.71 34.41
CA ALA A 342 21.60 0.78 32.97
C ALA A 342 21.36 -0.62 32.37
N SER A 343 22.19 -1.58 32.78
CA SER A 343 22.01 -2.97 32.34
C SER A 343 20.72 -3.57 32.90
N ARG A 344 20.40 -3.28 34.15
CA ARG A 344 19.17 -3.77 34.78
C ARG A 344 17.92 -3.26 34.06
N ILE A 345 17.94 -1.99 33.70
CA ILE A 345 16.86 -1.34 32.97
C ILE A 345 16.70 -1.93 31.57
N LEU A 346 17.82 -2.04 30.84
CA LEU A 346 17.80 -2.61 29.50
C LEU A 346 17.22 -4.03 29.51
N SER A 347 17.66 -4.85 30.46
CA SER A 347 17.16 -6.20 30.60
C SER A 347 15.66 -6.22 30.88
N LYS A 348 15.21 -5.36 31.78
CA LYS A 348 13.79 -5.30 32.15
C LYS A 348 12.92 -4.90 30.96
N LEU A 349 13.29 -3.79 30.31
CA LEU A 349 12.57 -3.30 29.15
C LEU A 349 12.54 -4.29 27.97
N THR A 350 13.68 -4.91 27.67
CA THR A 350 13.72 -5.91 26.59
C THR A 350 12.93 -7.19 26.93
N ASP A 351 13.00 -7.64 28.19
CA ASP A 351 12.15 -8.74 28.68
C ASP A 351 10.70 -8.50 28.30
N ILE A 352 10.21 -7.33 28.69
CA ILE A 352 8.83 -6.92 28.42
C ILE A 352 8.54 -6.85 26.91
N GLN A 353 9.40 -6.15 26.17
CA GLN A 353 9.23 -5.93 24.73
C GLN A 353 9.14 -7.23 23.93
N TYR A 354 10.00 -8.19 24.30
CA TYR A 354 10.11 -9.48 23.62
C TYR A 354 9.26 -10.59 24.23
N GLY A 355 8.39 -10.23 25.16
CA GLY A 355 7.44 -11.18 25.75
C GLY A 355 7.98 -12.14 26.79
N ARG A 356 9.18 -11.89 27.31
CA ARG A 356 9.73 -12.69 28.41
C ARG A 356 9.01 -12.43 29.72
N GLU A 357 8.57 -11.19 29.92
CA GLU A 357 7.72 -10.80 31.05
C GLU A 357 6.39 -10.27 30.53
N GLU A 358 5.29 -10.83 31.03
CA GLU A 358 3.94 -10.38 30.69
C GLU A 358 3.67 -9.04 31.36
N SER A 359 3.30 -8.05 30.56
CA SER A 359 2.97 -6.73 31.08
C SER A 359 1.89 -6.08 30.22
N ASP A 360 1.11 -5.18 30.81
CA ASP A 360 0.09 -4.45 30.06
C ASP A 360 0.70 -3.41 29.12
N TRP A 361 2.00 -3.20 29.23
CA TRP A 361 2.76 -2.28 28.37
C TRP A 361 2.85 -2.73 26.91
N THR A 362 2.67 -4.03 26.68
CA THR A 362 2.72 -4.56 25.31
C THR A 362 1.35 -4.98 24.80
N ILE A 363 1.22 -4.97 23.48
CA ILE A 363 0.00 -5.34 22.78
C ILE A 363 0.42 -6.27 21.64
N VAL A 364 -0.26 -7.41 21.52
CA VAL A 364 -0.03 -8.36 20.43
C VAL A 364 -0.61 -7.81 19.11
N LEU A 365 0.11 -8.04 18.01
CA LEU A 365 -0.29 -7.58 16.67
C LEU A 365 -1.73 -7.98 16.31
N SER A 366 -2.45 -7.03 15.72
CA SER A 366 -3.82 -7.24 15.22
C SER A 366 -3.92 -8.43 14.29
N VAL B 1 32.30 16.25 -4.85
CA VAL B 1 33.53 16.80 -5.50
C VAL B 1 33.30 18.20 -6.14
N VAL B 2 32.22 18.33 -6.91
CA VAL B 2 31.90 19.59 -7.61
C VAL B 2 31.43 20.65 -6.59
N GLY B 3 32.32 21.61 -6.31
CA GLY B 3 32.11 22.64 -5.27
C GLY B 3 30.88 23.52 -5.45
N THR B 4 30.59 23.85 -6.71
CA THR B 4 29.39 24.64 -7.02
C THR B 4 28.81 24.24 -8.36
N PHE B 5 27.49 24.39 -8.50
CA PHE B 5 26.86 24.38 -9.82
C PHE B 5 27.22 25.70 -10.52
N LYS B 6 27.15 25.70 -11.85
CA LYS B 6 27.52 26.88 -12.63
C LYS B 6 26.46 27.23 -13.64
N ALA B 7 26.18 28.52 -13.78
CA ALA B 7 25.18 29.02 -14.72
C ALA B 7 25.52 28.68 -16.18
N LYS B 8 26.81 28.50 -16.44
CA LYS B 8 27.36 28.05 -17.72
C LYS B 8 26.72 26.77 -18.25
N ASP B 9 26.59 25.76 -17.39
CA ASP B 9 26.05 24.47 -17.82
C ASP B 9 24.57 24.27 -17.47
N LEU B 10 23.85 25.39 -17.44
CA LEU B 10 22.40 25.40 -17.27
C LEU B 10 21.76 24.62 -18.42
N ILE B 11 20.88 23.69 -18.07
CA ILE B 11 20.13 22.92 -19.04
C ILE B 11 18.71 23.45 -19.03
N VAL B 12 18.28 24.01 -20.16
CA VAL B 12 16.97 24.66 -20.25
C VAL B 12 16.00 23.80 -21.05
N THR B 13 14.92 23.39 -20.39
CA THR B 13 13.88 22.58 -20.99
C THR B 13 12.55 23.35 -20.90
N PRO B 14 12.25 24.17 -21.93
CA PRO B 14 11.05 25.01 -21.93
C PRO B 14 9.76 24.21 -21.97
N ALA B 15 8.70 24.74 -21.35
CA ALA B 15 7.38 24.14 -21.42
C ALA B 15 6.80 24.31 -22.82
N THR B 16 6.09 23.30 -23.30
CA THR B 16 5.49 23.37 -24.63
C THR B 16 4.11 23.98 -24.56
N ILE B 17 3.41 23.70 -23.46
CA ILE B 17 2.11 24.31 -23.14
C ILE B 17 2.30 25.35 -22.03
N LEU B 18 2.10 26.62 -22.38
CA LEU B 18 2.26 27.76 -21.47
C LEU B 18 0.92 28.18 -20.86
N LYS B 19 0.95 28.58 -19.59
CA LYS B 19 -0.26 28.98 -18.86
C LYS B 19 -0.59 30.45 -19.05
N GLU B 20 -1.87 30.79 -18.89
CA GLU B 20 -2.31 32.18 -18.93
C GLU B 20 -1.93 32.86 -17.62
N LYS B 21 -1.39 34.07 -17.73
CA LYS B 21 -1.02 34.86 -16.56
C LYS B 21 -2.28 35.31 -15.84
N PRO B 22 -2.18 35.50 -14.51
CA PRO B 22 -3.33 36.00 -13.75
C PRO B 22 -3.53 37.50 -13.93
N ASP B 23 -4.75 37.95 -13.70
CA ASP B 23 -5.08 39.37 -13.63
C ASP B 23 -4.21 40.01 -12.53
N PRO B 24 -3.33 40.97 -12.91
CA PRO B 24 -2.45 41.62 -11.94
C PRO B 24 -3.20 42.45 -10.90
N ASN B 25 -4.48 42.72 -11.17
CA ASN B 25 -5.34 43.51 -10.29
C ASN B 25 -5.89 42.74 -9.08
N ASN B 26 -5.80 41.42 -9.11
CA ASN B 26 -6.45 40.58 -8.09
C ASN B 26 -5.60 39.39 -7.65
N LEU B 27 -4.30 39.62 -7.52
CA LEU B 27 -3.36 38.55 -7.15
C LEU B 27 -3.44 38.21 -5.67
N VAL B 28 -3.45 36.91 -5.36
CA VAL B 28 -3.36 36.44 -3.97
C VAL B 28 -1.93 35.96 -3.73
N PHE B 29 -1.32 36.45 -2.65
CA PHE B 29 0.14 36.41 -2.49
C PHE B 29 0.87 35.25 -3.18
N GLY B 30 0.97 34.10 -2.55
CA GLY B 30 1.84 33.06 -3.09
C GLY B 30 1.05 31.87 -3.55
N THR B 31 -0.02 32.13 -4.31
CA THR B 31 -0.94 31.07 -4.73
C THR B 31 -0.79 30.67 -6.21
N VAL B 32 -0.26 31.58 -7.03
CA VAL B 32 -0.13 31.34 -8.47
C VAL B 32 1.34 31.22 -8.85
N PHE B 33 1.67 30.21 -9.65
CA PHE B 33 3.04 29.96 -10.04
C PHE B 33 3.24 30.02 -11.55
N THR B 34 4.45 30.38 -11.97
CA THR B 34 4.77 30.58 -13.39
C THR B 34 4.99 29.25 -14.13
N ASP B 35 5.49 29.32 -15.37
CA ASP B 35 5.68 28.14 -16.21
C ASP B 35 6.88 27.30 -15.81
N HIS B 36 7.96 27.97 -15.41
CA HIS B 36 9.22 27.28 -15.15
C HIS B 36 9.72 27.38 -13.70
N MET B 37 10.72 26.57 -13.40
CA MET B 37 11.33 26.50 -12.09
C MET B 37 12.81 26.15 -12.28
N LEU B 38 13.64 26.51 -11.30
CA LEU B 38 15.01 26.05 -11.26
C LEU B 38 15.13 24.88 -10.28
N THR B 39 15.87 23.84 -10.66
CA THR B 39 16.23 22.76 -9.74
C THR B 39 17.71 22.44 -9.88
N VAL B 40 18.38 22.26 -8.76
CA VAL B 40 19.78 21.79 -8.74
C VAL B 40 19.96 20.71 -7.67
N GLU B 41 20.49 19.58 -8.12
CA GLU B 41 20.68 18.37 -7.32
C GLU B 41 22.09 18.33 -6.71
N TRP B 42 22.19 17.87 -5.47
CA TRP B 42 23.47 17.66 -4.80
C TRP B 42 23.53 16.31 -4.10
N SER B 43 24.74 15.76 -4.00
CA SER B 43 25.02 14.58 -3.19
C SER B 43 26.45 14.71 -2.68
N SER B 44 26.75 14.11 -1.53
CA SER B 44 28.10 14.17 -0.99
C SER B 44 29.11 13.45 -1.87
N GLU B 45 28.68 12.36 -2.51
CA GLU B 45 29.53 11.54 -3.40
C GLU B 45 30.01 12.31 -4.64
N PHE B 46 29.11 13.04 -5.31
CA PHE B 46 29.44 13.68 -6.59
C PHE B 46 29.41 15.21 -6.59
N GLY B 47 28.99 15.80 -5.47
CA GLY B 47 28.85 17.25 -5.37
C GLY B 47 27.65 17.76 -6.15
N TRP B 48 27.73 19.02 -6.56
CA TRP B 48 26.64 19.68 -7.29
C TRP B 48 26.48 19.17 -8.72
N GLU B 49 25.25 18.78 -9.03
CA GLU B 49 24.88 18.39 -10.38
C GLU B 49 24.70 19.67 -11.23
N LYS B 50 24.50 19.52 -12.53
CA LYS B 50 24.24 20.66 -13.40
C LYS B 50 22.84 21.24 -13.13
N PRO B 51 22.70 22.58 -13.16
CA PRO B 51 21.40 23.17 -12.88
C PRO B 51 20.43 23.05 -14.06
N HIS B 52 19.13 22.98 -13.74
CA HIS B 52 18.08 22.83 -14.74
C HIS B 52 17.02 23.91 -14.59
N ILE B 53 16.67 24.55 -15.71
CA ILE B 53 15.43 25.29 -15.80
C ILE B 53 14.45 24.42 -16.59
N LYS B 54 13.33 24.08 -15.97
CA LYS B 54 12.39 23.14 -16.56
C LYS B 54 10.96 23.53 -16.20
N PRO B 55 9.95 22.87 -16.79
CA PRO B 55 8.60 23.24 -16.40
C PRO B 55 8.38 23.02 -14.92
N LEU B 56 7.53 23.85 -14.32
CA LEU B 56 7.11 23.68 -12.96
C LEU B 56 6.47 22.30 -12.80
N GLN B 57 6.90 21.56 -11.78
CA GLN B 57 6.44 20.20 -11.58
C GLN B 57 6.53 19.83 -10.12
N ASN B 58 5.79 18.79 -9.73
CA ASN B 58 5.91 18.24 -8.40
C ASN B 58 7.31 17.73 -8.17
N LEU B 59 7.74 17.74 -6.91
CA LEU B 59 9.00 17.13 -6.54
C LEU B 59 8.75 15.66 -6.21
N SER B 60 9.61 14.80 -6.73
CA SER B 60 9.57 13.37 -6.41
C SER B 60 10.57 13.12 -5.28
N LEU B 61 10.07 12.90 -4.08
CA LEU B 61 10.92 12.85 -2.88
C LEU B 61 10.78 11.53 -2.12
N HIS B 62 11.92 10.94 -1.77
CA HIS B 62 11.91 9.77 -0.89
C HIS B 62 11.19 10.15 0.39
N PRO B 63 10.24 9.30 0.86
CA PRO B 63 9.47 9.58 2.06
C PRO B 63 10.32 9.79 3.32
N GLY B 64 11.55 9.28 3.30
CA GLY B 64 12.52 9.50 4.39
C GLY B 64 13.31 10.80 4.32
N SER B 65 13.11 11.59 3.26
CA SER B 65 13.84 12.86 3.05
C SER B 65 13.87 13.70 4.32
N SER B 66 15.07 14.10 4.75
CA SER B 66 15.22 14.81 6.04
C SER B 66 14.48 16.16 6.15
N ALA B 67 14.15 16.76 5.00
CA ALA B 67 13.32 17.97 4.99
C ALA B 67 11.93 17.70 5.56
N LEU B 68 11.51 16.44 5.52
CA LEU B 68 10.15 16.06 5.90
C LEU B 68 10.08 15.63 7.36
N HIS B 69 11.24 15.22 7.89
CA HIS B 69 11.32 14.67 9.24
C HIS B 69 11.94 15.62 10.25
N TYR B 70 13.03 16.25 9.85
CA TYR B 70 13.87 17.03 10.76
C TYR B 70 14.04 18.48 10.28
N ALA B 71 13.16 18.93 9.39
CA ALA B 71 13.17 20.30 8.85
C ALA B 71 14.54 20.78 8.36
N VAL B 72 15.25 19.90 7.65
CA VAL B 72 16.52 20.26 7.04
C VAL B 72 16.17 21.03 5.77
N GLU B 73 16.02 22.36 5.94
CA GLU B 73 15.44 23.20 4.91
C GLU B 73 15.64 24.68 5.24
N LEU B 74 15.77 25.48 4.18
CA LEU B 74 15.73 26.93 4.29
C LEU B 74 15.16 27.53 3.01
N PHE B 75 14.83 28.81 3.07
CA PHE B 75 14.29 29.51 1.92
C PHE B 75 14.78 30.95 1.90
N GLU B 76 14.50 31.62 0.80
CA GLU B 76 14.72 33.04 0.66
C GLU B 76 13.47 33.68 0.04
N GLY B 77 13.40 35.00 0.11
CA GLY B 77 12.29 35.76 -0.47
C GLY B 77 12.81 37.07 -1.02
N LEU B 78 12.62 37.26 -2.31
CA LEU B 78 13.03 38.47 -3.03
C LEU B 78 12.09 38.68 -4.22
N LYS B 79 12.18 39.84 -4.86
CA LYS B 79 11.22 40.22 -5.89
C LYS B 79 11.88 40.78 -7.15
N ALA B 80 11.19 40.61 -8.27
CA ALA B 80 11.48 41.29 -9.53
C ALA B 80 10.34 42.29 -9.82
N PHE B 81 10.69 43.46 -10.36
CA PHE B 81 9.72 44.52 -10.60
C PHE B 81 9.81 45.03 -12.03
N ARG B 82 8.66 45.12 -12.70
CA ARG B 82 8.57 45.71 -14.03
C ARG B 82 8.53 47.23 -13.85
N GLY B 83 9.62 47.89 -14.26
CA GLY B 83 9.78 49.33 -14.02
C GLY B 83 8.83 50.21 -14.80
N VAL B 84 8.76 51.49 -14.43
CA VAL B 84 8.01 52.50 -15.19
C VAL B 84 8.51 52.61 -16.63
N ASP B 85 9.74 52.17 -16.83
CA ASP B 85 10.39 52.18 -18.13
C ASP B 85 10.36 50.80 -18.81
N ASN B 86 9.57 49.90 -18.23
CA ASN B 86 9.41 48.51 -18.70
C ASN B 86 10.65 47.61 -18.53
N LYS B 87 11.72 48.15 -17.96
CA LYS B 87 12.89 47.33 -17.60
C LYS B 87 12.59 46.54 -16.32
N ILE B 88 12.95 45.26 -16.32
CA ILE B 88 12.78 44.41 -15.13
C ILE B 88 13.99 44.53 -14.19
N ARG B 89 13.71 44.75 -12.91
CA ARG B 89 14.76 44.95 -11.92
C ARG B 89 14.67 44.02 -10.71
N LEU B 90 15.84 43.57 -10.27
CA LEU B 90 15.97 42.92 -8.97
C LEU B 90 16.41 43.97 -7.96
N PHE B 91 16.10 43.71 -6.69
CA PHE B 91 16.33 44.65 -5.61
C PHE B 91 17.19 43.98 -4.54
N GLN B 92 18.39 44.53 -4.33
CA GLN B 92 19.36 44.01 -3.34
C GLN B 92 19.51 42.48 -3.36
N PRO B 93 19.53 41.85 -4.56
CA PRO B 93 19.49 40.39 -4.62
C PRO B 93 20.73 39.71 -4.03
N ASN B 94 21.86 40.42 -3.99
CA ASN B 94 23.09 39.88 -3.42
C ASN B 94 23.00 39.69 -1.91
N LEU B 95 22.17 40.52 -1.26
CA LEU B 95 21.90 40.38 0.18
C LEU B 95 21.10 39.11 0.50
N ASN B 96 20.22 38.73 -0.42
CA ASN B 96 19.50 37.47 -0.29
C ASN B 96 20.43 36.27 -0.50
N MET B 97 21.37 36.39 -1.45
CA MET B 97 22.36 35.33 -1.69
C MET B 97 23.28 35.15 -0.49
N ASP B 98 23.70 36.27 0.10
CA ASP B 98 24.52 36.27 1.32
C ASP B 98 23.83 35.55 2.47
N ARG B 99 22.55 35.88 2.67
CA ARG B 99 21.76 35.33 3.76
C ARG B 99 21.44 33.84 3.54
N MET B 100 21.10 33.47 2.31
CA MET B 100 20.86 32.08 1.95
C MET B 100 22.08 31.19 2.23
N TYR B 101 23.27 31.73 1.90
CA TYR B 101 24.56 31.04 2.13
C TYR B 101 24.80 30.83 3.62
N ARG B 102 24.59 31.88 4.42
CA ARG B 102 24.62 31.80 5.89
C ARG B 102 23.64 30.75 6.44
N SER B 103 22.41 30.76 5.91
CA SER B 103 21.38 29.82 6.38
C SER B 103 21.77 28.37 6.07
N ALA B 104 22.36 28.14 4.89
CA ALA B 104 22.81 26.80 4.49
C ALA B 104 23.93 26.26 5.37
N VAL B 105 24.88 27.13 5.74
CA VAL B 105 25.94 26.78 6.67
C VAL B 105 25.37 26.36 8.04
N ARG B 106 24.52 27.21 8.61
CA ARG B 106 23.86 26.89 9.89
C ARG B 106 23.01 25.60 9.84
N ALA B 107 22.46 25.30 8.66
CA ALA B 107 21.60 24.12 8.45
C ALA B 107 22.37 22.85 8.16
N THR B 108 23.66 22.99 7.83
CA THR B 108 24.56 21.91 7.36
C THR B 108 24.22 21.41 5.95
N LEU B 109 23.56 22.27 5.16
CA LEU B 109 23.33 21.98 3.76
C LEU B 109 24.56 22.40 2.95
N PRO B 110 24.78 21.82 1.76
CA PRO B 110 26.00 22.17 1.03
C PRO B 110 26.06 23.64 0.60
N VAL B 111 27.25 24.20 0.70
CA VAL B 111 27.56 25.52 0.22
C VAL B 111 27.59 25.58 -1.33
N PHE B 112 27.37 26.78 -1.88
CA PHE B 112 27.31 27.01 -3.33
C PHE B 112 27.90 28.38 -3.66
N ASP B 113 28.17 28.64 -4.93
CA ASP B 113 28.63 29.98 -5.33
C ASP B 113 27.44 30.93 -5.47
N LYS B 114 27.47 32.02 -4.71
CA LYS B 114 26.38 32.99 -4.67
C LYS B 114 26.13 33.68 -6.01
N GLU B 115 27.20 34.04 -6.72
CA GLU B 115 27.12 34.64 -8.05
C GLU B 115 26.51 33.69 -9.08
N GLU B 116 26.79 32.39 -8.94
CA GLU B 116 26.24 31.38 -9.84
C GLU B 116 24.73 31.19 -9.65
N LEU B 117 24.27 31.20 -8.39
CA LEU B 117 22.84 31.07 -8.12
C LEU B 117 22.07 32.30 -8.62
N LEU B 118 22.55 33.49 -8.29
CA LEU B 118 21.92 34.72 -8.75
C LEU B 118 21.75 34.72 -10.28
N GLU B 119 22.78 34.30 -10.99
CA GLU B 119 22.72 34.21 -12.46
C GLU B 119 21.72 33.15 -12.94
N CYS B 120 21.63 32.03 -12.24
CA CYS B 120 20.64 31.01 -12.57
C CYS B 120 19.23 31.54 -12.35
N ILE B 121 19.04 32.32 -11.28
CA ILE B 121 17.77 32.99 -10.98
C ILE B 121 17.43 34.04 -12.03
N GLN B 122 18.42 34.84 -12.43
CA GLN B 122 18.23 35.84 -13.49
C GLN B 122 17.78 35.18 -14.80
N GLN B 123 18.40 34.05 -15.15
CA GLN B 123 18.02 33.31 -16.36
C GLN B 123 16.62 32.73 -16.26
N LEU B 124 16.23 32.31 -15.05
CA LEU B 124 14.89 31.81 -14.80
C LEU B 124 13.82 32.90 -14.93
N VAL B 125 14.07 34.03 -14.26
CA VAL B 125 13.20 35.20 -14.38
C VAL B 125 13.16 35.67 -15.85
N LYS B 126 14.32 35.66 -16.52
CA LYS B 126 14.39 36.04 -17.92
C LYS B 126 13.48 35.17 -18.81
N LEU B 127 13.58 33.85 -18.68
CA LEU B 127 12.69 32.93 -19.41
C LEU B 127 11.21 33.28 -19.17
N ASP B 128 10.86 33.49 -17.89
CA ASP B 128 9.48 33.77 -17.47
C ASP B 128 9.21 35.26 -17.31
N GLN B 129 9.92 36.09 -18.08
CA GLN B 129 9.78 37.54 -18.11
C GLN B 129 8.35 38.05 -18.06
N GLU B 130 7.51 37.51 -18.93
CA GLU B 130 6.16 38.01 -19.13
C GLU B 130 5.26 37.79 -17.92
N TRP B 131 5.75 37.00 -16.97
CA TRP B 131 5.06 36.76 -15.69
C TRP B 131 5.30 37.89 -14.68
N VAL B 132 6.33 38.70 -14.89
CA VAL B 132 6.54 39.87 -14.05
C VAL B 132 5.39 40.82 -14.40
N PRO B 133 4.50 41.07 -13.43
CA PRO B 133 3.24 41.73 -13.72
C PRO B 133 3.36 43.08 -14.42
N TYR B 134 2.45 43.33 -15.35
CA TYR B 134 2.30 44.64 -15.97
C TYR B 134 1.45 45.50 -15.05
N SER B 135 2.10 45.97 -14.00
CA SER B 135 1.49 46.74 -12.91
C SER B 135 2.58 47.31 -12.02
N THR B 136 2.49 48.60 -11.70
CA THR B 136 3.43 49.23 -10.76
C THR B 136 2.99 48.99 -9.32
N SER B 137 1.95 48.19 -9.14
CA SER B 137 1.48 47.82 -7.80
C SER B 137 1.71 46.34 -7.52
N ALA B 138 2.39 45.67 -8.45
CA ALA B 138 2.59 44.23 -8.36
C ALA B 138 4.02 43.88 -8.74
N SER B 139 4.42 42.64 -8.46
CA SER B 139 5.79 42.20 -8.67
C SER B 139 5.82 40.69 -8.80
N LEU B 140 6.98 40.15 -9.17
CA LEU B 140 7.18 38.71 -9.21
C LEU B 140 7.95 38.25 -7.97
N TYR B 141 7.31 37.47 -7.11
CA TYR B 141 7.98 36.95 -5.93
C TYR B 141 8.86 35.77 -6.33
N ILE B 142 10.08 35.78 -5.81
CA ILE B 142 11.07 34.76 -6.13
C ILE B 142 11.35 33.98 -4.85
N ARG B 143 11.22 32.66 -4.94
CA ARG B 143 11.33 31.80 -3.77
C ARG B 143 12.39 30.70 -3.95
N PRO B 144 13.67 31.03 -3.63
CA PRO B 144 14.67 29.99 -3.57
C PRO B 144 14.42 29.15 -2.33
N ALA B 145 14.60 27.84 -2.50
CA ALA B 145 14.32 26.90 -1.44
C ALA B 145 15.36 25.80 -1.49
N PHE B 146 15.80 25.33 -0.32
CA PHE B 146 16.96 24.45 -0.21
C PHE B 146 16.63 23.39 0.82
N ILE B 147 16.56 22.13 0.39
CA ILE B 147 16.04 21.03 1.24
C ILE B 147 16.94 19.80 1.29
N GLY B 148 16.97 19.14 2.44
CA GLY B 148 17.65 17.86 2.59
C GLY B 148 16.76 16.74 2.06
N THR B 149 17.33 15.89 1.20
CA THR B 149 16.57 14.83 0.57
C THR B 149 17.17 13.47 0.90
N GLU B 150 17.98 13.47 1.95
CA GLU B 150 18.61 12.28 2.52
C GLU B 150 17.54 11.24 2.87
N PRO B 151 17.56 10.07 2.20
CA PRO B 151 16.59 9.01 2.43
C PRO B 151 16.59 8.36 3.83
N SER B 152 17.65 8.54 4.61
CA SER B 152 17.74 7.83 5.90
C SER B 152 17.24 8.62 7.13
N LEU B 153 16.77 7.91 8.15
CA LEU B 153 16.13 8.51 9.32
C LEU B 153 17.09 8.96 10.43
N GLY B 154 18.37 8.61 10.31
CA GLY B 154 19.38 9.11 11.25
C GLY B 154 19.40 10.63 11.23
N VAL B 155 19.42 11.26 12.40
CA VAL B 155 19.48 12.72 12.46
C VAL B 155 20.92 13.20 12.36
N LYS B 156 21.28 13.65 11.15
CA LYS B 156 22.64 14.04 10.80
C LYS B 156 22.69 14.90 9.53
N LYS B 157 23.86 15.48 9.28
CA LYS B 157 24.15 16.23 8.05
C LYS B 157 23.72 15.46 6.81
N PRO B 158 22.88 16.10 5.97
CA PRO B 158 22.38 15.45 4.75
C PRO B 158 23.48 15.11 3.75
N THR B 159 23.40 13.92 3.16
CA THR B 159 24.29 13.53 2.08
C THR B 159 23.59 13.72 0.73
N LYS B 160 22.34 14.17 0.79
CA LYS B 160 21.53 14.46 -0.40
C LYS B 160 20.74 15.75 -0.16
N ALA B 161 20.70 16.60 -1.18
CA ALA B 161 19.98 17.88 -1.11
C ALA B 161 19.41 18.33 -2.45
N LEU B 162 18.34 19.13 -2.41
CA LEU B 162 17.76 19.75 -3.61
C LEU B 162 17.61 21.25 -3.40
N LEU B 163 18.21 22.02 -4.31
CA LEU B 163 17.98 23.47 -4.36
C LEU B 163 16.99 23.78 -5.50
N PHE B 164 15.88 24.43 -5.17
CA PHE B 164 14.93 24.85 -6.20
C PHE B 164 14.50 26.31 -6.08
N VAL B 165 13.99 26.87 -7.17
CA VAL B 165 13.46 28.23 -7.17
C VAL B 165 12.09 28.28 -7.84
N LEU B 166 11.13 28.85 -7.13
CA LEU B 166 9.77 29.05 -7.62
C LEU B 166 9.54 30.53 -7.89
N LEU B 167 8.68 30.83 -8.87
CA LEU B 167 8.27 32.21 -9.15
C LEU B 167 6.78 32.37 -8.99
N SER B 168 6.36 33.46 -8.35
CA SER B 168 4.95 33.67 -8.05
C SER B 168 4.55 35.14 -8.21
N PRO B 169 3.68 35.44 -9.19
CA PRO B 169 3.15 36.80 -9.33
C PRO B 169 2.40 37.22 -8.06
N VAL B 170 2.79 38.34 -7.47
CA VAL B 170 2.10 38.85 -6.28
C VAL B 170 1.74 40.33 -6.42
N GLY B 171 0.65 40.74 -5.78
CA GLY B 171 0.21 42.11 -5.81
C GLY B 171 0.43 42.85 -4.50
N PRO B 172 -0.31 43.97 -4.31
CA PRO B 172 -0.19 44.81 -3.10
C PRO B 172 -0.60 44.05 -1.83
N PHE B 179 -3.03 52.10 3.04
CA PHE B 179 -2.53 51.24 4.10
C PHE B 179 -3.65 50.55 4.87
N ASN B 180 -3.51 49.24 5.07
CA ASN B 180 -4.40 48.49 5.93
C ASN B 180 -3.69 48.07 7.23
N PRO B 181 -3.81 48.89 8.29
CA PRO B 181 -3.08 48.60 9.53
C PRO B 181 -3.51 47.27 10.15
N VAL B 182 -2.62 46.68 10.95
CA VAL B 182 -2.88 45.38 11.57
C VAL B 182 -2.95 45.49 13.09
N SER B 183 -3.71 44.57 13.70
CA SER B 183 -3.70 44.38 15.15
C SER B 183 -2.77 43.22 15.50
N LEU B 184 -1.99 43.42 16.55
CA LEU B 184 -1.01 42.41 16.98
C LEU B 184 -1.45 41.70 18.25
N TRP B 185 -1.29 40.38 18.25
CA TRP B 185 -1.57 39.54 19.41
C TRP B 185 -0.25 39.26 20.13
N ALA B 186 -0.17 39.71 21.39
CA ALA B 186 1.05 39.64 22.18
C ALA B 186 0.87 38.69 23.37
N ASN B 187 1.48 37.52 23.25
CA ASN B 187 1.42 36.49 24.29
C ASN B 187 2.83 36.03 24.63
N PRO B 188 3.34 36.40 25.82
CA PRO B 188 4.73 36.13 26.16
C PRO B 188 5.05 34.64 26.40
N LYS B 189 4.02 33.80 26.39
CA LYS B 189 4.21 32.37 26.61
C LYS B 189 4.72 31.66 25.35
N TYR B 190 4.66 32.33 24.21
CA TYR B 190 5.27 31.84 22.98
C TYR B 190 6.51 32.65 22.68
N VAL B 191 7.63 31.96 22.48
CA VAL B 191 8.88 32.60 22.15
C VAL B 191 9.34 32.12 20.77
N ARG B 192 9.54 33.06 19.86
CA ARG B 192 9.91 32.76 18.46
C ARG B 192 11.33 32.23 18.33
N ALA B 193 12.24 32.78 19.13
CA ALA B 193 13.66 32.50 18.98
C ALA B 193 14.43 32.75 20.28
N TRP B 194 15.56 32.07 20.42
CA TRP B 194 16.38 32.12 21.63
C TRP B 194 17.85 32.32 21.23
N LYS B 195 18.63 32.87 22.15
CA LYS B 195 20.07 33.01 21.94
C LYS B 195 20.66 31.61 21.95
N GLY B 196 21.48 31.31 20.95
CA GLY B 196 21.95 29.94 20.75
C GLY B 196 21.04 29.16 19.83
N GLY B 197 20.06 29.86 19.24
CA GLY B 197 19.11 29.28 18.30
C GLY B 197 19.39 29.68 16.86
N THR B 198 18.35 29.65 16.03
CA THR B 198 18.50 29.85 14.59
C THR B 198 17.63 31.00 14.08
N GLY B 199 17.22 31.88 14.99
CA GLY B 199 16.29 32.96 14.69
C GLY B 199 16.81 34.03 13.75
N ASP B 200 18.13 34.07 13.57
CA ASP B 200 18.76 35.00 12.63
C ASP B 200 19.03 34.36 11.28
N CYS B 201 18.48 33.16 11.05
CA CYS B 201 18.52 32.51 9.74
C CYS B 201 17.11 32.25 9.24
N LYS B 202 16.96 32.14 7.92
CA LYS B 202 15.67 31.79 7.34
C LYS B 202 15.52 30.29 7.14
N MET B 203 15.87 29.53 8.18
CA MET B 203 15.67 28.08 8.21
C MET B 203 14.21 27.81 8.54
N GLY B 204 13.62 26.84 7.84
CA GLY B 204 12.17 26.57 7.96
C GLY B 204 11.66 26.26 9.35
N GLY B 205 12.51 25.64 10.18
CA GLY B 205 12.19 25.32 11.55
C GLY B 205 11.72 26.48 12.42
N ASN B 206 12.14 27.70 12.05
CA ASN B 206 11.74 28.94 12.76
C ASN B 206 10.27 29.28 12.63
N TYR B 207 9.63 28.70 11.62
CA TYR B 207 8.32 29.13 11.16
C TYR B 207 7.18 28.17 11.49
N GLY B 208 7.49 26.87 11.52
CA GLY B 208 6.51 25.85 11.85
C GLY B 208 5.93 26.05 13.23
N SER B 209 6.81 26.44 14.16
CA SER B 209 6.49 26.70 15.55
C SER B 209 5.68 27.99 15.79
N SER B 210 5.32 28.69 14.70
CA SER B 210 4.69 29.99 14.83
C SER B 210 3.21 30.00 14.42
N LEU B 211 2.79 28.95 13.71
CA LEU B 211 1.43 28.81 13.18
C LEU B 211 0.33 28.72 14.23
N PHE B 212 0.63 28.09 15.37
CA PHE B 212 -0.33 27.98 16.47
C PHE B 212 -0.60 29.36 17.05
N ALA B 213 0.47 30.12 17.31
CA ALA B 213 0.34 31.50 17.79
C ALA B 213 -0.43 32.41 16.82
N GLN B 214 -0.23 32.20 15.52
CA GLN B 214 -0.93 32.99 14.50
C GLN B 214 -2.41 32.66 14.41
N CYS B 215 -2.75 31.38 14.56
CA CYS B 215 -4.15 30.94 14.62
C CYS B 215 -4.84 31.55 15.85
N GLU B 216 -4.16 31.51 16.99
CA GLU B 216 -4.64 32.11 18.23
C GLU B 216 -4.86 33.62 18.04
N ASP B 217 -3.90 34.25 17.41
CA ASP B 217 -3.97 35.63 16.99
C ASP B 217 -5.26 35.94 16.21
N VAL B 218 -5.51 35.17 15.15
CA VAL B 218 -6.73 35.32 14.34
C VAL B 218 -8.02 35.10 15.17
N ASP B 219 -8.01 34.07 16.01
CA ASP B 219 -9.12 33.77 16.93
C ASP B 219 -9.53 35.01 17.74
N ASN B 220 -8.61 35.94 17.89
CA ASN B 220 -8.83 37.14 18.70
C ASN B 220 -8.87 38.44 17.90
N GLY B 221 -9.19 38.34 16.62
CA GLY B 221 -9.36 39.50 15.75
C GLY B 221 -8.08 40.24 15.40
N CYS B 222 -6.95 39.57 15.57
CA CYS B 222 -5.65 40.15 15.24
C CYS B 222 -5.10 39.51 13.97
N GLN B 223 -4.24 40.24 13.28
CA GLN B 223 -3.74 39.82 11.98
C GLN B 223 -2.33 39.23 12.05
N GLN B 224 -1.53 39.69 13.00
CA GLN B 224 -0.18 39.16 13.22
C GLN B 224 0.14 39.01 14.70
N VAL B 225 1.24 38.31 14.99
CA VAL B 225 1.68 38.06 16.35
C VAL B 225 2.83 39.01 16.64
N LEU B 226 2.82 39.61 17.82
CA LEU B 226 3.95 40.36 18.31
C LEU B 226 4.82 39.45 19.18
N TRP B 227 6.03 39.17 18.70
CA TRP B 227 6.91 38.23 19.39
C TRP B 227 7.65 38.91 20.53
N LEU B 228 7.41 38.42 21.75
CA LEU B 228 8.04 38.96 22.95
C LEU B 228 9.15 38.05 23.45
N TYR B 229 10.18 38.65 24.02
CA TYR B 229 11.33 37.91 24.49
C TYR B 229 11.82 38.37 25.87
N GLY B 230 12.11 37.38 26.73
CA GLY B 230 12.78 37.63 27.99
C GLY B 230 11.88 38.09 29.12
N ARG B 231 12.49 38.22 30.29
CA ARG B 231 11.83 38.65 31.52
C ARG B 231 11.28 40.08 31.44
N ASP B 232 11.93 40.91 30.63
CA ASP B 232 11.51 42.31 30.44
C ASP B 232 10.50 42.50 29.32
N HIS B 233 10.10 41.40 28.67
CA HIS B 233 9.17 41.39 27.53
C HIS B 233 9.59 42.30 26.38
N GLN B 234 10.78 42.03 25.85
CA GLN B 234 11.29 42.76 24.70
C GLN B 234 10.41 42.50 23.49
N ILE B 235 10.09 43.56 22.76
CA ILE B 235 9.36 43.43 21.51
C ILE B 235 10.40 43.23 20.41
N THR B 236 10.27 42.15 19.66
CA THR B 236 11.36 41.73 18.76
C THR B 236 10.96 41.80 17.30
N GLU B 237 9.96 41.02 16.91
CA GLU B 237 9.50 40.97 15.54
C GLU B 237 7.98 40.97 15.46
N VAL B 238 7.46 41.43 14.32
CA VAL B 238 6.02 41.46 14.05
C VAL B 238 5.70 40.39 13.02
N GLY B 239 5.24 39.23 13.48
CA GLY B 239 5.03 38.08 12.60
C GLY B 239 6.32 37.73 11.90
N THR B 240 6.30 37.75 10.57
CA THR B 240 7.48 37.50 9.75
C THR B 240 8.14 38.79 9.26
N MET B 241 7.98 39.86 10.04
CA MET B 241 8.53 41.18 9.71
C MET B 241 9.37 41.73 10.85
N ASN B 242 10.36 42.55 10.52
CA ASN B 242 11.10 43.29 11.52
C ASN B 242 10.25 44.43 12.08
N LEU B 243 10.55 44.84 13.31
CA LEU B 243 9.77 45.84 14.05
C LEU B 243 10.46 47.21 14.12
N PHE B 244 9.76 48.25 13.70
CA PHE B 244 10.24 49.63 13.83
C PHE B 244 9.31 50.45 14.70
N LEU B 245 9.91 51.29 15.56
CA LEU B 245 9.15 52.21 16.41
C LEU B 245 9.61 53.64 16.15
N TYR B 246 8.68 54.48 15.71
CA TYR B 246 8.95 55.90 15.50
C TYR B 246 8.33 56.68 16.65
N TRP B 247 9.17 57.29 17.48
CA TRP B 247 8.73 57.82 18.76
C TRP B 247 9.66 58.90 19.29
N ILE B 248 9.25 59.55 20.37
CA ILE B 248 10.13 60.39 21.16
C ILE B 248 10.67 59.51 22.27
N ASN B 249 11.98 59.34 22.32
CA ASN B 249 12.60 58.46 23.29
C ASN B 249 12.65 59.06 24.70
N GLU B 250 13.36 58.40 25.60
CA GLU B 250 13.37 58.75 27.03
C GLU B 250 14.17 60.03 27.30
N ASP B 251 15.06 60.37 26.37
CA ASP B 251 15.86 61.60 26.43
C ASP B 251 15.15 62.79 25.77
N GLY B 252 13.92 62.57 25.32
CA GLY B 252 13.13 63.60 24.65
C GLY B 252 13.54 63.84 23.21
N GLU B 253 14.26 62.89 22.61
CA GLU B 253 14.70 62.97 21.21
C GLU B 253 13.78 62.16 20.31
N GLU B 254 13.42 62.75 19.17
CA GLU B 254 12.71 62.00 18.13
C GLU B 254 13.62 60.91 17.56
N GLU B 255 13.12 59.68 17.50
CA GLU B 255 13.95 58.53 17.22
C GLU B 255 13.22 57.44 16.41
N LEU B 256 13.93 56.87 15.43
CA LEU B 256 13.50 55.60 14.85
C LEU B 256 14.29 54.49 15.51
N ALA B 257 13.58 53.61 16.22
CA ALA B 257 14.21 52.49 16.92
C ALA B 257 13.78 51.13 16.36
N THR B 258 14.72 50.20 16.38
CA THR B 258 14.47 48.81 15.98
C THR B 258 15.36 47.90 16.87
N PRO B 259 14.84 46.71 17.24
CA PRO B 259 15.66 45.74 17.99
C PRO B 259 17.00 45.40 17.30
N PRO B 260 18.08 45.25 18.10
CA PRO B 260 19.40 44.95 17.55
C PRO B 260 19.59 43.47 17.16
N LEU B 261 20.60 43.22 16.33
CA LEU B 261 20.86 41.87 15.82
C LEU B 261 21.71 41.04 16.77
N ASP B 262 21.13 40.67 17.91
CA ASP B 262 21.86 39.91 18.94
C ASP B 262 21.60 38.40 18.90
N GLY B 263 20.97 37.93 17.83
CA GLY B 263 20.75 36.50 17.63
C GLY B 263 19.31 36.06 17.46
N ILE B 264 18.37 36.88 17.93
CA ILE B 264 16.96 36.52 17.94
C ILE B 264 16.12 37.30 16.92
N ILE B 265 16.81 38.07 16.08
CA ILE B 265 16.18 38.89 15.05
C ILE B 265 16.72 38.50 13.67
N LEU B 266 15.80 38.28 12.73
CA LEU B 266 16.19 38.04 11.35
C LEU B 266 16.70 39.35 10.73
N PRO B 267 17.94 39.35 10.21
CA PRO B 267 18.46 40.57 9.55
C PRO B 267 17.77 40.87 8.21
N GLY B 268 16.61 41.52 8.26
CA GLY B 268 15.84 41.82 7.06
C GLY B 268 16.59 42.72 6.09
N VAL B 269 16.39 42.48 4.80
CA VAL B 269 16.88 43.38 3.75
C VAL B 269 16.15 44.73 3.82
N THR B 270 14.82 44.67 3.96
CA THR B 270 14.01 45.88 4.08
C THR B 270 14.44 46.70 5.30
N ARG B 271 14.65 46.01 6.42
CA ARG B 271 15.20 46.57 7.67
C ARG B 271 16.50 47.35 7.42
N ARG B 272 17.46 46.67 6.77
CA ARG B 272 18.72 47.28 6.37
C ARG B 272 18.53 48.55 5.53
N CYS B 273 17.70 48.47 4.49
CA CYS B 273 17.42 49.61 3.62
C CYS B 273 16.78 50.79 4.36
N ILE B 274 15.85 50.50 5.26
CA ILE B 274 15.19 51.53 6.08
C ILE B 274 16.18 52.22 7.01
N LEU B 275 17.06 51.43 7.64
CA LEU B 275 18.13 51.96 8.48
C LEU B 275 19.07 52.85 7.68
N ASP B 276 19.51 52.37 6.52
CA ASP B 276 20.37 53.15 5.61
C ASP B 276 19.75 54.49 5.25
N LEU B 277 18.49 54.45 4.81
CA LEU B 277 17.73 55.64 4.44
C LEU B 277 17.61 56.63 5.60
N ALA B 278 17.17 56.15 6.76
CA ALA B 278 16.97 56.99 7.94
C ALA B 278 18.29 57.62 8.43
N HIS B 279 19.38 56.86 8.33
CA HIS B 279 20.72 57.39 8.58
C HIS B 279 21.09 58.49 7.59
N GLN B 280 20.80 58.26 6.31
CA GLN B 280 21.10 59.20 5.21
C GLN B 280 20.36 60.53 5.39
N TRP B 281 19.06 60.44 5.69
CA TRP B 281 18.21 61.60 5.88
C TRP B 281 18.73 62.54 6.98
N GLY B 282 19.14 61.94 8.11
CA GLY B 282 19.72 62.71 9.22
C GLY B 282 18.76 63.72 9.81
N GLU B 283 17.49 63.35 9.90
CA GLU B 283 16.43 64.22 10.40
C GLU B 283 16.04 63.87 11.84
N PHE B 284 16.37 62.65 12.24
CA PHE B 284 16.08 62.14 13.58
C PHE B 284 17.10 61.06 13.96
N LYS B 285 17.17 60.78 15.26
CA LYS B 285 18.04 59.72 15.78
C LYS B 285 17.61 58.35 15.25
N VAL B 286 18.60 57.53 14.93
CA VAL B 286 18.39 56.17 14.46
C VAL B 286 19.08 55.23 15.45
N SER B 287 18.30 54.38 16.12
CA SER B 287 18.82 53.54 17.19
C SER B 287 18.43 52.07 17.06
N GLU B 288 19.43 51.21 16.88
CA GLU B 288 19.25 49.79 17.12
C GLU B 288 19.40 49.62 18.63
N ARG B 289 18.30 49.26 19.26
CA ARG B 289 18.23 49.25 20.72
C ARG B 289 17.10 48.34 21.17
N TYR B 290 17.16 47.93 22.43
CA TYR B 290 16.11 47.11 23.02
C TYR B 290 14.88 47.93 23.35
N LEU B 291 13.72 47.34 23.06
CA LEU B 291 12.44 47.96 23.25
C LEU B 291 11.57 46.96 24.00
N THR B 292 10.96 47.38 25.11
CA THR B 292 10.11 46.51 25.89
C THR B 292 8.66 46.96 25.85
N MET B 293 7.74 46.11 26.30
CA MET B 293 6.34 46.49 26.41
C MET B 293 6.13 47.69 27.35
N ASP B 294 6.92 47.75 28.43
CA ASP B 294 6.85 48.85 29.39
C ASP B 294 7.38 50.18 28.82
N ASP B 295 8.48 50.12 28.07
CA ASP B 295 8.97 51.28 27.29
C ASP B 295 7.84 51.88 26.45
N LEU B 296 7.12 50.98 25.77
CA LEU B 296 6.08 51.32 24.82
C LEU B 296 4.83 51.91 25.51
N THR B 297 4.31 51.20 26.52
CA THR B 297 3.14 51.68 27.25
C THR B 297 3.41 52.99 28.02
N THR B 298 4.62 53.13 28.55
CA THR B 298 5.06 54.37 29.19
C THR B 298 5.12 55.54 28.20
N ALA B 299 5.63 55.27 27.00
CA ALA B 299 5.69 56.27 25.94
C ALA B 299 4.30 56.67 25.45
N LEU B 300 3.41 55.68 25.34
CA LEU B 300 2.04 55.91 24.88
C LEU B 300 1.24 56.77 25.85
N GLU B 301 1.45 56.55 27.15
CA GLU B 301 0.84 57.35 28.20
C GLU B 301 1.28 58.81 28.09
N GLY B 302 2.57 59.02 27.83
CA GLY B 302 3.13 60.36 27.64
C GLY B 302 3.01 60.93 26.25
N ASN B 303 2.17 60.30 25.41
CA ASN B 303 1.94 60.70 24.01
C ASN B 303 3.21 60.87 23.17
N ARG B 304 4.17 59.98 23.36
CA ARG B 304 5.48 60.08 22.73
C ARG B 304 5.64 59.21 21.47
N VAL B 305 4.67 58.32 21.23
CA VAL B 305 4.74 57.38 20.11
C VAL B 305 4.07 57.99 18.88
N ARG B 306 4.77 57.95 17.75
CA ARG B 306 4.21 58.41 16.48
C ARG B 306 3.68 57.24 15.67
N GLU B 307 4.57 56.31 15.32
CA GLU B 307 4.24 55.20 14.43
C GLU B 307 4.90 53.90 14.87
N MET B 308 4.23 52.79 14.58
CA MET B 308 4.84 51.48 14.65
C MET B 308 4.54 50.74 13.36
N PHE B 309 5.56 50.11 12.79
CA PHE B 309 5.37 49.34 11.58
C PHE B 309 6.32 48.17 11.50
N SER B 310 5.92 47.16 10.75
CA SER B 310 6.77 46.06 10.42
C SER B 310 7.30 46.25 9.02
N SER B 311 8.40 45.56 8.71
CA SER B 311 9.01 45.61 7.39
C SER B 311 9.35 44.20 6.91
N GLY B 312 9.09 43.94 5.64
CA GLY B 312 9.44 42.67 5.00
C GLY B 312 9.29 42.80 3.50
N THR B 313 9.79 41.82 2.77
CA THR B 313 9.76 41.83 1.31
C THR B 313 8.34 41.81 0.72
N ALA B 314 7.42 41.09 1.37
CA ALA B 314 6.04 40.99 0.90
C ALA B 314 5.19 42.28 1.01
N CYS B 315 5.42 43.09 2.05
CA CYS B 315 4.61 44.29 2.25
C CYS B 315 5.41 45.59 2.08
N VAL B 316 6.73 45.44 2.09
CA VAL B 316 7.71 46.53 2.36
C VAL B 316 7.52 47.16 3.74
N VAL B 317 6.36 47.75 3.98
CA VAL B 317 6.06 48.35 5.27
C VAL B 317 4.60 48.06 5.64
N CYS B 318 4.36 47.78 6.93
CA CYS B 318 3.02 47.43 7.43
C CYS B 318 2.69 48.16 8.75
N PRO B 319 1.85 49.21 8.69
CA PRO B 319 1.50 49.97 9.91
C PRO B 319 0.77 49.12 10.97
N VAL B 320 1.05 49.42 12.24
CA VAL B 320 0.43 48.74 13.37
C VAL B 320 -0.46 49.72 14.13
N SER B 321 -1.73 49.35 14.34
CA SER B 321 -2.70 50.21 15.02
C SER B 321 -3.00 49.80 16.46
N ASP B 322 -2.86 48.51 16.76
CA ASP B 322 -3.22 47.98 18.08
C ASP B 322 -2.39 46.77 18.51
N ILE B 323 -2.19 46.66 19.82
CA ILE B 323 -1.55 45.49 20.42
C ILE B 323 -2.47 44.97 21.53
N LEU B 324 -2.85 43.69 21.43
CA LEU B 324 -3.59 43.03 22.49
C LEU B 324 -2.62 42.26 23.38
N TYR B 325 -2.52 42.70 24.63
CA TYR B 325 -1.52 42.23 25.57
C TYR B 325 -2.14 42.19 26.96
N LYS B 326 -2.10 41.03 27.61
CA LYS B 326 -2.65 40.83 28.96
C LYS B 326 -4.10 41.30 29.13
N GLY B 327 -4.94 41.01 28.14
CA GLY B 327 -6.36 41.39 28.17
C GLY B 327 -6.65 42.85 27.81
N GLU B 328 -5.61 43.66 27.65
CA GLU B 328 -5.77 45.06 27.26
C GLU B 328 -5.73 45.21 25.74
N THR B 329 -6.40 46.25 25.25
CA THR B 329 -6.24 46.66 23.85
C THR B 329 -5.46 47.98 23.85
N ILE B 330 -4.21 47.89 23.39
CA ILE B 330 -3.29 49.02 23.42
C ILE B 330 -3.26 49.64 22.03
N HIS B 331 -3.80 50.86 21.93
CA HIS B 331 -3.86 51.55 20.66
C HIS B 331 -2.55 52.24 20.34
N ILE B 332 -2.12 52.09 19.09
CA ILE B 332 -0.93 52.76 18.58
C ILE B 332 -1.41 53.80 17.57
N PRO B 333 -1.04 55.08 17.78
CA PRO B 333 -1.57 56.21 16.98
C PRO B 333 -0.93 56.36 15.59
N THR B 334 -0.44 55.25 15.05
CA THR B 334 0.21 55.21 13.74
C THR B 334 -0.60 55.92 12.66
N MET B 335 -1.87 55.53 12.52
CA MET B 335 -2.73 56.00 11.44
C MET B 335 -3.20 57.43 11.65
N GLU B 336 -3.19 57.88 12.90
CA GLU B 336 -3.53 59.25 13.28
C GLU B 336 -2.34 60.19 13.11
N ASN B 337 -1.16 59.62 12.86
CA ASN B 337 0.04 60.40 12.56
C ASN B 337 0.49 60.27 11.10
N GLY B 338 -0.46 60.09 10.19
CA GLY B 338 -0.14 59.97 8.75
C GLY B 338 -0.58 58.63 8.15
N PRO B 339 0.22 57.57 8.32
CA PRO B 339 1.53 57.53 8.98
C PRO B 339 2.59 58.10 8.06
N LYS B 340 3.16 59.25 8.40
CA LYS B 340 4.08 59.91 7.45
C LYS B 340 5.42 59.21 7.20
N LEU B 341 6.05 58.69 8.25
CA LEU B 341 7.32 57.98 8.06
C LEU B 341 7.13 56.67 7.28
N ALA B 342 6.11 55.90 7.67
CA ALA B 342 5.77 54.66 6.98
C ALA B 342 5.47 54.90 5.50
N SER B 343 4.71 55.94 5.20
CA SER B 343 4.36 56.19 3.81
C SER B 343 5.54 56.78 3.02
N ARG B 344 6.39 57.56 3.69
CA ARG B 344 7.65 58.05 3.10
C ARG B 344 8.58 56.90 2.69
N ILE B 345 8.71 55.90 3.57
CA ILE B 345 9.51 54.70 3.32
C ILE B 345 8.92 53.87 2.19
N LEU B 346 7.61 53.64 2.26
CA LEU B 346 6.92 52.90 1.20
C LEU B 346 7.16 53.57 -0.16
N SER B 347 6.94 54.88 -0.24
CA SER B 347 7.18 55.64 -1.47
C SER B 347 8.62 55.56 -1.93
N LYS B 348 9.56 55.77 -1.01
CA LYS B 348 10.98 55.73 -1.34
C LYS B 348 11.41 54.38 -1.95
N LEU B 349 11.12 53.29 -1.25
CA LEU B 349 11.53 51.96 -1.72
C LEU B 349 10.83 51.56 -3.03
N THR B 350 9.53 51.81 -3.11
CA THR B 350 8.74 51.61 -4.33
C THR B 350 9.35 52.34 -5.54
N ASP B 351 9.72 53.61 -5.34
CA ASP B 351 10.35 54.44 -6.38
C ASP B 351 11.64 53.86 -6.91
N ILE B 352 12.48 53.36 -6.01
CA ILE B 352 13.72 52.68 -6.38
C ILE B 352 13.43 51.35 -7.10
N GLN B 353 12.53 50.55 -6.53
CA GLN B 353 12.20 49.23 -7.06
C GLN B 353 11.63 49.28 -8.49
N TYR B 354 10.80 50.29 -8.75
CA TYR B 354 10.14 50.46 -10.06
C TYR B 354 10.90 51.42 -10.98
N GLY B 355 12.15 51.71 -10.61
CA GLY B 355 13.07 52.48 -11.44
C GLY B 355 12.76 53.96 -11.63
N ARG B 356 11.85 54.49 -10.81
CA ARG B 356 11.54 55.92 -10.86
C ARG B 356 12.74 56.76 -10.43
N GLU B 357 13.59 56.21 -9.57
CA GLU B 357 14.89 56.82 -9.29
C GLU B 357 16.02 55.79 -9.27
N GLU B 358 17.23 56.26 -9.61
CA GLU B 358 18.40 55.40 -9.67
C GLU B 358 19.03 55.23 -8.29
N SER B 359 19.43 54.00 -8.00
CA SER B 359 20.13 53.63 -6.77
C SER B 359 20.87 52.35 -7.11
N ASP B 360 22.05 52.17 -6.51
CA ASP B 360 22.84 50.96 -6.71
C ASP B 360 22.15 49.72 -6.13
N TRP B 361 21.02 49.93 -5.47
CA TRP B 361 20.22 48.83 -4.89
C TRP B 361 19.52 47.95 -5.93
N THR B 362 19.30 48.48 -7.14
CA THR B 362 18.62 47.70 -8.18
C THR B 362 19.56 47.20 -9.27
N ILE B 363 19.30 45.99 -9.75
CA ILE B 363 19.99 45.43 -10.91
C ILE B 363 18.98 45.17 -12.02
N VAL B 364 19.24 45.72 -13.20
CA VAL B 364 18.42 45.44 -14.39
C VAL B 364 18.70 44.01 -14.85
N LEU B 365 17.64 43.26 -15.12
CA LEU B 365 17.74 41.89 -15.61
C LEU B 365 18.52 41.81 -16.94
N GLY C 3 -25.17 -13.96 10.49
CA GLY C 3 -23.79 -13.76 9.98
C GLY C 3 -22.97 -15.04 9.91
N THR C 4 -23.28 -15.97 10.80
CA THR C 4 -22.53 -17.23 10.88
C THR C 4 -23.39 -18.38 11.41
N PHE C 5 -23.06 -19.61 11.01
CA PHE C 5 -23.55 -20.79 11.71
C PHE C 5 -22.79 -20.89 13.04
N LYS C 6 -23.38 -21.59 14.01
CA LYS C 6 -22.78 -21.72 15.33
C LYS C 6 -22.74 -23.17 15.75
N ALA C 7 -21.62 -23.58 16.32
CA ALA C 7 -21.41 -24.96 16.75
C ALA C 7 -22.41 -25.40 17.83
N LYS C 8 -22.93 -24.41 18.56
CA LYS C 8 -23.89 -24.61 19.67
C LYS C 8 -25.22 -25.20 19.18
N ASP C 9 -25.65 -24.84 17.97
CA ASP C 9 -26.89 -25.38 17.43
C ASP C 9 -26.67 -26.47 16.38
N LEU C 10 -25.56 -27.19 16.55
CA LEU C 10 -25.22 -28.35 15.74
C LEU C 10 -26.29 -29.43 15.90
N ILE C 11 -26.76 -29.96 14.78
CA ILE C 11 -27.70 -31.07 14.78
C ILE C 11 -26.96 -32.33 14.36
N VAL C 12 -26.89 -33.30 15.27
CA VAL C 12 -26.11 -34.51 15.05
C VAL C 12 -27.04 -35.68 14.79
N THR C 13 -26.91 -36.27 13.61
CA THR C 13 -27.67 -37.44 13.20
C THR C 13 -26.68 -38.58 12.94
N PRO C 14 -26.41 -39.41 13.97
CA PRO C 14 -25.43 -40.49 13.83
C PRO C 14 -25.90 -41.59 12.87
N ALA C 15 -24.96 -42.22 12.19
CA ALA C 15 -25.24 -43.36 11.33
C ALA C 15 -25.60 -44.56 12.19
N THR C 16 -26.52 -45.38 11.71
CA THR C 16 -26.97 -46.55 12.44
C THR C 16 -26.10 -47.77 12.07
N ILE C 17 -25.65 -47.79 10.82
CA ILE C 17 -24.75 -48.82 10.33
C ILE C 17 -23.37 -48.22 10.09
N LEU C 18 -22.39 -48.67 10.87
CA LEU C 18 -21.02 -48.16 10.79
C LEU C 18 -20.11 -49.02 9.92
N LYS C 19 -19.23 -48.36 9.18
CA LYS C 19 -18.33 -49.03 8.26
C LYS C 19 -17.07 -49.53 8.98
N GLU C 20 -16.54 -50.65 8.48
CA GLU C 20 -15.26 -51.15 8.96
C GLU C 20 -14.15 -50.19 8.54
N LYS C 21 -13.28 -49.87 9.49
CA LYS C 21 -12.11 -49.04 9.23
C LYS C 21 -11.12 -49.79 8.33
N PRO C 22 -10.38 -49.04 7.48
CA PRO C 22 -9.36 -49.66 6.64
C PRO C 22 -8.08 -49.96 7.41
N ASP C 23 -7.31 -50.93 6.91
CA ASP C 23 -5.98 -51.24 7.42
C ASP C 23 -5.06 -50.03 7.22
N PRO C 24 -4.53 -49.46 8.33
CA PRO C 24 -3.68 -48.26 8.26
C PRO C 24 -2.34 -48.50 7.55
N ASN C 25 -1.97 -49.77 7.37
CA ASN C 25 -0.72 -50.16 6.71
C ASN C 25 -0.76 -49.96 5.18
N ASN C 26 -1.96 -49.88 4.62
CA ASN C 26 -2.14 -49.90 3.16
C ASN C 26 -3.15 -48.85 2.65
N LEU C 27 -3.07 -47.63 3.18
CA LEU C 27 -4.03 -46.59 2.81
C LEU C 27 -3.67 -45.91 1.49
N VAL C 28 -4.67 -45.68 0.66
CA VAL C 28 -4.51 -44.89 -0.56
C VAL C 28 -5.11 -43.51 -0.31
N PHE C 29 -4.29 -42.48 -0.50
CA PHE C 29 -4.55 -41.13 0.03
C PHE C 29 -6.02 -40.76 0.29
N GLY C 30 -6.74 -40.34 -0.73
CA GLY C 30 -8.06 -39.76 -0.46
C GLY C 30 -9.18 -40.59 -1.04
N THR C 31 -9.10 -41.90 -0.84
CA THR C 31 -10.04 -42.84 -1.46
C THR C 31 -11.09 -43.40 -0.48
N VAL C 32 -10.74 -43.46 0.80
CA VAL C 32 -11.64 -44.01 1.82
C VAL C 32 -12.20 -42.88 2.72
N PHE C 33 -13.52 -42.92 2.95
CA PHE C 33 -14.16 -41.91 3.77
C PHE C 33 -14.82 -42.50 5.01
N THR C 34 -14.94 -41.68 6.05
CA THR C 34 -15.46 -42.10 7.34
C THR C 34 -17.00 -42.19 7.33
N ASP C 35 -17.59 -42.42 8.50
CA ASP C 35 -19.04 -42.56 8.64
C ASP C 35 -19.81 -41.26 8.46
N HIS C 36 -19.25 -40.16 8.96
CA HIS C 36 -19.99 -38.89 9.03
C HIS C 36 -19.33 -37.74 8.27
N MET C 37 -20.13 -36.71 8.02
CA MET C 37 -19.71 -35.52 7.32
C MET C 37 -20.35 -34.30 7.98
N LEU C 38 -19.74 -33.13 7.82
CA LEU C 38 -20.38 -31.89 8.23
C LEU C 38 -20.98 -31.23 6.98
N THR C 39 -22.14 -30.60 7.17
CA THR C 39 -22.87 -29.93 6.11
C THR C 39 -23.51 -28.67 6.69
N VAL C 40 -23.35 -27.54 6.01
CA VAL C 40 -23.98 -26.28 6.39
C VAL C 40 -24.49 -25.54 5.15
N GLU C 41 -25.80 -25.23 5.15
CA GLU C 41 -26.44 -24.50 4.05
C GLU C 41 -26.46 -22.99 4.29
N TRP C 42 -26.40 -22.24 3.19
CA TRP C 42 -26.47 -20.78 3.21
C TRP C 42 -27.38 -20.28 2.10
N SER C 43 -28.11 -19.21 2.42
CA SER C 43 -28.96 -18.49 1.47
C SER C 43 -28.63 -17.03 1.59
N SER C 44 -28.77 -16.33 0.47
CA SER C 44 -28.75 -14.88 0.47
C SER C 44 -29.86 -14.29 1.34
N GLU C 45 -31.07 -14.85 1.23
CA GLU C 45 -32.23 -14.30 1.95
C GLU C 45 -32.31 -14.67 3.44
N PHE C 46 -31.80 -15.85 3.80
CA PHE C 46 -31.90 -16.31 5.19
C PHE C 46 -30.59 -16.43 5.97
N GLY C 47 -29.47 -16.25 5.27
CA GLY C 47 -28.15 -16.40 5.88
C GLY C 47 -27.83 -17.86 6.14
N TRP C 48 -26.91 -18.09 7.09
CA TRP C 48 -26.48 -19.42 7.46
C TRP C 48 -27.55 -20.22 8.19
N GLU C 49 -27.76 -21.45 7.74
CA GLU C 49 -28.65 -22.40 8.37
C GLU C 49 -27.86 -23.05 9.52
N LYS C 50 -28.55 -23.86 10.35
CA LYS C 50 -27.88 -24.61 11.41
C LYS C 50 -26.95 -25.67 10.82
N PRO C 51 -25.78 -25.92 11.46
CA PRO C 51 -24.89 -26.95 10.91
C PRO C 51 -25.34 -28.37 11.26
N HIS C 52 -25.02 -29.32 10.36
CA HIS C 52 -25.39 -30.72 10.54
C HIS C 52 -24.17 -31.65 10.52
N ILE C 53 -24.11 -32.56 11.48
CA ILE C 53 -23.26 -33.74 11.36
C ILE C 53 -24.19 -34.91 11.10
N LYS C 54 -24.01 -35.55 9.95
CA LYS C 54 -24.92 -36.61 9.51
C LYS C 54 -24.11 -37.69 8.78
N PRO C 55 -24.76 -38.80 8.41
CA PRO C 55 -23.98 -39.81 7.67
C PRO C 55 -23.44 -39.27 6.35
N LEU C 56 -22.26 -39.76 5.97
CA LEU C 56 -21.69 -39.45 4.68
C LEU C 56 -22.69 -39.84 3.59
N GLN C 57 -22.96 -38.91 2.69
CA GLN C 57 -23.95 -39.12 1.64
C GLN C 57 -23.62 -38.27 0.43
N ASN C 58 -24.19 -38.65 -0.72
CA ASN C 58 -24.10 -37.85 -1.93
C ASN C 58 -24.75 -36.50 -1.73
N LEU C 59 -24.22 -35.51 -2.45
CA LEU C 59 -24.82 -34.20 -2.47
C LEU C 59 -25.92 -34.16 -3.54
N SER C 60 -27.08 -33.63 -3.17
CA SER C 60 -28.16 -33.41 -4.12
C SER C 60 -28.09 -31.97 -4.59
N LEU C 61 -27.62 -31.79 -5.83
CA LEU C 61 -27.31 -30.46 -6.36
C LEU C 61 -28.08 -30.14 -7.63
N HIS C 62 -28.72 -28.96 -7.66
CA HIS C 62 -29.31 -28.46 -8.89
C HIS C 62 -28.23 -28.50 -9.98
N PRO C 63 -28.58 -29.01 -11.19
CA PRO C 63 -27.60 -29.10 -12.28
C PRO C 63 -27.03 -27.74 -12.73
N GLY C 64 -27.70 -26.66 -12.33
CA GLY C 64 -27.26 -25.30 -12.64
C GLY C 64 -26.32 -24.72 -11.59
N SER C 65 -26.05 -25.48 -10.53
CA SER C 65 -25.16 -25.03 -9.44
C SER C 65 -23.87 -24.43 -9.98
N SER C 66 -23.58 -23.19 -9.58
CA SER C 66 -22.40 -22.45 -10.08
C SER C 66 -21.05 -23.13 -9.84
N ALA C 67 -20.97 -24.01 -8.85
CA ALA C 67 -19.75 -24.79 -8.60
C ALA C 67 -19.40 -25.71 -9.77
N LEU C 68 -20.40 -26.01 -10.60
CA LEU C 68 -20.30 -26.98 -11.68
C LEU C 68 -20.06 -26.31 -13.02
N HIS C 69 -20.36 -25.01 -13.10
CA HIS C 69 -20.26 -24.24 -14.33
C HIS C 69 -19.11 -23.25 -14.30
N TYR C 70 -18.96 -22.54 -13.17
CA TYR C 70 -18.04 -21.42 -13.08
C TYR C 70 -17.04 -21.60 -11.94
N ALA C 71 -16.90 -22.83 -11.47
CA ALA C 71 -15.94 -23.20 -10.41
C ALA C 71 -15.99 -22.31 -9.16
N VAL C 72 -17.20 -21.99 -8.71
CA VAL C 72 -17.42 -21.20 -7.50
C VAL C 72 -17.28 -22.15 -6.33
N GLU C 73 -16.03 -22.31 -5.89
CA GLU C 73 -15.66 -23.37 -4.97
C GLU C 73 -14.27 -23.14 -4.39
N LEU C 74 -14.06 -23.59 -3.17
CA LEU C 74 -12.73 -23.64 -2.58
C LEU C 74 -12.66 -24.78 -1.59
N PHE C 75 -11.45 -25.12 -1.19
CA PHE C 75 -11.25 -26.21 -0.24
C PHE C 75 -10.10 -25.89 0.70
N GLU C 76 -10.00 -26.70 1.74
CA GLU C 76 -8.86 -26.69 2.62
C GLU C 76 -8.35 -28.11 2.81
N GLY C 77 -7.16 -28.23 3.41
CA GLY C 77 -6.60 -29.52 3.75
C GLY C 77 -5.80 -29.45 5.03
N LEU C 78 -6.24 -30.23 6.02
CA LEU C 78 -5.52 -30.36 7.30
C LEU C 78 -5.69 -31.77 7.85
N LYS C 79 -4.94 -32.09 8.90
CA LYS C 79 -4.91 -33.45 9.43
C LYS C 79 -5.14 -33.53 10.93
N ALA C 80 -5.75 -34.64 11.36
CA ALA C 80 -5.77 -35.07 12.76
C ALA C 80 -4.79 -36.25 12.95
N PHE C 81 -4.09 -36.27 14.08
CA PHE C 81 -3.05 -37.27 14.35
C PHE C 81 -3.25 -37.93 15.72
N ARG C 82 -3.34 -39.25 15.73
CA ARG C 82 -3.38 -40.03 16.96
C ARG C 82 -1.96 -40.10 17.52
N GLY C 83 -1.75 -39.39 18.63
CA GLY C 83 -0.43 -39.22 19.19
C GLY C 83 0.18 -40.46 19.79
N VAL C 84 1.47 -40.36 20.10
CA VAL C 84 2.21 -41.40 20.81
C VAL C 84 1.53 -41.75 22.15
N ASP C 85 0.83 -40.78 22.72
CA ASP C 85 0.09 -40.90 23.98
C ASP C 85 -1.40 -41.19 23.77
N ASN C 86 -1.79 -41.49 22.53
CA ASN C 86 -3.18 -41.81 22.13
C ASN C 86 -4.17 -40.63 22.14
N LYS C 87 -3.66 -39.44 22.43
CA LYS C 87 -4.47 -38.23 22.33
C LYS C 87 -4.50 -37.80 20.87
N ILE C 88 -5.66 -37.38 20.39
CA ILE C 88 -5.77 -36.89 19.02
C ILE C 88 -5.47 -35.39 18.95
N ARG C 89 -4.65 -35.01 17.97
CA ARG C 89 -4.24 -33.62 17.80
C ARG C 89 -4.49 -33.05 16.40
N LEU C 90 -4.89 -31.78 16.37
CA LEU C 90 -4.86 -30.99 15.16
C LEU C 90 -3.55 -30.20 15.13
N PHE C 91 -3.12 -29.85 13.93
CA PHE C 91 -1.87 -29.12 13.71
C PHE C 91 -2.15 -27.81 12.98
N GLN C 92 -1.88 -26.69 13.66
CA GLN C 92 -2.07 -25.35 13.11
C GLN C 92 -3.43 -25.12 12.43
N PRO C 93 -4.54 -25.64 13.02
CA PRO C 93 -5.82 -25.63 12.32
C PRO C 93 -6.40 -24.22 12.10
N ASN C 94 -5.99 -23.26 12.91
CA ASN C 94 -6.44 -21.87 12.78
C ASN C 94 -5.83 -21.19 11.54
N LEU C 95 -4.67 -21.67 11.11
CA LEU C 95 -4.07 -21.19 9.87
C LEU C 95 -4.87 -21.63 8.65
N ASN C 96 -5.47 -22.81 8.73
CA ASN C 96 -6.37 -23.28 7.69
C ASN C 96 -7.72 -22.53 7.70
N MET C 97 -8.19 -22.17 8.89
CA MET C 97 -9.42 -21.40 9.02
C MET C 97 -9.24 -20.00 8.45
N ASP C 98 -8.06 -19.41 8.70
CA ASP C 98 -7.72 -18.08 8.22
C ASP C 98 -7.66 -18.06 6.69
N ARG C 99 -7.03 -19.10 6.14
CA ARG C 99 -6.84 -19.24 4.70
C ARG C 99 -8.17 -19.51 3.99
N MET C 100 -9.02 -20.34 4.61
CA MET C 100 -10.34 -20.64 4.06
C MET C 100 -11.22 -19.38 3.97
N TYR C 101 -11.14 -18.55 5.00
CA TYR C 101 -11.87 -17.29 5.07
C TYR C 101 -11.43 -16.33 3.96
N ARG C 102 -10.12 -16.17 3.80
CA ARG C 102 -9.53 -15.40 2.68
C ARG C 102 -9.97 -15.90 1.31
N SER C 103 -9.98 -17.23 1.13
CA SER C 103 -10.40 -17.85 -0.12
C SER C 103 -11.87 -17.57 -0.42
N ALA C 104 -12.71 -17.68 0.60
CA ALA C 104 -14.15 -17.37 0.48
C ALA C 104 -14.39 -15.94 0.04
N VAL C 105 -13.64 -15.01 0.64
CA VAL C 105 -13.73 -13.58 0.28
C VAL C 105 -13.38 -13.39 -1.19
N ARG C 106 -12.26 -13.98 -1.62
CA ARG C 106 -11.82 -13.91 -3.03
C ARG C 106 -12.79 -14.60 -4.01
N ALA C 107 -13.49 -15.62 -3.52
CA ALA C 107 -14.46 -16.39 -4.32
C ALA C 107 -15.85 -15.75 -4.39
N THR C 108 -16.12 -14.79 -3.49
CA THR C 108 -17.44 -14.17 -3.27
C THR C 108 -18.46 -15.10 -2.61
N LEU C 109 -17.96 -16.12 -1.93
CA LEU C 109 -18.79 -17.00 -1.11
C LEU C 109 -18.98 -16.35 0.26
N PRO C 110 -20.07 -16.69 0.97
CA PRO C 110 -20.36 -16.04 2.23
C PRO C 110 -19.29 -16.28 3.29
N VAL C 111 -19.00 -15.22 4.03
CA VAL C 111 -18.12 -15.24 5.17
C VAL C 111 -18.77 -16.01 6.35
N PHE C 112 -17.92 -16.51 7.26
CA PHE C 112 -18.36 -17.30 8.42
C PHE C 112 -17.43 -17.05 9.61
N ASP C 113 -17.80 -17.53 10.79
CA ASP C 113 -16.93 -17.42 11.96
C ASP C 113 -15.95 -18.59 11.99
N LYS C 114 -14.66 -18.27 11.94
CA LYS C 114 -13.61 -19.28 11.92
C LYS C 114 -13.60 -20.18 13.16
N GLU C 115 -13.82 -19.59 14.34
CA GLU C 115 -13.87 -20.34 15.59
C GLU C 115 -15.07 -21.29 15.60
N GLU C 116 -16.17 -20.88 14.99
CA GLU C 116 -17.36 -21.73 14.87
C GLU C 116 -17.13 -22.94 13.96
N LEU C 117 -16.48 -22.72 12.82
CA LEU C 117 -16.19 -23.83 11.90
C LEU C 117 -15.19 -24.81 12.52
N LEU C 118 -14.11 -24.30 13.13
CA LEU C 118 -13.14 -25.18 13.77
C LEU C 118 -13.80 -26.07 14.83
N GLU C 119 -14.69 -25.49 15.64
CA GLU C 119 -15.41 -26.26 16.66
C GLU C 119 -16.31 -27.33 16.04
N CYS C 120 -16.98 -26.99 14.93
CA CYS C 120 -17.78 -27.95 14.17
C CYS C 120 -16.91 -29.11 13.65
N ILE C 121 -15.72 -28.77 13.16
CA ILE C 121 -14.76 -29.76 12.66
C ILE C 121 -14.26 -30.68 13.78
N GLN C 122 -14.01 -30.10 14.95
CA GLN C 122 -13.58 -30.87 16.12
C GLN C 122 -14.64 -31.86 16.58
N GLN C 123 -15.90 -31.40 16.56
CA GLN C 123 -17.04 -32.25 16.92
C GLN C 123 -17.23 -33.39 15.93
N LEU C 124 -17.00 -33.10 14.66
CA LEU C 124 -17.05 -34.10 13.60
C LEU C 124 -15.94 -35.15 13.75
N VAL C 125 -14.71 -34.71 13.93
CA VAL C 125 -13.60 -35.63 14.17
C VAL C 125 -13.79 -36.41 15.49
N LYS C 126 -14.30 -35.75 16.52
CA LYS C 126 -14.60 -36.40 17.80
C LYS C 126 -15.60 -37.56 17.63
N LEU C 127 -16.68 -37.33 16.89
CA LEU C 127 -17.62 -38.41 16.55
C LEU C 127 -16.95 -39.57 15.81
N ASP C 128 -16.13 -39.25 14.81
CA ASP C 128 -15.46 -40.26 14.01
C ASP C 128 -14.02 -40.52 14.49
N GLN C 129 -13.78 -40.34 15.78
CA GLN C 129 -12.39 -40.39 16.27
C GLN C 129 -11.67 -41.71 16.05
N GLU C 130 -12.42 -42.80 16.06
CA GLU C 130 -11.86 -44.14 15.84
C GLU C 130 -11.33 -44.35 14.41
N TRP C 131 -11.68 -43.42 13.51
CA TRP C 131 -11.16 -43.39 12.14
C TRP C 131 -9.76 -42.78 12.05
N VAL C 132 -9.38 -41.98 13.04
CA VAL C 132 -8.01 -41.45 13.15
C VAL C 132 -7.11 -42.68 13.33
N PRO C 133 -6.28 -42.98 12.31
CA PRO C 133 -5.56 -44.26 12.28
C PRO C 133 -4.74 -44.56 13.52
N TYR C 134 -4.78 -45.83 13.92
CA TYR C 134 -3.90 -46.38 14.94
C TYR C 134 -2.54 -46.74 14.30
N SER C 135 -1.80 -45.67 14.00
CA SER C 135 -0.51 -45.75 13.32
C SER C 135 0.17 -44.40 13.41
N THR C 136 1.45 -44.40 13.82
CA THR C 136 2.23 -43.16 13.87
C THR C 136 2.77 -42.79 12.48
N SER C 137 2.39 -43.59 11.47
CA SER C 137 2.72 -43.31 10.08
C SER C 137 1.50 -42.88 9.26
N ALA C 138 0.35 -42.75 9.92
CA ALA C 138 -0.89 -42.39 9.25
C ALA C 138 -1.65 -41.33 10.04
N SER C 139 -2.67 -40.74 9.41
CA SER C 139 -3.44 -39.64 10.01
C SER C 139 -4.83 -39.57 9.38
N LEU C 140 -5.68 -38.69 9.90
CA LEU C 140 -6.99 -38.44 9.30
C LEU C 140 -6.93 -37.11 8.54
N TYR C 141 -7.09 -37.17 7.21
CA TYR C 141 -7.12 -35.97 6.40
C TYR C 141 -8.49 -35.34 6.50
N ILE C 142 -8.51 -34.02 6.66
CA ILE C 142 -9.74 -33.25 6.84
C ILE C 142 -9.90 -32.33 5.63
N ARG C 143 -11.06 -32.44 4.97
CA ARG C 143 -11.32 -31.71 3.74
C ARG C 143 -12.57 -30.80 3.82
N PRO C 144 -12.39 -29.57 4.36
CA PRO C 144 -13.46 -28.57 4.24
C PRO C 144 -13.59 -28.12 2.79
N ALA C 145 -14.83 -28.03 2.35
CA ALA C 145 -15.11 -27.66 0.98
C ALA C 145 -16.30 -26.71 0.98
N PHE C 146 -16.28 -25.76 0.06
CA PHE C 146 -17.21 -24.64 0.10
C PHE C 146 -17.61 -24.35 -1.34
N ILE C 147 -18.89 -24.57 -1.65
CA ILE C 147 -19.35 -24.53 -3.04
C ILE C 147 -20.55 -23.61 -3.26
N GLY C 148 -20.56 -22.94 -4.42
CA GLY C 148 -21.72 -22.21 -4.89
C GLY C 148 -22.76 -23.18 -5.39
N THR C 149 -24.00 -22.97 -4.95
CA THR C 149 -25.11 -23.87 -5.23
C THR C 149 -26.26 -23.12 -5.95
N GLU C 150 -25.95 -21.90 -6.41
CA GLU C 150 -26.87 -21.07 -7.21
C GLU C 150 -27.42 -21.81 -8.41
N PRO C 151 -28.76 -22.02 -8.43
CA PRO C 151 -29.36 -22.73 -9.56
C PRO C 151 -29.32 -22.01 -10.92
N SER C 152 -28.90 -20.75 -10.97
CA SER C 152 -28.96 -19.99 -12.22
C SER C 152 -27.63 -19.83 -12.97
N LEU C 153 -27.70 -19.69 -14.29
CA LEU C 153 -26.51 -19.71 -15.15
C LEU C 153 -25.83 -18.34 -15.34
N GLY C 154 -26.43 -17.27 -14.82
CA GLY C 154 -25.75 -15.96 -14.83
C GLY C 154 -24.45 -16.02 -14.04
N VAL C 155 -23.39 -15.43 -14.60
CA VAL C 155 -22.08 -15.39 -13.93
C VAL C 155 -22.07 -14.26 -12.89
N LYS C 156 -22.37 -14.61 -11.65
CA LYS C 156 -22.50 -13.63 -10.57
C LYS C 156 -22.26 -14.25 -9.20
N LYS C 157 -22.10 -13.40 -8.20
CA LYS C 157 -22.03 -13.81 -6.79
C LYS C 157 -23.17 -14.78 -6.43
N PRO C 158 -22.82 -15.95 -5.87
CA PRO C 158 -23.83 -16.96 -5.50
C PRO C 158 -24.78 -16.46 -4.40
N THR C 159 -26.07 -16.72 -4.58
CA THR C 159 -27.08 -16.44 -3.57
C THR C 159 -27.44 -17.70 -2.80
N LYS C 160 -26.72 -18.80 -3.08
CA LYS C 160 -26.92 -20.11 -2.47
C LYS C 160 -25.56 -20.80 -2.37
N ALA C 161 -25.24 -21.36 -1.20
CA ALA C 161 -23.97 -22.06 -0.98
C ALA C 161 -24.09 -23.26 -0.05
N LEU C 162 -23.17 -24.21 -0.19
CA LEU C 162 -23.02 -25.34 0.74
C LEU C 162 -21.58 -25.42 1.21
N LEU C 163 -21.39 -25.46 2.53
CA LEU C 163 -20.08 -25.76 3.12
C LEU C 163 -20.13 -27.17 3.70
N PHE C 164 -19.17 -28.01 3.33
CA PHE C 164 -19.10 -29.36 3.89
C PHE C 164 -17.70 -29.79 4.28
N VAL C 165 -17.62 -30.77 5.17
CA VAL C 165 -16.35 -31.34 5.60
C VAL C 165 -16.35 -32.86 5.46
N LEU C 166 -15.34 -33.37 4.79
CA LEU C 166 -15.13 -34.79 4.62
C LEU C 166 -13.91 -35.22 5.42
N LEU C 167 -13.92 -36.47 5.89
CA LEU C 167 -12.77 -37.06 6.59
C LEU C 167 -12.30 -38.32 5.85
N SER C 168 -10.99 -38.45 5.70
CA SER C 168 -10.41 -39.54 4.92
C SER C 168 -9.14 -40.08 5.60
N PRO C 169 -9.16 -41.35 6.07
CA PRO C 169 -7.94 -41.95 6.63
C PRO C 169 -6.87 -42.04 5.56
N VAL C 170 -5.66 -41.61 5.92
CA VAL C 170 -4.61 -41.33 4.97
C VAL C 170 -3.31 -41.85 5.55
N GLY C 171 -2.48 -42.45 4.70
CA GLY C 171 -1.19 -42.99 5.14
C GLY C 171 0.00 -42.17 4.70
N PRO C 172 1.22 -42.74 4.86
CA PRO C 172 2.46 -42.07 4.46
C PRO C 172 2.72 -42.22 2.96
N PHE C 179 12.32 -42.03 2.14
CA PHE C 179 11.92 -41.03 1.15
C PHE C 179 11.92 -41.62 -0.26
N ASN C 180 10.87 -41.30 -1.03
CA ASN C 180 10.81 -41.60 -2.45
C ASN C 180 10.89 -40.31 -3.27
N PRO C 181 12.10 -39.97 -3.75
CA PRO C 181 12.31 -38.70 -4.47
C PRO C 181 11.50 -38.64 -5.77
N VAL C 182 11.16 -37.43 -6.20
CA VAL C 182 10.36 -37.26 -7.42
C VAL C 182 11.15 -36.60 -8.54
N SER C 183 10.79 -36.95 -9.78
CA SER C 183 11.26 -36.22 -10.94
C SER C 183 10.23 -35.17 -11.32
N LEU C 184 10.71 -34.00 -11.70
CA LEU C 184 9.86 -32.88 -12.06
C LEU C 184 9.96 -32.56 -13.54
N TRP C 185 8.81 -32.34 -14.16
CA TRP C 185 8.77 -31.91 -15.55
C TRP C 185 8.53 -30.41 -15.64
N ALA C 186 9.44 -29.72 -16.32
CA ALA C 186 9.45 -28.27 -16.37
C ALA C 186 9.20 -27.77 -17.79
N ASN C 187 7.97 -27.33 -18.05
CA ASN C 187 7.57 -26.74 -19.32
C ASN C 187 7.08 -25.32 -19.10
N PRO C 188 7.85 -24.32 -19.56
CA PRO C 188 7.47 -22.91 -19.37
C PRO C 188 6.20 -22.46 -20.12
N LYS C 189 5.66 -23.32 -20.97
CA LYS C 189 4.45 -22.97 -21.75
C LYS C 189 3.17 -23.12 -20.94
N TYR C 190 3.27 -23.75 -19.78
CA TYR C 190 2.16 -23.82 -18.83
C TYR C 190 2.47 -22.93 -17.65
N VAL C 191 1.49 -22.09 -17.28
CA VAL C 191 1.64 -21.18 -16.15
C VAL C 191 0.52 -21.44 -15.15
N ARG C 192 0.91 -21.74 -13.91
CA ARG C 192 -0.03 -22.09 -12.85
C ARG C 192 -0.86 -20.90 -12.37
N ALA C 193 -0.20 -19.76 -12.20
CA ALA C 193 -0.80 -18.59 -11.59
C ALA C 193 -0.16 -17.32 -12.11
N TRP C 194 -0.94 -16.25 -12.13
CA TRP C 194 -0.46 -14.94 -12.55
C TRP C 194 -0.82 -13.88 -11.52
N LYS C 195 -0.10 -12.77 -11.55
CA LYS C 195 -0.37 -11.65 -10.64
C LYS C 195 -1.65 -10.95 -11.06
N GLY C 196 -2.54 -10.77 -10.10
CA GLY C 196 -3.90 -10.33 -10.38
C GLY C 196 -4.83 -11.52 -10.52
N GLY C 197 -4.30 -12.69 -10.15
CA GLY C 197 -5.04 -13.93 -10.22
C GLY C 197 -5.37 -14.42 -8.83
N THR C 198 -5.60 -15.72 -8.71
CA THR C 198 -6.11 -16.32 -7.49
C THR C 198 -5.17 -17.42 -6.96
N GLY C 199 -3.92 -17.38 -7.40
CA GLY C 199 -2.94 -18.42 -7.07
C GLY C 199 -2.51 -18.47 -5.61
N ASP C 200 -2.77 -17.40 -4.88
CA ASP C 200 -2.48 -17.37 -3.45
C ASP C 200 -3.69 -17.80 -2.63
N CYS C 201 -4.73 -18.29 -3.31
CA CYS C 201 -5.92 -18.84 -2.65
C CYS C 201 -6.10 -20.30 -3.02
N LYS C 202 -6.80 -21.04 -2.16
CA LYS C 202 -7.08 -22.43 -2.43
C LYS C 202 -8.45 -22.59 -3.07
N MET C 203 -8.68 -21.78 -4.11
CA MET C 203 -9.87 -21.86 -4.92
C MET C 203 -9.70 -22.94 -5.95
N GLY C 204 -10.76 -23.72 -6.17
CA GLY C 204 -10.72 -24.89 -7.05
C GLY C 204 -10.25 -24.62 -8.47
N GLY C 205 -10.57 -23.43 -8.97
CA GLY C 205 -10.19 -23.00 -10.32
C GLY C 205 -8.70 -23.07 -10.62
N ASN C 206 -7.88 -22.99 -9.58
CA ASN C 206 -6.42 -23.03 -9.72
C ASN C 206 -5.89 -24.41 -10.11
N TYR C 207 -6.73 -25.44 -9.95
CA TYR C 207 -6.28 -26.82 -10.00
C TYR C 207 -6.73 -27.59 -11.23
N GLY C 208 -7.90 -27.23 -11.77
CA GLY C 208 -8.43 -27.90 -12.96
C GLY C 208 -7.49 -27.74 -14.13
N SER C 209 -6.91 -26.55 -14.20
CA SER C 209 -5.95 -26.14 -15.20
C SER C 209 -4.58 -26.82 -15.07
N SER C 210 -4.45 -27.68 -14.06
CA SER C 210 -3.18 -28.36 -13.73
C SER C 210 -3.08 -29.75 -14.32
N LEU C 211 -4.23 -30.42 -14.46
CA LEU C 211 -4.29 -31.85 -14.80
C LEU C 211 -3.61 -32.21 -16.12
N PHE C 212 -3.75 -31.35 -17.13
CA PHE C 212 -3.14 -31.58 -18.43
C PHE C 212 -1.62 -31.64 -18.29
N ALA C 213 -1.05 -30.66 -17.58
CA ALA C 213 0.38 -30.57 -17.31
C ALA C 213 0.92 -31.79 -16.54
N GLN C 214 0.17 -32.24 -15.52
CA GLN C 214 0.51 -33.45 -14.78
C GLN C 214 0.52 -34.71 -15.66
N CYS C 215 -0.47 -34.83 -16.54
CA CYS C 215 -0.53 -35.96 -17.49
C CYS C 215 0.67 -35.98 -18.44
N GLU C 216 1.05 -34.81 -18.95
CA GLU C 216 2.22 -34.67 -19.81
C GLU C 216 3.49 -35.03 -19.05
N ASP C 217 3.48 -34.65 -17.77
CA ASP C 217 4.48 -35.00 -16.80
C ASP C 217 4.73 -36.51 -16.72
N VAL C 218 3.67 -37.26 -16.42
CA VAL C 218 3.75 -38.72 -16.28
C VAL C 218 4.08 -39.43 -17.60
N ASP C 219 3.61 -38.87 -18.72
CA ASP C 219 3.96 -39.36 -20.05
C ASP C 219 5.49 -39.37 -20.25
N ASN C 220 6.17 -38.43 -19.58
CA ASN C 220 7.62 -38.29 -19.69
C ASN C 220 8.38 -38.84 -18.48
N GLY C 221 7.74 -39.72 -17.72
CA GLY C 221 8.39 -40.42 -16.60
C GLY C 221 8.57 -39.60 -15.33
N CYS C 222 7.93 -38.43 -15.29
CA CYS C 222 8.00 -37.55 -14.12
C CYS C 222 6.77 -37.69 -13.23
N GLN C 223 6.90 -37.28 -11.97
CA GLN C 223 5.88 -37.49 -10.95
C GLN C 223 5.09 -36.21 -10.62
N GLN C 224 5.71 -35.06 -10.82
CA GLN C 224 5.08 -33.75 -10.56
C GLN C 224 5.56 -32.70 -11.55
N VAL C 225 4.82 -31.60 -11.64
CA VAL C 225 5.15 -30.49 -12.52
C VAL C 225 5.93 -29.44 -11.73
N LEU C 226 7.00 -28.92 -12.34
CA LEU C 226 7.68 -27.75 -11.80
C LEU C 226 7.10 -26.52 -12.48
N TRP C 227 6.39 -25.69 -11.71
CA TRP C 227 5.71 -24.52 -12.24
C TRP C 227 6.67 -23.34 -12.42
N LEU C 228 6.87 -22.97 -13.69
CA LEU C 228 7.76 -21.87 -14.05
C LEU C 228 6.97 -20.60 -14.35
N TYR C 229 7.53 -19.45 -13.99
CA TYR C 229 6.86 -18.17 -14.22
C TYR C 229 7.78 -17.09 -14.79
N GLY C 230 7.27 -16.34 -15.75
CA GLY C 230 7.92 -15.14 -16.24
C GLY C 230 9.00 -15.38 -17.27
N ARG C 231 9.51 -14.29 -17.82
CA ARG C 231 10.58 -14.33 -18.82
C ARG C 231 11.90 -14.91 -18.29
N ASP C 232 12.17 -14.73 -16.99
CA ASP C 232 13.37 -15.28 -16.37
C ASP C 232 13.22 -16.74 -15.92
N HIS C 233 12.04 -17.32 -16.13
CA HIS C 233 11.72 -18.71 -15.76
C HIS C 233 11.94 -18.97 -14.27
N GLN C 234 11.27 -18.19 -13.43
CA GLN C 234 11.39 -18.44 -12.01
C GLN C 234 10.63 -19.69 -11.58
N ILE C 235 11.24 -20.40 -10.63
CA ILE C 235 10.69 -21.63 -10.08
C ILE C 235 9.76 -21.25 -8.95
N THR C 236 8.51 -21.67 -9.03
CA THR C 236 7.50 -21.20 -8.09
C THR C 236 7.03 -22.29 -7.15
N GLU C 237 6.36 -23.30 -7.71
CA GLU C 237 5.79 -24.38 -6.93
C GLU C 237 6.05 -25.72 -7.59
N VAL C 238 6.08 -26.76 -6.79
CA VAL C 238 6.25 -28.12 -7.30
C VAL C 238 4.94 -28.86 -7.12
N GLY C 239 4.18 -28.97 -8.21
CA GLY C 239 2.82 -29.53 -8.16
C GLY C 239 1.95 -28.71 -7.23
N THR C 240 1.38 -29.37 -6.24
CA THR C 240 0.55 -28.72 -5.23
C THR C 240 1.35 -28.48 -3.94
N MET C 241 2.65 -28.32 -4.10
CA MET C 241 3.54 -28.09 -2.96
C MET C 241 4.37 -26.82 -3.14
N ASN C 242 4.77 -26.23 -2.02
CA ASN C 242 5.69 -25.12 -2.03
C ASN C 242 7.11 -25.61 -2.27
N LEU C 243 7.96 -24.73 -2.81
CA LEU C 243 9.30 -25.12 -3.24
C LEU C 243 10.40 -24.60 -2.31
N PHE C 244 11.24 -25.51 -1.81
CA PHE C 244 12.41 -25.12 -1.02
C PHE C 244 13.72 -25.52 -1.68
N LEU C 245 14.69 -24.62 -1.63
CA LEU C 245 16.04 -24.86 -2.16
C LEU C 245 17.07 -24.69 -1.05
N TYR C 246 17.80 -25.77 -0.76
CA TYR C 246 18.90 -25.74 0.20
C TYR C 246 20.20 -25.77 -0.57
N TRP C 247 20.96 -24.68 -0.45
CA TRP C 247 22.09 -24.46 -1.34
C TRP C 247 23.08 -23.45 -0.76
N ILE C 248 24.23 -23.34 -1.42
CA ILE C 248 25.13 -22.23 -1.20
C ILE C 248 24.74 -21.16 -2.21
N ASN C 249 24.33 -19.99 -1.71
CA ASN C 249 23.88 -18.91 -2.58
C ASN C 249 25.04 -18.18 -3.28
N GLU C 250 24.72 -17.08 -3.95
CA GLU C 250 25.67 -16.38 -4.83
C GLU C 250 26.79 -15.68 -4.06
N ASP C 251 26.50 -15.33 -2.80
CA ASP C 251 27.46 -14.67 -1.91
C ASP C 251 28.31 -15.66 -1.12
N GLY C 252 28.19 -16.95 -1.45
CA GLY C 252 28.94 -18.02 -0.80
C GLY C 252 28.39 -18.45 0.55
N GLU C 253 27.14 -18.06 0.83
CA GLU C 253 26.49 -18.39 2.10
C GLU C 253 25.55 -19.58 1.96
N GLU C 254 25.59 -20.47 2.95
CA GLU C 254 24.61 -21.55 3.03
C GLU C 254 23.23 -20.96 3.33
N GLU C 255 22.23 -21.39 2.55
CA GLU C 255 20.94 -20.72 2.55
C GLU C 255 19.77 -21.70 2.32
N LEU C 256 18.69 -21.51 3.09
CA LEU C 256 17.40 -22.08 2.72
C LEU C 256 16.56 -21.00 2.03
N ALA C 257 16.24 -21.25 0.76
CA ALA C 257 15.52 -20.29 -0.07
C ALA C 257 14.18 -20.82 -0.56
N THR C 258 13.18 -19.94 -0.60
CA THR C 258 11.84 -20.26 -1.08
C THR C 258 11.23 -19.00 -1.73
N PRO C 259 10.47 -19.17 -2.83
CA PRO C 259 9.84 -18.02 -3.49
C PRO C 259 8.94 -17.20 -2.56
N PRO C 260 8.92 -15.86 -2.75
CA PRO C 260 8.17 -14.95 -1.88
C PRO C 260 6.68 -14.91 -2.21
N LEU C 261 5.89 -14.43 -1.25
CA LEU C 261 4.43 -14.39 -1.39
C LEU C 261 3.98 -13.13 -2.12
N ASP C 262 4.34 -13.03 -3.40
CA ASP C 262 4.04 -11.86 -4.20
C ASP C 262 2.78 -12.02 -5.06
N GLY C 263 2.02 -13.09 -4.83
CA GLY C 263 0.73 -13.25 -5.49
C GLY C 263 0.54 -14.57 -6.24
N ILE C 264 1.63 -15.21 -6.62
CA ILE C 264 1.57 -16.42 -7.42
C ILE C 264 1.95 -17.69 -6.64
N ILE C 265 2.15 -17.56 -5.34
CA ILE C 265 2.50 -18.68 -4.47
C ILE C 265 1.43 -18.86 -3.39
N LEU C 266 0.97 -20.10 -3.22
CA LEU C 266 0.04 -20.43 -2.15
C LEU C 266 0.80 -20.41 -0.81
N PRO C 267 0.33 -19.61 0.16
CA PRO C 267 1.01 -19.57 1.45
C PRO C 267 0.76 -20.85 2.27
N GLY C 268 1.55 -21.90 2.01
CA GLY C 268 1.39 -23.16 2.72
C GLY C 268 1.64 -23.02 4.21
N VAL C 269 0.91 -23.80 5.03
CA VAL C 269 1.23 -23.81 6.46
C VAL C 269 2.51 -24.60 6.76
N THR C 270 2.76 -25.68 6.01
CA THR C 270 4.01 -26.43 6.10
C THR C 270 5.20 -25.51 5.77
N ARG C 271 5.05 -24.75 4.69
CA ARG C 271 5.99 -23.67 4.30
C ARG C 271 6.25 -22.70 5.46
N ARG C 272 5.17 -22.16 6.03
CA ARG C 272 5.25 -21.29 7.20
C ARG C 272 6.03 -21.95 8.36
N CYS C 273 5.67 -23.20 8.69
CA CYS C 273 6.35 -23.94 9.76
C CYS C 273 7.85 -24.16 9.51
N ILE C 274 8.21 -24.54 8.29
CA ILE C 274 9.61 -24.76 7.88
C ILE C 274 10.44 -23.45 8.03
N LEU C 275 9.91 -22.35 7.50
CA LEU C 275 10.50 -21.03 7.67
C LEU C 275 10.69 -20.67 9.15
N ASP C 276 9.64 -20.85 9.95
CA ASP C 276 9.70 -20.63 11.39
C ASP C 276 10.82 -21.41 12.05
N LEU C 277 10.86 -22.71 11.77
CA LEU C 277 11.89 -23.63 12.26
C LEU C 277 13.30 -23.20 11.87
N ALA C 278 13.51 -22.98 10.57
CA ALA C 278 14.82 -22.58 10.04
C ALA C 278 15.30 -21.23 10.60
N HIS C 279 14.38 -20.30 10.81
CA HIS C 279 14.69 -19.03 11.48
C HIS C 279 15.12 -19.25 12.93
N GLN C 280 14.34 -20.07 13.64
CA GLN C 280 14.62 -20.41 15.03
C GLN C 280 15.97 -21.15 15.21
N TRP C 281 16.30 -22.05 14.30
CA TRP C 281 17.57 -22.78 14.34
C TRP C 281 18.80 -21.88 14.23
N GLY C 282 18.73 -20.87 13.36
CA GLY C 282 19.80 -19.89 13.21
C GLY C 282 21.13 -20.48 12.81
N GLU C 283 21.08 -21.53 11.98
CA GLU C 283 22.27 -22.26 11.54
C GLU C 283 22.67 -21.90 10.11
N PHE C 284 21.71 -21.36 9.35
CA PHE C 284 21.94 -20.94 7.97
C PHE C 284 21.05 -19.76 7.64
N LYS C 285 21.38 -19.06 6.55
CA LYS C 285 20.54 -17.97 6.05
C LYS C 285 19.19 -18.52 5.57
N VAL C 286 18.13 -17.78 5.86
CA VAL C 286 16.78 -18.12 5.44
C VAL C 286 16.29 -16.97 4.55
N SER C 287 16.01 -17.28 3.28
CA SER C 287 15.65 -16.23 2.30
C SER C 287 14.40 -16.53 1.50
N GLU C 288 13.35 -15.74 1.71
CA GLU C 288 12.27 -15.67 0.73
C GLU C 288 12.82 -14.81 -0.41
N ARG C 289 13.00 -15.43 -1.57
CA ARG C 289 13.65 -14.77 -2.69
C ARG C 289 13.28 -15.47 -3.98
N TYR C 290 13.44 -14.75 -5.08
CA TYR C 290 13.22 -15.31 -6.40
C TYR C 290 14.33 -16.27 -6.77
N LEU C 291 13.94 -17.37 -7.40
CA LEU C 291 14.82 -18.45 -7.79
C LEU C 291 14.48 -18.79 -9.24
N THR C 292 15.46 -18.71 -10.13
CA THR C 292 15.24 -19.03 -11.55
C THR C 292 15.93 -20.34 -11.95
N MET C 293 15.58 -20.86 -13.13
CA MET C 293 16.21 -22.06 -13.66
C MET C 293 17.72 -21.85 -13.86
N ASP C 294 18.09 -20.67 -14.34
CA ASP C 294 19.49 -20.29 -14.50
C ASP C 294 20.24 -20.21 -13.17
N ASP C 295 19.63 -19.64 -12.14
CA ASP C 295 20.19 -19.66 -10.78
C ASP C 295 20.54 -21.08 -10.36
N LEU C 296 19.60 -22.00 -10.59
CA LEU C 296 19.70 -23.40 -10.19
C LEU C 296 20.78 -24.07 -11.02
N THR C 297 20.66 -23.89 -12.32
CA THR C 297 21.60 -24.40 -13.33
C THR C 297 23.06 -24.03 -13.04
N THR C 298 23.33 -22.76 -12.75
CA THR C 298 24.73 -22.36 -12.52
C THR C 298 25.22 -22.75 -11.12
N ALA C 299 24.28 -22.90 -10.18
CA ALA C 299 24.61 -23.41 -8.84
C ALA C 299 24.97 -24.88 -8.89
N LEU C 300 24.25 -25.65 -9.72
CA LEU C 300 24.53 -27.07 -9.89
C LEU C 300 25.87 -27.33 -10.56
N GLU C 301 26.20 -26.52 -11.57
CA GLU C 301 27.52 -26.52 -12.20
C GLU C 301 28.63 -26.30 -11.16
N GLY C 302 28.41 -25.34 -10.27
CA GLY C 302 29.36 -25.03 -9.20
C GLY C 302 29.23 -25.88 -7.93
N ASN C 303 28.51 -27.00 -8.02
CA ASN C 303 28.27 -27.92 -6.90
C ASN C 303 27.73 -27.26 -5.62
N ARG C 304 26.88 -26.24 -5.80
CA ARG C 304 26.40 -25.42 -4.69
C ARG C 304 25.06 -25.89 -4.11
N VAL C 305 24.35 -26.75 -4.84
CA VAL C 305 23.04 -27.23 -4.42
C VAL C 305 23.19 -28.45 -3.51
N ARG C 306 22.48 -28.41 -2.38
CA ARG C 306 22.45 -29.54 -1.45
C ARG C 306 21.16 -30.35 -1.64
N GLU C 307 20.03 -29.68 -1.44
CA GLU C 307 18.73 -30.34 -1.47
C GLU C 307 17.67 -29.46 -2.13
N MET C 308 16.73 -30.13 -2.75
CA MET C 308 15.49 -29.50 -3.18
C MET C 308 14.32 -30.36 -2.73
N PHE C 309 13.31 -29.73 -2.17
CA PHE C 309 12.12 -30.44 -1.73
C PHE C 309 10.89 -29.57 -1.78
N SER C 310 9.76 -30.24 -1.89
CA SER C 310 8.48 -29.60 -1.79
C SER C 310 7.89 -29.83 -0.42
N SER C 311 6.95 -28.98 -0.03
CA SER C 311 6.25 -29.11 1.24
C SER C 311 4.74 -28.98 1.05
N GLY C 312 3.99 -29.80 1.75
CA GLY C 312 2.53 -29.72 1.77
C GLY C 312 1.98 -30.61 2.86
N THR C 313 0.69 -30.46 3.14
CA THR C 313 0.02 -31.24 4.18
C THR C 313 0.04 -32.75 3.90
N ALA C 314 -0.12 -33.15 2.64
CA ALA C 314 -0.09 -34.57 2.27
C ALA C 314 1.22 -35.33 2.52
N CYS C 315 2.37 -34.71 2.23
CA CYS C 315 3.66 -35.40 2.32
C CYS C 315 4.57 -34.88 3.43
N VAL C 316 4.23 -33.71 3.96
CA VAL C 316 5.10 -32.89 4.82
C VAL C 316 6.25 -32.35 3.97
N VAL C 317 7.13 -33.25 3.54
CA VAL C 317 8.30 -32.90 2.75
C VAL C 317 8.51 -33.94 1.65
N CYS C 318 8.86 -33.48 0.45
CA CYS C 318 9.03 -34.39 -0.69
C CYS C 318 10.31 -34.06 -1.48
N PRO C 319 11.37 -34.89 -1.30
CA PRO C 319 12.64 -34.67 -1.98
C PRO C 319 12.55 -34.71 -3.50
N VAL C 320 13.32 -33.86 -4.16
CA VAL C 320 13.38 -33.80 -5.62
C VAL C 320 14.75 -34.26 -6.10
N SER C 321 14.77 -35.21 -7.04
CA SER C 321 16.03 -35.78 -7.52
C SER C 321 16.42 -35.30 -8.92
N ASP C 322 15.43 -34.98 -9.75
CA ASP C 322 15.66 -34.61 -11.15
C ASP C 322 14.65 -33.59 -11.68
N ILE C 323 15.10 -32.76 -12.62
CA ILE C 323 14.23 -31.84 -13.35
C ILE C 323 14.46 -32.03 -14.85
N LEU C 324 13.38 -32.30 -15.59
CA LEU C 324 13.46 -32.36 -17.04
C LEU C 324 13.05 -31.01 -17.64
N TYR C 325 13.99 -30.39 -18.33
CA TYR C 325 13.86 -29.02 -18.79
C TYR C 325 14.61 -28.88 -20.10
N LYS C 326 13.92 -28.32 -21.11
CA LYS C 326 14.48 -28.10 -22.46
C LYS C 326 15.18 -29.32 -23.05
N GLY C 327 14.62 -30.51 -22.84
CA GLY C 327 15.17 -31.75 -23.39
C GLY C 327 16.31 -32.37 -22.59
N GLU C 328 16.75 -31.68 -21.54
CA GLU C 328 17.81 -32.16 -20.67
C GLU C 328 17.24 -32.77 -19.37
N THR C 329 17.95 -33.77 -18.83
CA THR C 329 17.63 -34.30 -17.49
C THR C 329 18.62 -33.74 -16.49
N ILE C 330 18.15 -32.82 -15.65
CA ILE C 330 18.99 -32.10 -14.70
C ILE C 330 18.93 -32.79 -13.34
N HIS C 331 20.05 -33.34 -12.89
CA HIS C 331 20.07 -34.06 -11.63
C HIS C 331 20.20 -33.10 -10.45
N ILE C 332 19.42 -33.37 -9.40
CA ILE C 332 19.50 -32.65 -8.14
C ILE C 332 20.03 -33.63 -7.08
N PRO C 333 21.15 -33.27 -6.41
CA PRO C 333 21.87 -34.18 -5.50
C PRO C 333 21.22 -34.32 -4.12
N THR C 334 19.91 -34.14 -4.04
CA THR C 334 19.16 -34.18 -2.79
C THR C 334 19.41 -35.46 -2.00
N MET C 335 19.31 -36.60 -2.68
CA MET C 335 19.41 -37.91 -2.02
C MET C 335 20.83 -38.31 -1.64
N GLU C 336 21.82 -37.81 -2.38
CA GLU C 336 23.22 -38.06 -2.02
C GLU C 336 23.76 -37.06 -1.00
N ASN C 337 22.89 -36.16 -0.53
CA ASN C 337 23.18 -35.27 0.59
C ASN C 337 22.32 -35.60 1.82
N GLY C 338 21.93 -36.86 1.93
CA GLY C 338 21.09 -37.31 3.06
C GLY C 338 19.74 -37.86 2.62
N PRO C 339 18.75 -36.98 2.38
CA PRO C 339 18.80 -35.53 2.48
C PRO C 339 18.70 -35.09 3.94
N LYS C 340 19.77 -34.44 4.42
CA LYS C 340 19.88 -34.06 5.82
C LYS C 340 18.78 -33.11 6.31
N LEU C 341 18.58 -32.00 5.59
CA LEU C 341 17.61 -30.99 6.03
C LEU C 341 16.17 -31.47 5.87
N ALA C 342 15.88 -32.12 4.74
CA ALA C 342 14.56 -32.70 4.49
C ALA C 342 14.15 -33.68 5.59
N SER C 343 15.08 -34.57 5.97
CA SER C 343 14.87 -35.53 7.05
C SER C 343 14.62 -34.87 8.39
N ARG C 344 15.42 -33.85 8.69
CA ARG C 344 15.33 -33.10 9.95
C ARG C 344 13.95 -32.46 10.13
N ILE C 345 13.47 -31.81 9.05
CA ILE C 345 12.14 -31.19 9.00
C ILE C 345 11.02 -32.23 9.16
N LEU C 346 11.11 -33.30 8.37
CA LEU C 346 10.12 -34.39 8.45
C LEU C 346 10.06 -34.92 9.90
N SER C 347 11.21 -35.21 10.50
CA SER C 347 11.28 -35.64 11.91
C SER C 347 10.71 -34.61 12.88
N LYS C 348 11.14 -33.35 12.77
CA LYS C 348 10.61 -32.28 13.63
C LYS C 348 9.10 -32.19 13.59
N LEU C 349 8.55 -32.02 12.38
CA LEU C 349 7.10 -31.83 12.22
C LEU C 349 6.29 -33.07 12.64
N THR C 350 6.78 -34.26 12.27
CA THR C 350 6.20 -35.53 12.71
C THR C 350 6.16 -35.62 14.24
N ASP C 351 7.28 -35.29 14.89
CA ASP C 351 7.39 -35.35 16.35
C ASP C 351 6.41 -34.42 17.03
N ILE C 352 6.22 -33.22 16.47
CA ILE C 352 5.23 -32.27 16.99
C ILE C 352 3.81 -32.80 16.77
N GLN C 353 3.52 -33.27 15.55
CA GLN C 353 2.19 -33.71 15.17
C GLN C 353 1.70 -34.90 16.02
N TYR C 354 2.60 -35.82 16.32
CA TYR C 354 2.29 -37.04 17.08
C TYR C 354 2.55 -36.89 18.59
N GLY C 355 2.76 -35.65 19.03
CA GLY C 355 2.85 -35.32 20.44
C GLY C 355 4.10 -35.81 21.16
N ARG C 356 5.11 -36.23 20.40
CA ARG C 356 6.39 -36.64 20.98
C ARG C 356 7.11 -35.41 21.53
N GLU C 357 6.64 -34.25 21.11
CA GLU C 357 7.24 -32.96 21.43
C GLU C 357 6.12 -31.94 21.65
N GLU C 358 6.25 -31.14 22.72
CA GLU C 358 5.27 -30.10 23.02
C GLU C 358 5.53 -28.86 22.19
N SER C 359 4.47 -28.30 21.63
CA SER C 359 4.53 -27.07 20.83
C SER C 359 3.13 -26.49 20.79
N ASP C 360 3.04 -25.15 20.75
CA ASP C 360 1.75 -24.47 20.64
C ASP C 360 1.06 -24.69 19.28
N TRP C 361 1.77 -25.32 18.34
CA TRP C 361 1.23 -25.64 17.02
C TRP C 361 0.16 -26.73 17.01
N THR C 362 0.02 -27.47 18.11
CA THR C 362 -0.98 -28.54 18.18
C THR C 362 -2.06 -28.28 19.22
N ILE C 363 -3.28 -28.69 18.89
CA ILE C 363 -4.40 -28.68 19.84
C ILE C 363 -4.95 -30.09 19.99
N VAL C 364 -5.06 -30.55 21.23
CA VAL C 364 -5.71 -31.81 21.56
C VAL C 364 -7.21 -31.58 21.43
N LEU C 365 -7.91 -32.45 20.69
CA LEU C 365 -9.34 -32.24 20.48
C LEU C 365 -10.17 -32.21 21.76
N SER C 366 -11.10 -31.25 21.83
CA SER C 366 -11.98 -31.08 22.98
C SER C 366 -13.24 -31.91 22.85
N VAL D 1 -13.82 -49.39 -22.47
CA VAL D 1 -14.14 -50.18 -23.70
C VAL D 1 -14.82 -49.34 -24.80
N VAL D 2 -15.80 -48.52 -24.42
CA VAL D 2 -16.60 -47.75 -25.39
C VAL D 2 -16.16 -46.28 -25.52
N GLY D 3 -15.68 -45.96 -26.73
CA GLY D 3 -15.05 -44.66 -27.03
C GLY D 3 -16.02 -43.49 -27.05
N THR D 4 -17.28 -43.77 -27.34
CA THR D 4 -18.33 -42.75 -27.33
C THR D 4 -19.72 -43.32 -27.07
N PHE D 5 -20.56 -42.51 -26.43
CA PHE D 5 -21.99 -42.76 -26.38
C PHE D 5 -22.55 -42.53 -27.78
N LYS D 6 -23.69 -43.13 -28.08
CA LYS D 6 -24.30 -42.99 -29.40
C LYS D 6 -25.74 -42.55 -29.26
N ALA D 7 -26.14 -41.63 -30.14
CA ALA D 7 -27.52 -41.15 -30.19
C ALA D 7 -28.50 -42.28 -30.47
N LYS D 8 -28.03 -43.29 -31.22
CA LYS D 8 -28.76 -44.54 -31.47
C LYS D 8 -29.23 -45.20 -30.18
N ASP D 9 -28.41 -45.11 -29.14
CA ASP D 9 -28.66 -45.78 -27.86
C ASP D 9 -29.51 -44.98 -26.87
N LEU D 10 -29.93 -43.78 -27.27
CA LEU D 10 -30.65 -42.84 -26.42
C LEU D 10 -31.82 -43.51 -25.70
N ILE D 11 -31.87 -43.33 -24.38
CA ILE D 11 -32.95 -43.84 -23.55
C ILE D 11 -33.73 -42.64 -23.01
N VAL D 12 -34.97 -42.50 -23.46
CA VAL D 12 -35.75 -41.31 -23.08
C VAL D 12 -36.89 -41.64 -22.13
N THR D 13 -36.90 -40.89 -21.03
CA THR D 13 -37.85 -41.03 -19.94
C THR D 13 -38.64 -39.73 -19.82
N PRO D 14 -39.79 -39.64 -20.51
CA PRO D 14 -40.64 -38.45 -20.42
C PRO D 14 -41.10 -38.11 -19.00
N ALA D 15 -41.18 -36.81 -18.72
CA ALA D 15 -41.82 -36.31 -17.51
C ALA D 15 -43.31 -36.64 -17.57
N THR D 16 -43.89 -37.01 -16.43
CA THR D 16 -45.31 -37.35 -16.40
C THR D 16 -46.16 -36.13 -16.09
N ILE D 17 -45.52 -35.10 -15.54
CA ILE D 17 -46.14 -33.80 -15.32
C ILE D 17 -45.33 -32.76 -16.08
N LEU D 18 -46.00 -31.94 -16.89
CA LEU D 18 -45.30 -30.92 -17.67
C LEU D 18 -45.50 -29.53 -17.09
N LYS D 19 -44.44 -28.72 -17.12
CA LYS D 19 -44.46 -27.37 -16.58
C LYS D 19 -45.03 -26.36 -17.56
N GLU D 20 -45.65 -25.31 -17.03
CA GLU D 20 -46.09 -24.20 -17.86
C GLU D 20 -44.90 -23.38 -18.35
N LYS D 21 -44.96 -22.95 -19.61
CA LYS D 21 -43.90 -22.15 -20.23
C LYS D 21 -43.97 -20.71 -19.71
N PRO D 22 -42.82 -20.02 -19.64
CA PRO D 22 -42.83 -18.64 -19.18
C PRO D 22 -43.18 -17.65 -20.28
N ASP D 23 -43.52 -16.42 -19.90
CA ASP D 23 -43.76 -15.33 -20.83
C ASP D 23 -42.43 -14.99 -21.52
N PRO D 24 -42.35 -15.11 -22.87
CA PRO D 24 -41.12 -14.76 -23.58
C PRO D 24 -40.69 -13.31 -23.42
N ASN D 25 -41.64 -12.43 -23.05
CA ASN D 25 -41.35 -11.00 -22.86
C ASN D 25 -40.86 -10.68 -21.45
N ASN D 26 -40.88 -11.68 -20.57
CA ASN D 26 -40.42 -11.53 -19.19
C ASN D 26 -39.40 -12.61 -18.76
N LEU D 27 -38.39 -12.85 -19.60
CA LEU D 27 -37.38 -13.86 -19.33
C LEU D 27 -36.10 -13.24 -18.76
N VAL D 28 -35.64 -13.78 -17.63
CA VAL D 28 -34.32 -13.45 -17.06
C VAL D 28 -33.39 -14.62 -17.40
N PHE D 29 -32.24 -14.31 -18.00
CA PHE D 29 -31.31 -15.32 -18.51
C PHE D 29 -30.93 -16.38 -17.46
N GLY D 30 -31.09 -17.64 -17.83
CA GLY D 30 -30.51 -18.76 -17.08
C GLY D 30 -31.20 -19.11 -15.77
N THR D 31 -32.44 -18.64 -15.59
CA THR D 31 -33.17 -18.85 -14.34
C THR D 31 -34.35 -19.83 -14.46
N VAL D 32 -34.94 -19.96 -15.65
CA VAL D 32 -35.98 -20.98 -15.82
C VAL D 32 -35.50 -22.10 -16.73
N PHE D 33 -35.78 -23.34 -16.32
CA PHE D 33 -35.32 -24.50 -17.05
C PHE D 33 -36.50 -25.31 -17.57
N THR D 34 -36.27 -26.04 -18.65
CA THR D 34 -37.31 -26.81 -19.33
C THR D 34 -37.62 -28.12 -18.59
N ASP D 35 -38.42 -28.98 -19.20
CA ASP D 35 -38.89 -30.21 -18.57
C ASP D 35 -37.82 -31.28 -18.46
N HIS D 36 -36.95 -31.36 -19.47
CA HIS D 36 -36.01 -32.47 -19.63
C HIS D 36 -34.55 -32.03 -19.70
N MET D 37 -33.66 -33.01 -19.48
CA MET D 37 -32.22 -32.82 -19.54
C MET D 37 -31.58 -34.05 -20.19
N LEU D 38 -30.41 -33.87 -20.78
CA LEU D 38 -29.59 -35.01 -21.22
C LEU D 38 -28.55 -35.32 -20.16
N THR D 39 -28.30 -36.61 -19.92
CA THR D 39 -27.22 -37.05 -19.04
C THR D 39 -26.48 -38.23 -19.65
N VAL D 40 -25.16 -38.21 -19.58
CA VAL D 40 -24.32 -39.35 -19.98
C VAL D 40 -23.21 -39.64 -18.95
N GLU D 41 -23.21 -40.86 -18.41
CA GLU D 41 -22.17 -41.29 -17.47
C GLU D 41 -20.96 -41.87 -18.20
N TRP D 42 -19.78 -41.67 -17.61
CA TRP D 42 -18.55 -42.27 -18.09
C TRP D 42 -17.71 -42.80 -16.92
N SER D 43 -17.02 -43.91 -17.14
CA SER D 43 -16.02 -44.40 -16.20
C SER D 43 -14.85 -44.90 -17.03
N SER D 44 -13.64 -44.89 -16.46
CA SER D 44 -12.46 -45.44 -17.15
C SER D 44 -12.57 -46.96 -17.35
N GLU D 45 -13.29 -47.63 -16.47
CA GLU D 45 -13.43 -49.09 -16.52
C GLU D 45 -14.34 -49.55 -17.67
N PHE D 46 -15.51 -48.92 -17.79
CA PHE D 46 -16.52 -49.33 -18.77
C PHE D 46 -16.72 -48.34 -19.92
N GLY D 47 -16.06 -47.18 -19.84
CA GLY D 47 -16.22 -46.15 -20.87
C GLY D 47 -17.56 -45.42 -20.77
N TRP D 48 -18.06 -44.97 -21.90
CA TRP D 48 -19.31 -44.23 -21.98
C TRP D 48 -20.52 -45.15 -21.83
N GLU D 49 -21.41 -44.77 -20.93
CA GLU D 49 -22.70 -45.40 -20.76
C GLU D 49 -23.65 -44.92 -21.87
N LYS D 50 -24.84 -45.52 -21.95
CA LYS D 50 -25.86 -45.06 -22.89
C LYS D 50 -26.39 -43.69 -22.44
N PRO D 51 -26.67 -42.80 -23.41
CA PRO D 51 -27.17 -41.47 -23.06
C PRO D 51 -28.65 -41.48 -22.68
N HIS D 52 -29.01 -40.63 -21.73
CA HIS D 52 -30.38 -40.53 -21.25
C HIS D 52 -30.94 -39.12 -21.44
N ILE D 53 -32.15 -39.05 -22.00
CA ILE D 53 -32.96 -37.85 -21.88
C ILE D 53 -34.01 -38.15 -20.82
N LYS D 54 -34.09 -37.32 -19.80
CA LYS D 54 -34.97 -37.59 -18.67
C LYS D 54 -35.43 -36.28 -18.03
N PRO D 55 -36.41 -36.34 -17.09
CA PRO D 55 -36.87 -35.10 -16.47
C PRO D 55 -35.72 -34.37 -15.77
N LEU D 56 -35.73 -33.06 -15.87
CA LEU D 56 -34.80 -32.22 -15.15
C LEU D 56 -34.89 -32.58 -13.67
N GLN D 57 -33.72 -32.78 -13.06
CA GLN D 57 -33.63 -33.20 -11.67
C GLN D 57 -32.27 -32.83 -11.11
N ASN D 58 -32.14 -32.79 -9.79
CA ASN D 58 -30.86 -32.62 -9.13
C ASN D 58 -29.88 -33.73 -9.49
N LEU D 59 -28.59 -33.39 -9.46
CA LEU D 59 -27.54 -34.36 -9.65
C LEU D 59 -27.15 -34.94 -8.29
N SER D 60 -27.03 -36.27 -8.23
CA SER D 60 -26.56 -36.96 -7.04
C SER D 60 -25.07 -37.19 -7.22
N LEU D 61 -24.27 -36.44 -6.48
CA LEU D 61 -22.83 -36.45 -6.66
C LEU D 61 -22.13 -36.80 -5.36
N HIS D 62 -21.21 -37.77 -5.44
CA HIS D 62 -20.30 -38.04 -4.34
C HIS D 62 -19.65 -36.71 -3.92
N PRO D 63 -19.60 -36.41 -2.61
CA PRO D 63 -19.06 -35.13 -2.18
C PRO D 63 -17.57 -34.91 -2.49
N GLY D 64 -16.87 -35.98 -2.88
CA GLY D 64 -15.47 -35.92 -3.30
C GLY D 64 -15.28 -35.61 -4.78
N SER D 65 -16.39 -35.47 -5.51
CA SER D 65 -16.36 -35.19 -6.96
C SER D 65 -15.39 -34.07 -7.34
N SER D 66 -14.45 -34.37 -8.24
CA SER D 66 -13.36 -33.46 -8.53
C SER D 66 -13.81 -32.12 -9.14
N ALA D 67 -14.99 -32.09 -9.75
CA ALA D 67 -15.59 -30.84 -10.22
C ALA D 67 -15.83 -29.84 -9.09
N LEU D 68 -16.00 -30.37 -7.87
CA LEU D 68 -16.27 -29.55 -6.67
C LEU D 68 -15.01 -29.15 -5.90
N HIS D 69 -13.91 -29.85 -6.13
CA HIS D 69 -12.66 -29.58 -5.42
C HIS D 69 -11.62 -28.90 -6.31
N TYR D 70 -11.44 -29.44 -7.52
CA TYR D 70 -10.37 -29.01 -8.42
C TYR D 70 -10.87 -28.45 -9.76
N ALA D 71 -12.13 -28.02 -9.79
CA ALA D 71 -12.72 -27.38 -10.97
C ALA D 71 -12.54 -28.18 -12.25
N VAL D 72 -12.73 -29.49 -12.14
CA VAL D 72 -12.63 -30.39 -13.28
C VAL D 72 -13.98 -30.34 -13.99
N GLU D 73 -14.09 -29.38 -14.91
CA GLU D 73 -15.37 -29.03 -15.51
C GLU D 73 -15.20 -28.10 -16.71
N LEU D 74 -16.16 -28.18 -17.62
CA LEU D 74 -16.25 -27.23 -18.73
C LEU D 74 -17.70 -27.09 -19.20
N PHE D 75 -17.97 -26.06 -19.97
CA PHE D 75 -19.32 -25.83 -20.48
C PHE D 75 -19.32 -25.28 -21.90
N GLU D 76 -20.51 -25.28 -22.50
CA GLU D 76 -20.75 -24.57 -23.73
C GLU D 76 -22.03 -23.75 -23.63
N GLY D 77 -22.24 -22.93 -24.64
CA GLY D 77 -23.44 -22.13 -24.73
C GLY D 77 -23.75 -21.90 -26.19
N LEU D 78 -24.90 -22.39 -26.60
CA LEU D 78 -25.45 -22.18 -27.93
C LEU D 78 -26.96 -22.10 -27.86
N LYS D 79 -27.62 -21.80 -28.98
CA LYS D 79 -29.04 -21.50 -28.95
C LYS D 79 -29.85 -22.16 -30.07
N ALA D 80 -31.12 -22.40 -29.78
CA ALA D 80 -32.12 -22.80 -30.79
C ALA D 80 -33.06 -21.63 -31.05
N PHE D 81 -33.40 -21.42 -32.32
CA PHE D 81 -34.23 -20.28 -32.72
C PHE D 81 -35.48 -20.75 -33.48
N ARG D 82 -36.66 -20.31 -33.06
CA ARG D 82 -37.88 -20.56 -33.83
C ARG D 82 -38.02 -19.51 -34.93
N GLY D 83 -37.88 -19.96 -36.18
CA GLY D 83 -37.79 -19.05 -37.32
C GLY D 83 -39.07 -18.33 -37.69
N VAL D 84 -38.97 -17.39 -38.63
CA VAL D 84 -40.13 -16.70 -39.19
C VAL D 84 -41.08 -17.66 -39.89
N ASP D 85 -40.53 -18.80 -40.32
CA ASP D 85 -41.28 -19.86 -40.98
C ASP D 85 -41.63 -20.97 -39.98
N ASN D 86 -41.52 -20.67 -38.69
CA ASN D 86 -41.78 -21.63 -37.61
C ASN D 86 -40.91 -22.91 -37.61
N LYS D 87 -39.78 -22.86 -38.30
CA LYS D 87 -38.80 -23.93 -38.21
C LYS D 87 -37.77 -23.59 -37.15
N ILE D 88 -37.45 -24.57 -36.31
CA ILE D 88 -36.43 -24.40 -35.29
C ILE D 88 -35.07 -24.69 -35.90
N ARG D 89 -34.12 -23.78 -35.62
CA ARG D 89 -32.77 -23.85 -36.16
C ARG D 89 -31.71 -23.77 -35.08
N LEU D 90 -30.62 -24.50 -35.28
CA LEU D 90 -29.40 -24.30 -34.51
C LEU D 90 -28.45 -23.45 -35.33
N PHE D 91 -27.60 -22.70 -34.63
CA PHE D 91 -26.67 -21.77 -35.27
C PHE D 91 -25.23 -22.18 -35.00
N GLN D 92 -24.54 -22.59 -36.06
CA GLN D 92 -23.13 -23.00 -36.02
C GLN D 92 -22.80 -24.03 -34.91
N PRO D 93 -23.68 -25.03 -34.69
CA PRO D 93 -23.51 -25.87 -33.50
C PRO D 93 -22.27 -26.76 -33.52
N ASN D 94 -21.76 -27.06 -34.73
CA ASN D 94 -20.54 -27.85 -34.88
C ASN D 94 -19.30 -27.15 -34.33
N LEU D 95 -19.28 -25.82 -34.40
CA LEU D 95 -18.19 -25.04 -33.79
C LEU D 95 -18.21 -25.16 -32.26
N ASN D 96 -19.40 -25.26 -31.68
CA ASN D 96 -19.54 -25.48 -30.23
C ASN D 96 -19.09 -26.88 -29.82
N MET D 97 -19.41 -27.87 -30.65
CA MET D 97 -18.95 -29.24 -30.43
C MET D 97 -17.42 -29.34 -30.54
N ASP D 98 -16.85 -28.64 -31.53
CA ASP D 98 -15.41 -28.55 -31.73
C ASP D 98 -14.72 -27.97 -30.49
N ARG D 99 -15.26 -26.86 -30.00
CA ARG D 99 -14.70 -26.15 -28.87
C ARG D 99 -14.84 -26.96 -27.57
N MET D 100 -15.99 -27.62 -27.41
CA MET D 100 -16.23 -28.44 -26.22
C MET D 100 -15.27 -29.62 -26.16
N TYR D 101 -15.08 -30.28 -27.29
CA TYR D 101 -14.12 -31.38 -27.43
C TYR D 101 -12.71 -30.92 -27.07
N ARG D 102 -12.31 -29.76 -27.58
CA ARG D 102 -10.99 -29.18 -27.31
C ARG D 102 -10.79 -28.82 -25.83
N SER D 103 -11.83 -28.27 -25.21
CA SER D 103 -11.80 -27.99 -23.78
C SER D 103 -11.72 -29.29 -22.96
N ALA D 104 -12.37 -30.35 -23.44
CA ALA D 104 -12.35 -31.64 -22.72
C ALA D 104 -10.95 -32.23 -22.65
N VAL D 105 -10.22 -32.16 -23.77
CA VAL D 105 -8.83 -32.60 -23.85
C VAL D 105 -7.98 -31.78 -22.90
N ARG D 106 -8.17 -30.46 -22.93
CA ARG D 106 -7.46 -29.54 -22.05
C ARG D 106 -7.74 -29.84 -20.56
N ALA D 107 -8.98 -30.24 -20.26
CA ALA D 107 -9.40 -30.57 -18.88
C ALA D 107 -9.01 -31.98 -18.44
N THR D 108 -8.66 -32.83 -19.41
CA THR D 108 -8.42 -34.29 -19.26
C THR D 108 -9.71 -35.06 -18.97
N LEU D 109 -10.83 -34.47 -19.38
CA LEU D 109 -12.12 -35.15 -19.33
C LEU D 109 -12.24 -36.07 -20.54
N PRO D 110 -13.05 -37.14 -20.43
CA PRO D 110 -13.08 -38.12 -21.52
C PRO D 110 -13.53 -37.55 -22.85
N VAL D 111 -12.89 -38.02 -23.90
CA VAL D 111 -13.19 -37.65 -25.26
C VAL D 111 -14.49 -38.33 -25.74
N PHE D 112 -15.23 -37.68 -26.64
CA PHE D 112 -16.51 -38.18 -27.14
C PHE D 112 -16.66 -37.86 -28.64
N ASP D 113 -17.62 -38.50 -29.30
CA ASP D 113 -17.90 -38.20 -30.70
C ASP D 113 -18.81 -36.97 -30.81
N LYS D 114 -18.30 -35.96 -31.50
CA LYS D 114 -18.97 -34.65 -31.60
C LYS D 114 -20.32 -34.68 -32.31
N GLU D 115 -20.44 -35.52 -33.33
CA GLU D 115 -21.69 -35.66 -34.07
C GLU D 115 -22.73 -36.42 -33.27
N GLU D 116 -22.28 -37.37 -32.45
CA GLU D 116 -23.18 -38.09 -31.53
C GLU D 116 -23.77 -37.16 -30.47
N LEU D 117 -22.94 -36.29 -29.90
CA LEU D 117 -23.43 -35.33 -28.90
C LEU D 117 -24.41 -34.34 -29.51
N LEU D 118 -24.07 -33.84 -30.71
CA LEU D 118 -24.95 -32.95 -31.43
C LEU D 118 -26.32 -33.59 -31.68
N GLU D 119 -26.34 -34.84 -32.14
CA GLU D 119 -27.61 -35.54 -32.37
C GLU D 119 -28.41 -35.72 -31.07
N CYS D 120 -27.71 -36.02 -29.98
CA CYS D 120 -28.34 -36.12 -28.66
C CYS D 120 -28.95 -34.78 -28.19
N ILE D 121 -28.24 -33.68 -28.45
CA ILE D 121 -28.74 -32.35 -28.14
C ILE D 121 -29.98 -32.02 -29.00
N GLN D 122 -29.90 -32.32 -30.29
CA GLN D 122 -31.04 -32.15 -31.21
C GLN D 122 -32.27 -32.89 -30.75
N GLN D 123 -32.08 -34.13 -30.31
CA GLN D 123 -33.19 -34.94 -29.76
C GLN D 123 -33.79 -34.34 -28.49
N LEU D 124 -32.95 -33.78 -27.61
CA LEU D 124 -33.42 -33.10 -26.40
C LEU D 124 -34.22 -31.84 -26.71
N VAL D 125 -33.70 -31.03 -27.62
CA VAL D 125 -34.39 -29.81 -28.05
C VAL D 125 -35.69 -30.16 -28.78
N LYS D 126 -35.65 -31.21 -29.62
CA LYS D 126 -36.87 -31.68 -30.30
C LYS D 126 -37.94 -32.07 -29.28
N LEU D 127 -37.54 -32.78 -28.23
CA LEU D 127 -38.49 -33.22 -27.20
C LEU D 127 -39.06 -32.04 -26.41
N ASP D 128 -38.23 -31.03 -26.14
CA ASP D 128 -38.67 -29.84 -25.43
C ASP D 128 -38.87 -28.64 -26.37
N GLN D 129 -39.15 -28.92 -27.64
CA GLN D 129 -39.21 -27.88 -28.67
C GLN D 129 -40.22 -26.76 -28.44
N GLU D 130 -41.33 -27.07 -27.76
CA GLU D 130 -42.31 -26.04 -27.40
C GLU D 130 -41.77 -24.98 -26.43
N TRP D 131 -40.62 -25.27 -25.83
CA TRP D 131 -39.90 -24.33 -24.96
C TRP D 131 -39.10 -23.28 -25.76
N VAL D 132 -38.84 -23.56 -27.04
CA VAL D 132 -38.22 -22.57 -27.93
C VAL D 132 -39.26 -21.46 -28.12
N PRO D 133 -38.99 -20.24 -27.59
CA PRO D 133 -40.06 -19.23 -27.53
C PRO D 133 -40.69 -18.84 -28.88
N TYR D 134 -42.00 -18.58 -28.83
CA TYR D 134 -42.73 -18.03 -29.96
C TYR D 134 -42.57 -16.51 -29.96
N SER D 135 -41.38 -16.08 -30.38
CA SER D 135 -40.94 -14.69 -30.33
C SER D 135 -39.71 -14.57 -31.22
N THR D 136 -39.63 -13.51 -32.00
CA THR D 136 -38.47 -13.27 -32.84
C THR D 136 -37.37 -12.50 -32.10
N SER D 137 -37.56 -12.29 -30.80
CA SER D 137 -36.52 -11.66 -29.98
C SER D 137 -36.08 -12.56 -28.81
N ALA D 138 -36.70 -13.73 -28.70
CA ALA D 138 -36.34 -14.72 -27.68
C ALA D 138 -35.89 -16.06 -28.30
N SER D 139 -35.13 -16.85 -27.53
CA SER D 139 -34.58 -18.11 -28.01
C SER D 139 -34.42 -19.13 -26.89
N LEU D 140 -33.98 -20.34 -27.24
CA LEU D 140 -33.72 -21.37 -26.23
C LEU D 140 -32.21 -21.54 -26.04
N TYR D 141 -31.72 -21.20 -24.86
CA TYR D 141 -30.32 -21.36 -24.54
C TYR D 141 -30.02 -22.81 -24.17
N ILE D 142 -28.95 -23.33 -24.77
CA ILE D 142 -28.51 -24.71 -24.60
C ILE D 142 -27.19 -24.70 -23.82
N ARG D 143 -27.17 -25.39 -22.68
CA ARG D 143 -26.01 -25.42 -21.78
C ARG D 143 -25.46 -26.84 -21.62
N PRO D 144 -24.60 -27.29 -22.55
CA PRO D 144 -23.92 -28.55 -22.32
C PRO D 144 -22.83 -28.36 -21.27
N ALA D 145 -22.79 -29.29 -20.33
CA ALA D 145 -21.87 -29.20 -19.19
C ALA D 145 -21.21 -30.55 -18.96
N PHE D 146 -19.93 -30.50 -18.57
CA PHE D 146 -19.10 -31.71 -18.52
C PHE D 146 -18.28 -31.64 -17.23
N ILE D 147 -18.58 -32.52 -16.29
CA ILE D 147 -17.95 -32.46 -14.95
C ILE D 147 -17.21 -33.75 -14.55
N GLY D 148 -16.12 -33.59 -13.80
CA GLY D 148 -15.43 -34.72 -13.20
C GLY D 148 -16.20 -35.17 -11.96
N THR D 149 -16.48 -36.46 -11.86
CA THR D 149 -17.23 -37.00 -10.71
C THR D 149 -16.41 -38.03 -9.93
N GLU D 150 -15.11 -38.05 -10.21
CA GLU D 150 -14.10 -38.80 -9.47
C GLU D 150 -14.27 -38.62 -7.94
N PRO D 151 -14.60 -39.71 -7.21
CA PRO D 151 -14.81 -39.62 -5.75
C PRO D 151 -13.54 -39.45 -4.88
N SER D 152 -12.36 -39.82 -5.39
CA SER D 152 -11.13 -39.68 -4.59
C SER D 152 -10.55 -38.27 -4.59
N LEU D 153 -9.81 -37.93 -3.55
CA LEU D 153 -9.32 -36.56 -3.33
C LEU D 153 -7.95 -36.24 -3.95
N GLY D 154 -7.27 -37.23 -4.49
CA GLY D 154 -6.02 -36.97 -5.23
C GLY D 154 -6.27 -36.13 -6.46
N VAL D 155 -5.32 -35.24 -6.78
CA VAL D 155 -5.45 -34.35 -7.93
C VAL D 155 -4.97 -35.09 -9.17
N LYS D 156 -5.90 -35.58 -9.97
CA LYS D 156 -5.59 -36.50 -11.05
C LYS D 156 -6.67 -36.48 -12.14
N LYS D 157 -6.30 -36.98 -13.32
CA LYS D 157 -7.24 -37.23 -14.39
C LYS D 157 -8.41 -38.05 -13.83
N PRO D 158 -9.66 -37.57 -14.02
CA PRO D 158 -10.82 -38.28 -13.48
C PRO D 158 -11.05 -39.65 -14.13
N THR D 159 -11.51 -40.60 -13.31
CA THR D 159 -11.85 -41.95 -13.77
C THR D 159 -13.37 -42.10 -13.80
N LYS D 160 -14.06 -41.00 -13.48
CA LYS D 160 -15.51 -40.95 -13.50
C LYS D 160 -15.93 -39.53 -13.91
N ALA D 161 -16.87 -39.45 -14.86
CA ALA D 161 -17.34 -38.15 -15.36
C ALA D 161 -18.81 -38.16 -15.74
N LEU D 162 -19.40 -36.97 -15.81
CA LEU D 162 -20.78 -36.80 -16.22
C LEU D 162 -20.86 -35.68 -17.25
N LEU D 163 -21.40 -35.99 -18.43
CA LEU D 163 -21.75 -34.96 -19.41
C LEU D 163 -23.25 -34.76 -19.31
N PHE D 164 -23.69 -33.51 -19.16
CA PHE D 164 -25.12 -33.21 -19.12
C PHE D 164 -25.48 -31.97 -19.91
N VAL D 165 -26.75 -31.85 -20.31
CA VAL D 165 -27.23 -30.69 -21.07
C VAL D 165 -28.52 -30.13 -20.50
N LEU D 166 -28.50 -28.81 -20.27
CA LEU D 166 -29.65 -28.06 -19.77
C LEU D 166 -30.22 -27.14 -20.84
N LEU D 167 -31.52 -26.88 -20.76
CA LEU D 167 -32.18 -25.92 -21.66
C LEU D 167 -32.85 -24.82 -20.85
N SER D 168 -32.75 -23.59 -21.33
CA SER D 168 -33.28 -22.44 -20.63
C SER D 168 -33.73 -21.35 -21.61
N PRO D 169 -35.03 -20.99 -21.59
CA PRO D 169 -35.49 -19.88 -22.43
C PRO D 169 -34.84 -18.55 -22.06
N VAL D 170 -34.41 -17.81 -23.06
CA VAL D 170 -33.78 -16.51 -22.84
C VAL D 170 -34.45 -15.45 -23.72
N GLY D 171 -34.48 -14.22 -23.22
CA GLY D 171 -35.14 -13.13 -23.92
C GLY D 171 -34.18 -12.14 -24.55
N PRO D 172 -34.72 -11.03 -25.08
CA PRO D 172 -33.90 -9.97 -25.67
C PRO D 172 -33.12 -9.16 -24.63
N TYR D 173 -31.94 -8.68 -25.00
CA TYR D 173 -31.18 -7.80 -24.13
C TYR D 173 -31.45 -6.33 -24.46
N PHE D 174 -31.93 -6.07 -25.67
CA PHE D 174 -32.46 -4.76 -26.02
C PHE D 174 -33.86 -4.60 -25.44
N SER D 175 -34.31 -3.34 -25.35
CA SER D 175 -35.48 -2.97 -24.57
C SER D 175 -36.08 -1.66 -25.09
N SER D 176 -37.42 -1.56 -25.07
CA SER D 176 -38.14 -0.35 -25.52
C SER D 176 -37.63 0.20 -26.88
N GLY D 177 -37.33 -0.72 -27.80
CA GLY D 177 -36.89 -0.36 -29.15
C GLY D 177 -35.38 -0.30 -29.36
N THR D 178 -34.63 -0.07 -28.28
CA THR D 178 -33.21 0.21 -28.41
C THR D 178 -32.32 -0.72 -27.59
N PHE D 179 -31.03 -0.79 -27.94
CA PHE D 179 -30.01 -1.44 -27.11
C PHE D 179 -30.00 -0.85 -25.70
N ASN D 180 -29.59 -1.68 -24.73
CA ASN D 180 -29.25 -1.20 -23.40
C ASN D 180 -27.73 -1.25 -23.19
N PRO D 181 -27.06 -0.11 -23.40
CA PRO D 181 -25.59 -0.05 -23.31
C PRO D 181 -25.06 -0.37 -21.90
N VAL D 182 -23.82 -0.84 -21.81
CA VAL D 182 -23.22 -1.14 -20.53
C VAL D 182 -22.10 -0.17 -20.18
N SER D 183 -21.94 0.08 -18.87
CA SER D 183 -20.74 0.70 -18.36
C SER D 183 -19.79 -0.39 -17.91
N LEU D 184 -18.52 -0.20 -18.23
CA LEU D 184 -17.46 -1.16 -17.89
C LEU D 184 -16.53 -0.63 -16.81
N TRP D 185 -16.14 -1.52 -15.91
CA TRP D 185 -15.20 -1.23 -14.84
C TRP D 185 -13.83 -1.79 -15.25
N ALA D 186 -12.87 -0.89 -15.44
CA ALA D 186 -11.50 -1.26 -15.83
C ALA D 186 -10.50 -0.98 -14.70
N ASN D 187 -10.15 -2.06 -13.99
CA ASN D 187 -9.14 -2.05 -12.95
C ASN D 187 -8.05 -3.05 -13.35
N PRO D 188 -6.84 -2.56 -13.69
CA PRO D 188 -5.76 -3.45 -14.15
C PRO D 188 -5.19 -4.39 -13.07
N LYS D 189 -5.68 -4.29 -11.83
CA LYS D 189 -5.25 -5.17 -10.73
C LYS D 189 -5.67 -6.63 -10.92
N TYR D 190 -6.74 -6.85 -11.71
CA TYR D 190 -7.24 -8.19 -12.01
C TYR D 190 -6.87 -8.59 -13.42
N VAL D 191 -6.62 -9.89 -13.61
CA VAL D 191 -6.33 -10.46 -14.91
C VAL D 191 -7.31 -11.60 -15.15
N ARG D 192 -7.97 -11.63 -16.30
CA ARG D 192 -8.95 -12.69 -16.60
C ARG D 192 -8.24 -14.00 -16.91
N ALA D 193 -7.15 -13.88 -17.67
CA ALA D 193 -6.44 -15.01 -18.23
C ALA D 193 -5.04 -14.54 -18.60
N TRP D 194 -4.10 -15.48 -18.67
CA TRP D 194 -2.69 -15.17 -18.96
C TRP D 194 -2.13 -16.13 -20.00
N LYS D 195 -1.05 -15.72 -20.67
CA LYS D 195 -0.30 -16.61 -21.56
C LYS D 195 0.19 -17.78 -20.73
N GLY D 196 -0.02 -18.99 -21.23
CA GLY D 196 0.28 -20.21 -20.49
C GLY D 196 -0.90 -20.75 -19.70
N GLY D 197 -1.97 -19.96 -19.64
CA GLY D 197 -3.19 -20.33 -18.91
C GLY D 197 -4.22 -21.03 -19.78
N THR D 198 -5.49 -20.92 -19.38
CA THR D 198 -6.59 -21.65 -20.01
C THR D 198 -7.71 -20.73 -20.52
N GLY D 199 -7.41 -19.45 -20.70
CA GLY D 199 -8.37 -18.45 -21.14
C GLY D 199 -9.01 -18.68 -22.51
N ASP D 200 -8.36 -19.46 -23.35
CA ASP D 200 -8.89 -19.78 -24.68
C ASP D 200 -9.79 -21.01 -24.69
N CYS D 201 -10.14 -21.48 -23.49
CA CYS D 201 -11.07 -22.60 -23.30
C CYS D 201 -12.19 -22.19 -22.37
N LYS D 202 -13.31 -22.88 -22.50
CA LYS D 202 -14.49 -22.62 -21.70
C LYS D 202 -14.53 -23.55 -20.48
N MET D 203 -13.40 -23.60 -19.77
CA MET D 203 -13.29 -24.39 -18.56
C MET D 203 -13.74 -23.53 -17.38
N GLY D 204 -14.44 -24.15 -16.43
CA GLY D 204 -15.07 -23.44 -15.32
C GLY D 204 -14.15 -22.56 -14.50
N GLY D 205 -12.91 -23.01 -14.32
CA GLY D 205 -11.89 -22.29 -13.54
C GLY D 205 -11.64 -20.85 -13.95
N ASN D 206 -11.84 -20.54 -15.23
CA ASN D 206 -11.68 -19.18 -15.76
C ASN D 206 -12.69 -18.19 -15.19
N TYR D 207 -13.83 -18.69 -14.72
CA TYR D 207 -14.96 -17.83 -14.39
C TYR D 207 -15.13 -17.58 -12.90
N GLY D 208 -14.78 -18.57 -12.07
CA GLY D 208 -14.83 -18.44 -10.61
C GLY D 208 -13.98 -17.31 -10.07
N SER D 209 -12.84 -17.09 -10.71
CA SER D 209 -11.89 -16.05 -10.32
C SER D 209 -12.28 -14.63 -10.75
N SER D 210 -13.33 -14.52 -11.57
CA SER D 210 -13.73 -13.24 -12.14
C SER D 210 -14.86 -12.57 -11.36
N LEU D 211 -15.51 -13.34 -10.49
CA LEU D 211 -16.65 -12.87 -9.71
C LEU D 211 -16.35 -11.67 -8.81
N PHE D 212 -15.16 -11.66 -8.21
CA PHE D 212 -14.74 -10.58 -7.31
C PHE D 212 -14.67 -9.25 -8.05
N ALA D 213 -14.03 -9.25 -9.21
CA ALA D 213 -13.96 -8.05 -10.05
C ALA D 213 -15.34 -7.61 -10.52
N GLN D 214 -16.22 -8.57 -10.79
CA GLN D 214 -17.60 -8.29 -11.20
C GLN D 214 -18.43 -7.63 -10.09
N CYS D 215 -18.23 -8.07 -8.85
CA CYS D 215 -18.89 -7.47 -7.69
C CYS D 215 -18.43 -6.03 -7.47
N GLU D 216 -17.12 -5.82 -7.54
CA GLU D 216 -16.53 -4.49 -7.45
C GLU D 216 -17.05 -3.59 -8.58
N ASP D 217 -17.13 -4.16 -9.78
CA ASP D 217 -17.77 -3.54 -10.94
C ASP D 217 -19.18 -3.00 -10.61
N VAL D 218 -20.03 -3.88 -10.08
CA VAL D 218 -21.41 -3.53 -9.71
C VAL D 218 -21.45 -2.48 -8.59
N ASP D 219 -20.55 -2.60 -7.61
CA ASP D 219 -20.48 -1.63 -6.50
C ASP D 219 -20.19 -0.22 -6.98
N ASN D 220 -19.60 -0.11 -8.18
CA ASN D 220 -19.28 1.17 -8.77
C ASN D 220 -20.21 1.53 -9.93
N GLY D 221 -21.37 0.88 -9.98
CA GLY D 221 -22.43 1.20 -10.95
C GLY D 221 -22.15 0.78 -12.38
N CYS D 222 -21.28 -0.20 -12.55
CA CYS D 222 -20.97 -0.76 -13.86
C CYS D 222 -21.62 -2.12 -13.97
N GLN D 223 -21.87 -2.55 -15.21
CA GLN D 223 -22.56 -3.81 -15.46
C GLN D 223 -21.58 -4.97 -15.74
N GLN D 224 -20.45 -4.65 -16.36
CA GLN D 224 -19.46 -5.66 -16.73
C GLN D 224 -18.03 -5.16 -16.48
N VAL D 225 -17.09 -6.09 -16.49
CA VAL D 225 -15.68 -5.80 -16.29
C VAL D 225 -14.99 -5.70 -17.66
N LEU D 226 -14.17 -4.66 -17.83
CA LEU D 226 -13.27 -4.59 -18.98
C LEU D 226 -11.94 -5.24 -18.56
N TRP D 227 -11.60 -6.35 -19.21
CA TRP D 227 -10.43 -7.15 -18.83
C TRP D 227 -9.15 -6.63 -19.46
N LEU D 228 -8.23 -6.18 -18.59
CA LEU D 228 -6.96 -5.59 -19.03
C LEU D 228 -5.82 -6.58 -18.82
N TYR D 229 -4.80 -6.49 -19.66
CA TYR D 229 -3.67 -7.41 -19.62
C TYR D 229 -2.36 -6.78 -20.04
N GLY D 230 -1.31 -7.10 -19.28
CA GLY D 230 0.04 -6.67 -19.59
C GLY D 230 0.33 -5.25 -19.09
N ARG D 231 1.60 -4.86 -19.22
CA ARG D 231 2.06 -3.54 -18.77
C ARG D 231 1.47 -2.44 -19.64
N ASP D 232 1.19 -2.77 -20.89
CA ASP D 232 0.56 -1.89 -21.88
C ASP D 232 -0.95 -1.68 -21.67
N HIS D 233 -1.54 -2.46 -20.77
CA HIS D 233 -2.99 -2.45 -20.51
C HIS D 233 -3.81 -2.68 -21.77
N GLN D 234 -3.56 -3.82 -22.40
CA GLN D 234 -4.31 -4.30 -23.54
C GLN D 234 -5.78 -4.49 -23.13
N ILE D 235 -6.69 -4.02 -23.95
CA ILE D 235 -8.12 -4.31 -23.74
C ILE D 235 -8.40 -5.63 -24.43
N THR D 236 -8.89 -6.61 -23.68
CA THR D 236 -8.94 -7.98 -24.17
C THR D 236 -10.36 -8.49 -24.40
N GLU D 237 -11.17 -8.48 -23.34
CA GLU D 237 -12.56 -8.97 -23.40
C GLU D 237 -13.46 -8.10 -22.52
N VAL D 238 -14.75 -8.13 -22.80
CA VAL D 238 -15.75 -7.40 -22.01
C VAL D 238 -16.63 -8.40 -21.26
N GLY D 239 -16.38 -8.56 -19.97
CA GLY D 239 -17.07 -9.55 -19.16
C GLY D 239 -16.83 -10.93 -19.76
N THR D 240 -17.92 -11.58 -20.18
CA THR D 240 -17.85 -12.89 -20.83
C THR D 240 -18.07 -12.77 -22.35
N MET D 241 -17.69 -11.63 -22.92
CA MET D 241 -17.89 -11.34 -24.34
C MET D 241 -16.58 -10.93 -25.02
N ASN D 242 -16.47 -11.21 -26.32
CA ASN D 242 -15.34 -10.71 -27.11
C ASN D 242 -15.44 -9.20 -27.37
N LEU D 243 -14.28 -8.55 -27.53
CA LEU D 243 -14.24 -7.09 -27.65
C LEU D 243 -14.06 -6.63 -29.10
N PHE D 244 -14.94 -5.75 -29.56
CA PHE D 244 -14.82 -5.11 -30.86
C PHE D 244 -14.76 -3.59 -30.75
N LEU D 245 -13.85 -2.99 -31.52
CA LEU D 245 -13.69 -1.54 -31.54
C LEU D 245 -13.81 -1.06 -32.99
N TYR D 246 -14.78 -0.21 -33.24
CA TYR D 246 -15.01 0.35 -34.57
C TYR D 246 -14.56 1.80 -34.51
N TRP D 247 -13.53 2.11 -35.28
CA TRP D 247 -12.85 3.40 -35.11
C TRP D 247 -12.11 3.83 -36.37
N ILE D 248 -11.59 5.06 -36.32
CA ILE D 248 -10.57 5.48 -37.28
C ILE D 248 -9.23 5.17 -36.63
N ASN D 249 -8.46 4.29 -37.25
CA ASN D 249 -7.18 3.85 -36.68
C ASN D 249 -6.06 4.89 -36.82
N GLU D 250 -4.84 4.51 -36.40
CA GLU D 250 -3.68 5.41 -36.40
C GLU D 250 -3.25 5.90 -37.79
N ASP D 251 -3.58 5.13 -38.82
CA ASP D 251 -3.27 5.48 -40.20
C ASP D 251 -4.38 6.32 -40.85
N GLY D 252 -5.38 6.71 -40.06
CA GLY D 252 -6.53 7.43 -40.58
C GLY D 252 -7.50 6.56 -41.37
N GLU D 253 -7.42 5.24 -41.17
CA GLU D 253 -8.30 4.29 -41.86
C GLU D 253 -9.45 3.83 -40.97
N GLU D 254 -10.65 3.81 -41.53
CA GLU D 254 -11.83 3.23 -40.91
C GLU D 254 -11.60 1.73 -40.67
N GLU D 255 -11.76 1.30 -39.42
CA GLU D 255 -11.34 -0.04 -39.03
C GLU D 255 -12.26 -0.70 -37.98
N LEU D 256 -12.59 -1.96 -38.20
CA LEU D 256 -13.16 -2.79 -37.15
C LEU D 256 -12.04 -3.65 -36.59
N ALA D 257 -11.71 -3.44 -35.33
CA ALA D 257 -10.61 -4.14 -34.67
C ALA D 257 -11.07 -5.00 -33.48
N THR D 258 -10.39 -6.13 -33.29
CA THR D 258 -10.60 -7.04 -32.16
C THR D 258 -9.26 -7.68 -31.74
N PRO D 259 -9.06 -7.94 -30.43
CA PRO D 259 -7.82 -8.61 -30.01
C PRO D 259 -7.58 -9.96 -30.68
N PRO D 260 -6.31 -10.28 -31.01
CA PRO D 260 -6.04 -11.53 -31.71
C PRO D 260 -6.10 -12.74 -30.79
N LEU D 261 -6.24 -13.92 -31.39
CA LEU D 261 -6.30 -15.17 -30.66
C LEU D 261 -4.91 -15.68 -30.27
N ASP D 262 -4.31 -14.99 -29.29
CA ASP D 262 -2.94 -15.28 -28.84
C ASP D 262 -2.88 -16.12 -27.55
N GLY D 263 -4.01 -16.70 -27.15
CA GLY D 263 -4.05 -17.56 -25.96
C GLY D 263 -4.80 -17.03 -24.75
N ILE D 264 -5.04 -15.71 -24.71
CA ILE D 264 -5.80 -15.11 -23.58
C ILE D 264 -7.24 -14.72 -23.95
N ILE D 265 -7.61 -14.98 -25.20
CA ILE D 265 -8.92 -14.62 -25.75
C ILE D 265 -9.71 -15.88 -26.01
N LEU D 266 -10.94 -15.94 -25.49
CA LEU D 266 -11.84 -17.02 -25.87
C LEU D 266 -12.26 -16.84 -27.33
N PRO D 267 -12.03 -17.87 -28.17
CA PRO D 267 -12.44 -17.82 -29.57
C PRO D 267 -13.97 -17.94 -29.74
N GLY D 268 -14.67 -16.81 -29.62
CA GLY D 268 -16.12 -16.81 -29.78
C GLY D 268 -16.61 -17.18 -31.17
N VAL D 269 -17.75 -17.88 -31.22
CA VAL D 269 -18.47 -18.14 -32.47
C VAL D 269 -19.00 -16.82 -33.05
N THR D 270 -19.60 -15.99 -32.20
CA THR D 270 -20.11 -14.68 -32.62
C THR D 270 -18.98 -13.83 -33.19
N ARG D 271 -17.87 -13.75 -32.45
CA ARG D 271 -16.63 -13.10 -32.89
C ARG D 271 -16.18 -13.54 -34.30
N ARG D 272 -16.12 -14.85 -34.56
CA ARG D 272 -15.74 -15.37 -35.88
C ARG D 272 -16.75 -15.01 -36.98
N CYS D 273 -18.04 -15.10 -36.65
CA CYS D 273 -19.12 -14.71 -37.57
C CYS D 273 -19.04 -13.25 -37.99
N ILE D 274 -18.80 -12.36 -37.01
CA ILE D 274 -18.69 -10.92 -37.23
C ILE D 274 -17.48 -10.58 -38.12
N LEU D 275 -16.34 -11.20 -37.82
CA LEU D 275 -15.14 -11.09 -38.63
C LEU D 275 -15.38 -11.54 -40.08
N ASP D 276 -16.01 -12.71 -40.25
CA ASP D 276 -16.41 -13.22 -41.56
C ASP D 276 -17.29 -12.20 -42.30
N LEU D 277 -18.37 -11.78 -41.66
CA LEU D 277 -19.28 -10.74 -42.20
C LEU D 277 -18.56 -9.49 -42.65
N ALA D 278 -17.70 -8.95 -41.79
CA ALA D 278 -17.01 -7.70 -42.04
C ALA D 278 -16.02 -7.81 -43.20
N HIS D 279 -15.30 -8.93 -43.27
CA HIS D 279 -14.42 -9.22 -44.40
C HIS D 279 -15.19 -9.24 -45.71
N GLN D 280 -16.34 -9.92 -45.71
CA GLN D 280 -17.13 -10.09 -46.94
C GLN D 280 -17.74 -8.78 -47.43
N TRP D 281 -18.19 -7.93 -46.52
CA TRP D 281 -18.73 -6.61 -46.87
C TRP D 281 -17.70 -5.77 -47.63
N GLY D 282 -16.47 -5.74 -47.13
CA GLY D 282 -15.37 -5.06 -47.80
C GLY D 282 -15.48 -3.55 -47.81
N GLU D 283 -16.06 -3.01 -46.75
CA GLU D 283 -16.31 -1.56 -46.66
C GLU D 283 -15.28 -0.83 -45.81
N PHE D 284 -14.62 -1.57 -44.93
CA PHE D 284 -13.60 -1.00 -44.05
C PHE D 284 -12.56 -2.08 -43.74
N LYS D 285 -11.49 -1.68 -43.05
CA LYS D 285 -10.43 -2.60 -42.66
C LYS D 285 -10.90 -3.44 -41.48
N VAL D 286 -10.62 -4.74 -41.54
CA VAL D 286 -10.88 -5.66 -40.45
C VAL D 286 -9.54 -6.15 -39.93
N SER D 287 -9.28 -5.89 -38.65
CA SER D 287 -7.98 -6.24 -38.05
C SER D 287 -8.13 -7.03 -36.75
N GLU D 288 -7.45 -8.18 -36.69
CA GLU D 288 -7.21 -8.86 -35.42
C GLU D 288 -5.88 -8.31 -34.90
N ARG D 289 -5.96 -7.61 -33.78
CA ARG D 289 -5.01 -6.56 -33.51
C ARG D 289 -5.02 -6.22 -32.03
N TYR D 290 -3.84 -5.94 -31.47
CA TYR D 290 -3.74 -5.47 -30.10
C TYR D 290 -4.29 -4.05 -29.97
N LEU D 291 -4.98 -3.82 -28.86
CA LEU D 291 -5.68 -2.58 -28.60
C LEU D 291 -5.44 -2.29 -27.13
N THR D 292 -4.87 -1.12 -26.83
CA THR D 292 -4.58 -0.74 -25.45
C THR D 292 -5.47 0.41 -24.99
N MET D 293 -5.48 0.67 -23.67
CA MET D 293 -6.22 1.81 -23.11
C MET D 293 -5.74 3.14 -23.67
N ASP D 294 -4.42 3.28 -23.86
CA ASP D 294 -3.84 4.50 -24.43
C ASP D 294 -4.25 4.70 -25.88
N ASP D 295 -4.27 3.62 -26.65
CA ASP D 295 -4.80 3.63 -28.02
C ASP D 295 -6.22 4.19 -28.02
N LEU D 296 -7.03 3.73 -27.06
CA LEU D 296 -8.44 4.08 -26.95
C LEU D 296 -8.63 5.55 -26.57
N THR D 297 -7.92 5.99 -25.53
CA THR D 297 -8.06 7.35 -25.01
C THR D 297 -7.48 8.40 -25.97
N THR D 298 -6.42 8.04 -26.69
CA THR D 298 -5.85 8.89 -27.72
C THR D 298 -6.86 9.06 -28.85
N ALA D 299 -7.53 7.98 -29.21
CA ALA D 299 -8.53 8.00 -30.28
C ALA D 299 -9.77 8.80 -29.90
N LEU D 300 -10.18 8.72 -28.64
CA LEU D 300 -11.35 9.45 -28.14
C LEU D 300 -11.10 10.95 -28.07
N GLU D 301 -9.86 11.29 -27.70
CA GLU D 301 -9.37 12.67 -27.62
C GLU D 301 -9.46 13.34 -28.99
N GLY D 302 -9.18 12.57 -30.04
CA GLY D 302 -9.20 13.07 -31.41
C GLY D 302 -10.44 12.68 -32.18
N ASN D 303 -11.52 12.39 -31.45
CA ASN D 303 -12.83 11.98 -32.01
C ASN D 303 -12.78 10.88 -33.08
N ARG D 304 -11.93 9.87 -32.87
CA ARG D 304 -11.72 8.82 -33.85
C ARG D 304 -12.52 7.55 -33.55
N VAL D 305 -13.07 7.46 -32.34
CA VAL D 305 -13.86 6.31 -31.93
C VAL D 305 -15.31 6.44 -32.41
N ARG D 306 -15.82 5.37 -33.01
CA ARG D 306 -17.22 5.33 -33.41
C ARG D 306 -18.07 4.49 -32.49
N GLU D 307 -17.71 3.21 -32.36
CA GLU D 307 -18.47 2.27 -31.53
C GLU D 307 -17.56 1.27 -30.84
N MET D 308 -17.95 0.89 -29.64
CA MET D 308 -17.36 -0.23 -28.95
C MET D 308 -18.47 -1.17 -28.50
N PHE D 309 -18.28 -2.46 -28.78
CA PHE D 309 -19.27 -3.46 -28.41
C PHE D 309 -18.67 -4.81 -28.08
N SER D 310 -19.39 -5.53 -27.23
CA SER D 310 -19.01 -6.87 -26.88
C SER D 310 -19.85 -7.85 -27.70
N SER D 311 -19.31 -9.04 -27.94
CA SER D 311 -20.05 -10.10 -28.62
C SER D 311 -20.05 -11.43 -27.85
N GLY D 312 -21.18 -12.13 -27.89
CA GLY D 312 -21.34 -13.40 -27.21
C GLY D 312 -22.66 -14.01 -27.59
N THR D 313 -22.84 -15.28 -27.27
CA THR D 313 -24.06 -16.01 -27.63
C THR D 313 -25.33 -15.42 -27.01
N ALA D 314 -25.26 -15.03 -25.75
CA ALA D 314 -26.43 -14.55 -25.02
C ALA D 314 -27.08 -13.29 -25.63
N CYS D 315 -26.29 -12.25 -25.89
CA CYS D 315 -26.83 -10.98 -26.41
C CYS D 315 -26.53 -10.71 -27.89
N VAL D 316 -25.79 -11.63 -28.53
CA VAL D 316 -25.12 -11.40 -29.83
C VAL D 316 -24.18 -10.18 -29.87
N VAL D 317 -24.71 -9.00 -29.55
CA VAL D 317 -23.91 -7.76 -29.55
C VAL D 317 -24.39 -6.82 -28.46
N CYS D 318 -23.43 -6.23 -27.73
CA CYS D 318 -23.74 -5.37 -26.59
C CYS D 318 -22.90 -4.07 -26.61
N PRO D 319 -23.53 -2.93 -26.95
CA PRO D 319 -22.81 -1.66 -27.03
C PRO D 319 -22.25 -1.19 -25.68
N VAL D 320 -21.10 -0.53 -25.74
CA VAL D 320 -20.45 0.02 -24.57
C VAL D 320 -20.58 1.54 -24.59
N SER D 321 -21.10 2.12 -23.52
CA SER D 321 -21.29 3.57 -23.43
C SER D 321 -20.22 4.26 -22.59
N ASP D 322 -19.70 3.59 -21.57
CA ASP D 322 -18.74 4.19 -20.62
C ASP D 322 -17.76 3.18 -20.07
N ILE D 323 -16.54 3.66 -19.79
CA ILE D 323 -15.51 2.88 -19.10
C ILE D 323 -15.02 3.65 -17.87
N LEU D 324 -15.11 3.03 -16.69
CA LEU D 324 -14.56 3.60 -15.47
C LEU D 324 -13.11 3.15 -15.34
N TYR D 325 -12.19 4.12 -15.40
CA TYR D 325 -10.76 3.83 -15.45
C TYR D 325 -9.92 4.95 -14.82
N LYS D 326 -9.10 4.56 -13.85
CA LYS D 326 -8.23 5.49 -13.09
C LYS D 326 -9.02 6.66 -12.48
N GLY D 327 -10.10 6.33 -11.79
CA GLY D 327 -10.91 7.34 -11.08
C GLY D 327 -11.81 8.19 -11.95
N GLU D 328 -11.67 8.09 -13.27
CA GLU D 328 -12.47 8.89 -14.21
C GLU D 328 -13.52 8.06 -14.96
N THR D 329 -14.55 8.76 -15.43
CA THR D 329 -15.57 8.16 -16.28
C THR D 329 -15.30 8.57 -17.73
N ILE D 330 -14.87 7.62 -18.54
CA ILE D 330 -14.60 7.86 -19.95
C ILE D 330 -15.82 7.45 -20.76
N HIS D 331 -16.42 8.42 -21.45
CA HIS D 331 -17.57 8.15 -22.31
C HIS D 331 -17.14 7.60 -23.67
N ILE D 332 -17.82 6.55 -24.12
CA ILE D 332 -17.65 6.03 -25.49
C ILE D 332 -18.89 6.41 -26.31
N PRO D 333 -18.69 7.04 -27.49
CA PRO D 333 -19.83 7.60 -28.24
C PRO D 333 -20.63 6.58 -29.06
N THR D 334 -20.61 5.31 -28.65
CA THR D 334 -21.30 4.23 -29.35
C THR D 334 -22.76 4.59 -29.70
N MET D 335 -23.52 5.03 -28.70
CA MET D 335 -24.94 5.28 -28.89
C MET D 335 -25.24 6.55 -29.69
N GLU D 336 -24.34 7.53 -29.58
CA GLU D 336 -24.41 8.76 -30.39
C GLU D 336 -24.09 8.51 -31.87
N ASN D 337 -23.41 7.40 -32.14
CA ASN D 337 -23.14 7.01 -33.52
C ASN D 337 -24.04 5.90 -34.04
N GLY D 338 -25.27 5.83 -33.50
CA GLY D 338 -26.30 4.90 -33.97
C GLY D 338 -26.92 4.03 -32.90
N PRO D 339 -26.28 2.89 -32.58
CA PRO D 339 -25.01 2.44 -33.13
C PRO D 339 -25.15 1.79 -34.51
N LYS D 340 -24.59 2.45 -35.51
CA LYS D 340 -24.66 2.03 -36.91
C LYS D 340 -24.21 0.59 -37.19
N LEU D 341 -22.99 0.24 -36.79
CA LEU D 341 -22.44 -1.08 -37.12
C LEU D 341 -23.01 -2.16 -36.21
N ALA D 342 -23.05 -1.88 -34.91
CA ALA D 342 -23.63 -2.79 -33.92
C ALA D 342 -25.06 -3.22 -34.30
N SER D 343 -25.87 -2.24 -34.73
CA SER D 343 -27.22 -2.51 -35.20
C SER D 343 -27.22 -3.35 -36.48
N ARG D 344 -26.34 -3.01 -37.41
CA ARG D 344 -26.21 -3.75 -38.67
C ARG D 344 -25.88 -5.23 -38.43
N ILE D 345 -24.93 -5.47 -37.53
CA ILE D 345 -24.51 -6.82 -37.16
C ILE D 345 -25.62 -7.60 -36.47
N LEU D 346 -26.27 -6.98 -35.47
CA LEU D 346 -27.39 -7.62 -34.77
C LEU D 346 -28.48 -8.04 -35.75
N SER D 347 -28.83 -7.13 -36.67
CA SER D 347 -29.84 -7.39 -37.69
C SER D 347 -29.46 -8.54 -38.61
N LYS D 348 -28.22 -8.53 -39.07
CA LYS D 348 -27.72 -9.54 -40.00
C LYS D 348 -27.68 -10.92 -39.31
N LEU D 349 -27.11 -10.97 -38.10
CA LEU D 349 -27.03 -12.21 -37.34
C LEU D 349 -28.40 -12.78 -36.96
N THR D 350 -29.33 -11.91 -36.54
CA THR D 350 -30.69 -12.38 -36.21
C THR D 350 -31.47 -12.80 -37.45
N ASP D 351 -31.29 -12.09 -38.58
CA ASP D 351 -31.89 -12.50 -39.85
C ASP D 351 -31.53 -13.96 -40.14
N ILE D 352 -30.24 -14.27 -40.03
CA ILE D 352 -29.74 -15.63 -40.24
C ILE D 352 -30.32 -16.62 -39.23
N GLN D 353 -30.20 -16.31 -37.93
CA GLN D 353 -30.67 -17.18 -36.84
C GLN D 353 -32.15 -17.55 -36.96
N TYR D 354 -32.97 -16.56 -37.32
CA TYR D 354 -34.42 -16.77 -37.44
C TYR D 354 -34.90 -17.15 -38.84
N GLY D 355 -33.96 -17.44 -39.75
CA GLY D 355 -34.31 -17.90 -41.08
C GLY D 355 -34.87 -16.86 -42.04
N ARG D 356 -34.61 -15.58 -41.78
CA ARG D 356 -34.96 -14.51 -42.73
C ARG D 356 -33.97 -14.52 -43.90
N GLU D 357 -32.72 -14.88 -43.63
CA GLU D 357 -31.70 -15.09 -44.65
C GLU D 357 -31.23 -16.54 -44.58
N GLU D 358 -31.19 -17.21 -45.74
CA GLU D 358 -30.65 -18.56 -45.84
C GLU D 358 -29.13 -18.49 -45.85
N SER D 359 -28.50 -19.29 -44.98
CA SER D 359 -27.04 -19.40 -44.93
C SER D 359 -26.71 -20.79 -44.40
N ASP D 360 -25.49 -21.27 -44.71
CA ASP D 360 -25.07 -22.59 -44.23
C ASP D 360 -24.72 -22.59 -42.73
N TRP D 361 -24.78 -21.41 -42.12
CA TRP D 361 -24.54 -21.23 -40.67
C TRP D 361 -25.64 -21.84 -39.80
N THR D 362 -26.82 -22.04 -40.38
CA THR D 362 -27.94 -22.62 -39.64
C THR D 362 -28.25 -24.04 -40.08
N ILE D 363 -28.78 -24.82 -39.14
CA ILE D 363 -29.21 -26.19 -39.37
C ILE D 363 -30.60 -26.33 -38.76
N VAL D 364 -31.53 -26.88 -39.55
CA VAL D 364 -32.90 -27.15 -39.10
C VAL D 364 -32.93 -28.35 -38.13
N LEU D 365 -33.70 -28.24 -37.06
CA LEU D 365 -33.84 -29.29 -36.04
C LEU D 365 -34.06 -30.70 -36.62
N SER D 366 -33.36 -31.68 -36.06
CA SER D 366 -33.51 -33.11 -36.41
C SER D 366 -34.94 -33.60 -36.29
#